data_6H4X
#
_entry.id   6H4X
#
_cell.length_a   57.825
_cell.length_b   101.401
_cell.length_c   142.545
_cell.angle_alpha   90.00
_cell.angle_beta   99.52
_cell.angle_gamma   90.00
#
_symmetry.space_group_name_H-M   'P 1 21 1'
#
loop_
_entity.id
_entity.type
_entity.pdbx_description
1 polymer 'Lysine-specific demethylase 4A'
2 non-polymer 'ZINC ION'
3 non-polymer 8-[4-[2-[4-(4-pyridin-3-ylphenyl)piperidin-1-yl]ethyl]pyrazol-1-yl]-3~{H}-pyrido[3,4-d]pyrimidin-4-one
4 non-polymer 'DIMETHYL SULFOXIDE'
5 non-polymer GLYCEROL
6 non-polymer 'CHLORIDE ION'
7 water water
#
_entity_poly.entity_id   1
_entity_poly.type   'polypeptide(L)'
_entity_poly.pdbx_seq_one_letter_code
;SMASESETLNPSARIMTFYPTMEEFRNFSRYIAYIESQGAHRAGLAKVVPPKEWKPRASYDDIDDLVIPAPIQQLVTGQS
GLFTQYNIQKKAMTVREFRKIANSDKYCTPRYSEFEELERKYWKNLTFNPPIYGADVNGTLYEKHVDEWNIGRLRTILDL
VEKESGITIEGVNTPYLYFGMWKTSFAWHTEDMDLYSINYLHFGEPKSWYSVPPEHGKRLERLAKGFFPGSAQSCEAFLR
HKMTLISPLMLKKYGIPFDKVTQEAGEFMITFPYGYHAGFNHGFNCAESTNFATRRWIEYGKQAVLCSCRKDMVKISMDV
FVRKFQPERYKLWKAGKDNTVIDHTLPTPEAAEFLKESEL
;
_entity_poly.pdbx_strand_id   A,B,C,D
#
# COMPACT_ATOMS: atom_id res chain seq x y z
N GLU A 7 -44.07 -10.61 15.08
CA GLU A 7 -44.21 -11.65 14.07
C GLU A 7 -44.14 -13.05 14.67
N THR A 8 -44.93 -13.98 14.12
CA THR A 8 -45.02 -15.39 14.55
C THR A 8 -43.84 -16.23 14.04
N LEU A 9 -42.98 -15.65 13.16
CA LEU A 9 -41.78 -16.34 12.64
C LEU A 9 -40.62 -15.96 13.55
N ASN A 10 -40.02 -16.96 14.22
CA ASN A 10 -38.92 -16.82 15.20
C ASN A 10 -39.23 -15.70 16.25
N PRO A 11 -40.34 -15.79 17.03
CA PRO A 11 -40.65 -14.73 18.02
C PRO A 11 -39.58 -14.54 19.08
N SER A 12 -38.91 -15.64 19.48
CA SER A 12 -37.82 -15.70 20.46
C SER A 12 -36.56 -14.94 19.99
N ALA A 13 -36.49 -14.66 18.68
CA ALA A 13 -35.38 -14.01 18.00
C ALA A 13 -34.04 -14.69 18.30
N ARG A 14 -34.03 -16.04 18.34
CA ARG A 14 -32.83 -16.87 18.60
C ARG A 14 -32.07 -17.12 17.32
N ILE A 15 -30.75 -17.38 17.42
CA ILE A 15 -29.88 -17.71 16.29
C ILE A 15 -30.30 -19.07 15.72
N MET A 16 -30.66 -19.06 14.42
CA MET A 16 -31.07 -20.25 13.70
C MET A 16 -29.93 -20.79 12.85
N THR A 17 -29.88 -22.13 12.70
CA THR A 17 -28.90 -22.85 11.90
C THR A 17 -29.61 -23.51 10.77
N PHE A 18 -29.02 -23.45 9.55
CA PHE A 18 -29.64 -24.03 8.36
C PHE A 18 -28.71 -25.02 7.72
N TYR A 19 -29.28 -26.13 7.22
CA TYR A 19 -28.54 -27.20 6.56
C TYR A 19 -29.08 -27.37 5.14
N PRO A 20 -28.78 -26.43 4.18
CA PRO A 20 -29.30 -26.58 2.82
C PRO A 20 -28.76 -27.81 2.09
N THR A 21 -29.57 -28.36 1.19
CA THR A 21 -29.17 -29.47 0.32
C THR A 21 -28.36 -28.83 -0.81
N MET A 22 -27.65 -29.61 -1.62
CA MET A 22 -26.89 -29.05 -2.75
C MET A 22 -27.75 -28.20 -3.69
N GLU A 23 -29.00 -28.64 -3.98
CA GLU A 23 -29.97 -27.93 -4.84
C GLU A 23 -30.37 -26.57 -4.24
N GLU A 24 -30.68 -26.55 -2.92
CA GLU A 24 -31.07 -25.35 -2.18
C GLU A 24 -29.93 -24.34 -2.09
N PHE A 25 -28.70 -24.84 -1.90
CA PHE A 25 -27.48 -24.08 -1.75
C PHE A 25 -27.06 -23.30 -3.01
N ARG A 26 -27.26 -23.87 -4.21
CA ARG A 26 -26.85 -23.25 -5.49
C ARG A 26 -27.23 -21.76 -5.68
N ASN A 27 -28.46 -21.35 -5.30
CA ASN A 27 -28.91 -19.96 -5.44
C ASN A 27 -28.80 -19.21 -4.11
N PHE A 28 -27.72 -18.39 -3.96
CA PHE A 28 -27.40 -17.61 -2.77
C PHE A 28 -28.53 -16.66 -2.33
N SER A 29 -28.93 -15.77 -3.23
CA SER A 29 -29.98 -14.77 -2.98
C SER A 29 -31.32 -15.38 -2.67
N ARG A 30 -31.66 -16.50 -3.35
CA ARG A 30 -32.90 -17.21 -3.11
C ARG A 30 -32.85 -17.81 -1.72
N TYR A 31 -31.69 -18.36 -1.31
CA TYR A 31 -31.54 -18.95 0.02
C TYR A 31 -31.61 -17.93 1.13
N ILE A 32 -31.05 -16.73 0.94
CA ILE A 32 -31.15 -15.63 1.94
C ILE A 32 -32.63 -15.24 2.11
N ALA A 33 -33.38 -15.18 0.99
CA ALA A 33 -34.82 -14.89 1.03
C ALA A 33 -35.57 -15.98 1.80
N TYR A 34 -35.17 -17.27 1.63
CA TYR A 34 -35.75 -18.40 2.34
C TYR A 34 -35.50 -18.31 3.84
N ILE A 35 -34.24 -18.06 4.26
CA ILE A 35 -33.93 -18.03 5.70
C ILE A 35 -34.68 -16.85 6.39
N GLU A 36 -34.98 -15.77 5.65
CA GLU A 36 -35.74 -14.64 6.18
C GLU A 36 -37.22 -15.01 6.37
N SER A 37 -37.78 -15.77 5.41
CA SER A 37 -39.14 -16.28 5.49
C SER A 37 -39.32 -17.09 6.79
N GLN A 38 -38.26 -17.79 7.23
CA GLN A 38 -38.18 -18.61 8.45
C GLN A 38 -37.95 -17.77 9.73
N GLY A 39 -37.66 -16.47 9.57
CA GLY A 39 -37.44 -15.51 10.64
C GLY A 39 -36.01 -15.38 11.14
N ALA A 40 -35.03 -15.92 10.40
CA ALA A 40 -33.59 -15.90 10.77
C ALA A 40 -33.03 -14.52 11.11
N HIS A 41 -33.46 -13.51 10.34
CA HIS A 41 -33.04 -12.11 10.45
C HIS A 41 -33.36 -11.46 11.80
N ARG A 42 -34.36 -12.00 12.53
CA ARG A 42 -34.75 -11.44 13.83
C ARG A 42 -33.66 -11.55 14.88
N ALA A 43 -32.80 -12.58 14.82
CA ALA A 43 -31.69 -12.78 15.74
C ALA A 43 -30.53 -11.82 15.41
N GLY A 44 -30.45 -11.41 14.13
CA GLY A 44 -29.43 -10.53 13.58
C GLY A 44 -28.24 -11.29 13.07
N LEU A 45 -28.27 -12.61 13.26
CA LEU A 45 -27.18 -13.52 12.91
C LEU A 45 -27.76 -14.90 12.66
N ALA A 46 -27.24 -15.59 11.63
CA ALA A 46 -27.66 -16.96 11.31
C ALA A 46 -26.46 -17.78 10.86
N LYS A 47 -26.51 -19.09 11.13
CA LYS A 47 -25.47 -20.03 10.73
C LYS A 47 -25.99 -20.87 9.58
N VAL A 48 -25.15 -21.06 8.55
CA VAL A 48 -25.51 -21.89 7.41
C VAL A 48 -24.41 -22.94 7.25
N VAL A 49 -24.77 -24.22 7.43
CA VAL A 49 -23.83 -25.31 7.27
C VAL A 49 -23.96 -25.81 5.82
N PRO A 50 -22.92 -25.69 4.98
CA PRO A 50 -23.06 -26.10 3.57
C PRO A 50 -23.12 -27.62 3.37
N PRO A 51 -23.60 -28.14 2.20
CA PRO A 51 -23.60 -29.60 2.00
C PRO A 51 -22.18 -30.15 2.04
N LYS A 52 -22.02 -31.37 2.60
CA LYS A 52 -20.74 -32.09 2.79
C LYS A 52 -19.88 -32.19 1.53
N GLU A 53 -20.52 -32.32 0.36
CA GLU A 53 -19.87 -32.43 -0.94
C GLU A 53 -19.21 -31.11 -1.39
N TRP A 54 -19.70 -29.95 -0.90
CA TRP A 54 -19.20 -28.63 -1.25
C TRP A 54 -17.96 -28.23 -0.47
N LYS A 55 -16.93 -27.76 -1.21
CA LYS A 55 -15.65 -27.27 -0.70
C LYS A 55 -15.19 -26.06 -1.55
N PRO A 56 -14.79 -24.91 -0.96
CA PRO A 56 -14.37 -23.77 -1.81
C PRO A 56 -12.94 -23.84 -2.38
N ARG A 57 -12.11 -24.72 -1.83
CA ARG A 57 -10.71 -24.88 -2.19
C ARG A 57 -10.33 -26.31 -1.83
N ALA A 58 -9.52 -26.97 -2.68
CA ALA A 58 -9.12 -28.37 -2.47
C ALA A 58 -8.16 -28.57 -1.31
N SER A 59 -7.26 -27.60 -1.10
CA SER A 59 -6.27 -27.63 -0.05
C SER A 59 -5.80 -26.21 0.30
N TYR A 60 -5.39 -26.00 1.55
CA TYR A 60 -4.86 -24.74 2.06
C TYR A 60 -3.35 -24.90 2.34
N ASP A 61 -2.70 -25.89 1.71
CA ASP A 61 -1.27 -26.19 1.91
C ASP A 61 -0.31 -25.26 1.16
N ASP A 62 -0.86 -24.35 0.33
CA ASP A 62 -0.10 -23.45 -0.54
C ASP A 62 -0.20 -21.96 -0.19
N ILE A 63 -0.59 -21.63 1.04
CA ILE A 63 -0.78 -20.24 1.40
C ILE A 63 0.26 -19.71 2.41
N ASP A 64 1.37 -20.43 2.63
CA ASP A 64 2.40 -20.04 3.61
C ASP A 64 3.05 -18.67 3.36
N ASP A 65 3.30 -18.35 2.08
CA ASP A 65 3.92 -17.11 1.65
C ASP A 65 2.90 -16.03 1.31
N LEU A 66 1.64 -16.24 1.68
CA LEU A 66 0.61 -15.22 1.50
C LEU A 66 0.96 -14.11 2.53
N VAL A 67 1.04 -12.86 2.06
CA VAL A 67 1.36 -11.72 2.92
C VAL A 67 0.11 -11.11 3.58
N ILE A 68 0.22 -10.88 4.89
CA ILE A 68 -0.73 -10.15 5.73
C ILE A 68 -0.06 -8.76 5.81
N PRO A 69 -0.55 -7.78 5.04
CA PRO A 69 0.16 -6.47 4.98
C PRO A 69 0.15 -5.64 6.25
N ALA A 70 -0.91 -5.79 7.07
CA ALA A 70 -1.05 -4.94 8.26
C ALA A 70 -1.54 -5.73 9.47
N PRO A 71 -0.69 -6.60 10.08
CA PRO A 71 -1.15 -7.32 11.29
C PRO A 71 -1.36 -6.29 12.40
N ILE A 72 -2.36 -6.49 13.22
CA ILE A 72 -2.62 -5.53 14.28
C ILE A 72 -2.52 -6.19 15.68
N GLN A 73 -1.66 -5.62 16.54
CA GLN A 73 -1.58 -6.08 17.92
C GLN A 73 -2.80 -5.43 18.63
N GLN A 74 -3.63 -6.25 19.27
CA GLN A 74 -4.87 -5.82 19.91
C GLN A 74 -4.66 -5.60 21.40
N LEU A 75 -4.56 -4.33 21.79
CA LEU A 75 -4.40 -3.93 23.17
C LEU A 75 -5.72 -3.55 23.74
N VAL A 76 -6.14 -4.25 24.79
CA VAL A 76 -7.43 -4.03 25.42
C VAL A 76 -7.22 -3.43 26.81
N THR A 77 -7.99 -2.38 27.09
CA THR A 77 -8.00 -1.68 28.37
C THR A 77 -9.41 -1.70 28.90
N GLY A 78 -9.55 -1.88 30.20
CA GLY A 78 -10.86 -1.88 30.84
C GLY A 78 -10.98 -2.79 32.03
N GLN A 79 -12.20 -2.84 32.57
CA GLN A 79 -12.54 -3.64 33.75
C GLN A 79 -14.05 -3.83 33.81
N SER A 80 -14.47 -4.73 34.72
CA SER A 80 -15.88 -5.03 35.02
C SER A 80 -16.77 -5.16 33.75
N GLY A 81 -16.28 -5.92 32.79
CA GLY A 81 -17.00 -6.19 31.55
C GLY A 81 -17.05 -5.12 30.47
N LEU A 82 -16.43 -3.96 30.69
CA LEU A 82 -16.38 -2.86 29.71
C LEU A 82 -14.95 -2.62 29.32
N PHE A 83 -14.67 -2.64 28.01
CA PHE A 83 -13.32 -2.51 27.49
C PHE A 83 -13.24 -1.72 26.20
N THR A 84 -12.05 -1.12 25.99
CA THR A 84 -11.70 -0.42 24.76
C THR A 84 -10.49 -1.15 24.15
N GLN A 85 -10.59 -1.45 22.87
CA GLN A 85 -9.56 -2.13 22.13
C GLN A 85 -8.83 -1.13 21.24
N TYR A 86 -7.50 -1.09 21.38
CA TYR A 86 -6.59 -0.24 20.61
C TYR A 86 -5.79 -1.11 19.69
N ASN A 87 -5.63 -0.67 18.45
CA ASN A 87 -4.86 -1.45 17.47
C ASN A 87 -3.50 -0.85 17.25
N ILE A 88 -2.48 -1.69 17.23
CA ILE A 88 -1.10 -1.25 16.98
C ILE A 88 -0.71 -1.97 15.70
N GLN A 89 -0.55 -1.24 14.59
CA GLN A 89 -0.19 -1.84 13.30
C GLN A 89 1.27 -2.27 13.33
N LYS A 90 1.50 -3.53 12.99
CA LYS A 90 2.83 -4.11 12.97
C LYS A 90 3.27 -4.25 11.50
N LYS A 91 4.56 -4.49 11.25
CA LYS A 91 5.00 -4.66 9.86
C LYS A 91 4.45 -5.97 9.27
N ALA A 92 4.33 -6.01 7.94
CA ALA A 92 3.83 -7.13 7.18
C ALA A 92 4.49 -8.44 7.56
N MET A 93 3.69 -9.52 7.57
CA MET A 93 4.17 -10.86 7.88
C MET A 93 3.47 -11.90 7.03
N THR A 94 4.05 -13.09 6.91
CA THR A 94 3.46 -14.14 6.09
C THR A 94 2.54 -15.00 6.93
N VAL A 95 1.72 -15.87 6.31
CA VAL A 95 0.86 -16.79 7.06
C VAL A 95 1.78 -17.74 7.86
N ARG A 96 2.89 -18.17 7.26
CA ARG A 96 3.87 -19.03 7.92
C ARG A 96 4.33 -18.43 9.25
N GLU A 97 4.75 -17.14 9.26
CA GLU A 97 5.25 -16.43 10.46
C GLU A 97 4.13 -16.23 11.46
N PHE A 98 2.96 -15.89 10.99
CA PHE A 98 1.78 -15.70 11.81
C PHE A 98 1.38 -17.00 12.53
N ARG A 99 1.32 -18.14 11.79
CA ARG A 99 0.99 -19.46 12.32
C ARG A 99 1.99 -19.88 13.40
N LYS A 100 3.29 -19.61 13.20
CA LYS A 100 4.36 -19.90 14.18
C LYS A 100 4.10 -19.16 15.50
N ILE A 101 3.78 -17.85 15.44
CA ILE A 101 3.42 -17.03 16.60
C ILE A 101 2.10 -17.53 17.23
N ALA A 102 1.06 -17.77 16.41
CA ALA A 102 -0.25 -18.23 16.88
C ALA A 102 -0.17 -19.54 17.66
N ASN A 103 0.69 -20.48 17.21
CA ASN A 103 0.82 -21.80 17.84
C ASN A 103 1.91 -21.86 18.89
N SER A 104 2.59 -20.74 19.16
CA SER A 104 3.67 -20.68 20.14
C SER A 104 3.11 -20.75 21.56
N ASP A 105 3.95 -21.15 22.53
CA ASP A 105 3.56 -21.29 23.94
C ASP A 105 2.99 -19.99 24.49
N LYS A 106 3.58 -18.85 24.10
CA LYS A 106 3.16 -17.51 24.49
C LYS A 106 1.71 -17.18 24.09
N TYR A 107 1.29 -17.58 22.87
CA TYR A 107 0.00 -17.21 22.32
C TYR A 107 -1.03 -18.30 22.07
N CYS A 108 -0.69 -19.57 22.23
CA CYS A 108 -1.64 -20.65 21.94
C CYS A 108 -2.87 -20.68 22.88
N THR A 109 -3.92 -21.37 22.42
CA THR A 109 -5.17 -21.56 23.13
C THR A 109 -4.91 -22.27 24.46
N PRO A 110 -5.57 -21.86 25.58
CA PRO A 110 -5.40 -22.61 26.84
C PRO A 110 -6.12 -23.96 26.78
N ARG A 111 -5.77 -24.87 27.70
CA ARG A 111 -6.44 -26.17 27.83
C ARG A 111 -7.86 -25.91 28.37
N TYR A 112 -8.87 -26.58 27.80
CA TYR A 112 -10.26 -26.39 28.22
C TYR A 112 -11.17 -27.61 27.91
N SER A 113 -12.21 -27.79 28.73
CA SER A 113 -13.18 -28.89 28.58
C SER A 113 -14.35 -28.42 27.70
N GLU A 114 -15.13 -27.43 28.21
CA GLU A 114 -16.30 -26.89 27.53
C GLU A 114 -16.08 -25.44 27.04
N PHE A 115 -16.88 -24.99 26.05
CA PHE A 115 -16.78 -23.62 25.55
C PHE A 115 -16.93 -22.60 26.68
N GLU A 116 -17.87 -22.86 27.63
CA GLU A 116 -18.13 -22.00 28.79
C GLU A 116 -16.85 -21.66 29.57
N GLU A 117 -15.92 -22.65 29.67
CA GLU A 117 -14.62 -22.54 30.32
C GLU A 117 -13.70 -21.59 29.51
N LEU A 118 -13.63 -21.79 28.18
CA LEU A 118 -12.81 -20.96 27.30
C LEU A 118 -13.35 -19.51 27.25
N GLU A 119 -14.70 -19.33 27.22
CA GLU A 119 -15.39 -18.04 27.25
C GLU A 119 -15.02 -17.28 28.54
N ARG A 120 -14.97 -17.99 29.69
CA ARG A 120 -14.57 -17.40 30.96
C ARG A 120 -13.11 -16.97 30.90
N LYS A 121 -12.23 -17.77 30.29
CA LYS A 121 -10.80 -17.47 30.18
C LYS A 121 -10.58 -16.24 29.31
N TYR A 122 -11.40 -16.10 28.28
CA TYR A 122 -11.35 -14.97 27.39
C TYR A 122 -11.72 -13.67 28.12
N TRP A 123 -12.86 -13.64 28.84
CA TRP A 123 -13.26 -12.40 29.52
C TRP A 123 -12.39 -12.07 30.74
N LYS A 124 -11.66 -13.08 31.25
CA LYS A 124 -10.78 -12.90 32.39
C LYS A 124 -9.40 -12.44 31.93
N ASN A 125 -8.97 -12.83 30.72
CA ASN A 125 -7.61 -12.53 30.26
C ASN A 125 -7.47 -11.64 29.06
N LEU A 126 -8.57 -11.07 28.53
CA LEU A 126 -8.47 -10.32 27.28
C LEU A 126 -7.57 -9.07 27.37
N THR A 127 -7.29 -8.55 28.57
CA THR A 127 -6.42 -7.37 28.71
C THR A 127 -4.94 -7.72 28.88
N PHE A 128 -4.63 -9.03 29.00
CA PHE A 128 -3.25 -9.50 29.19
C PHE A 128 -2.70 -10.07 27.92
N ASN A 129 -1.36 -10.09 27.80
CA ASN A 129 -0.63 -10.66 26.67
C ASN A 129 -1.31 -10.34 25.28
N PRO A 130 -1.31 -9.04 24.83
CA PRO A 130 -2.01 -8.69 23.58
C PRO A 130 -1.69 -9.58 22.36
N PRO A 131 -2.72 -10.17 21.72
CA PRO A 131 -2.46 -11.04 20.55
C PRO A 131 -2.33 -10.23 19.27
N ILE A 132 -1.96 -10.87 18.17
CA ILE A 132 -1.84 -10.25 16.85
C ILE A 132 -2.96 -10.82 15.96
N TYR A 133 -3.71 -9.93 15.34
CA TYR A 133 -4.80 -10.28 14.45
C TYR A 133 -4.35 -9.96 13.05
N GLY A 134 -4.34 -10.98 12.17
CA GLY A 134 -4.01 -10.80 10.76
C GLY A 134 -5.27 -10.43 10.01
N ALA A 135 -5.84 -9.29 10.35
CA ALA A 135 -7.12 -8.80 9.83
C ALA A 135 -7.07 -8.01 8.54
N ASP A 136 -8.24 -7.92 7.85
CA ASP A 136 -8.49 -7.09 6.67
C ASP A 136 -7.51 -7.33 5.51
N VAL A 137 -7.23 -8.59 5.20
CA VAL A 137 -6.31 -8.91 4.11
C VAL A 137 -7.14 -8.90 2.86
N ASN A 138 -6.84 -8.06 1.88
CA ASN A 138 -7.57 -8.08 0.61
C ASN A 138 -7.28 -9.38 -0.07
N GLY A 139 -8.32 -10.15 -0.34
CA GLY A 139 -8.14 -11.43 -1.02
C GLY A 139 -9.21 -12.45 -0.77
N THR A 140 -9.07 -13.57 -1.45
CA THR A 140 -9.96 -14.72 -1.39
C THR A 140 -9.17 -16.02 -1.36
N LEU A 141 -9.74 -17.07 -0.78
CA LEU A 141 -9.15 -18.41 -0.79
C LEU A 141 -9.98 -19.35 -1.65
N TYR A 142 -11.03 -18.79 -2.29
CA TYR A 142 -11.90 -19.53 -3.20
C TYR A 142 -11.21 -19.81 -4.53
N GLU A 143 -11.40 -21.03 -5.05
CA GLU A 143 -10.88 -21.41 -6.37
C GLU A 143 -11.78 -20.76 -7.44
N LYS A 144 -11.21 -20.40 -8.60
CA LYS A 144 -11.92 -19.69 -9.69
C LYS A 144 -13.24 -20.34 -10.13
N HIS A 145 -13.28 -21.67 -10.23
CA HIS A 145 -14.44 -22.43 -10.71
C HIS A 145 -15.64 -22.54 -9.74
N VAL A 146 -15.45 -22.19 -8.46
CA VAL A 146 -16.50 -22.28 -7.43
C VAL A 146 -17.61 -21.24 -7.67
N ASP A 147 -18.79 -21.70 -8.06
CA ASP A 147 -19.91 -20.81 -8.37
C ASP A 147 -20.93 -20.65 -7.21
N GLU A 148 -20.91 -21.57 -6.24
CA GLU A 148 -21.84 -21.54 -5.10
C GLU A 148 -21.23 -20.77 -3.93
N TRP A 149 -21.96 -19.73 -3.47
CA TRP A 149 -21.62 -18.92 -2.30
C TRP A 149 -20.21 -18.39 -2.35
N ASN A 150 -19.75 -17.99 -3.53
CA ASN A 150 -18.41 -17.45 -3.73
C ASN A 150 -18.43 -16.03 -3.22
N ILE A 151 -17.80 -15.80 -2.08
CA ILE A 151 -17.73 -14.52 -1.38
C ILE A 151 -17.14 -13.43 -2.28
N GLY A 152 -16.24 -13.80 -3.21
CA GLY A 152 -15.65 -12.89 -4.16
C GLY A 152 -16.59 -12.37 -5.24
N ARG A 153 -17.71 -13.07 -5.48
CA ARG A 153 -18.72 -12.74 -6.50
C ARG A 153 -20.13 -13.27 -6.16
N LEU A 154 -20.77 -12.70 -5.10
CA LEU A 154 -22.12 -13.15 -4.69
C LEU A 154 -23.25 -12.71 -5.63
N ARG A 155 -23.00 -11.67 -6.45
CA ARG A 155 -23.90 -11.11 -7.47
C ARG A 155 -25.25 -10.61 -6.91
N THR A 156 -25.23 -9.93 -5.73
CA THR A 156 -26.43 -9.33 -5.13
C THR A 156 -26.66 -7.91 -5.70
N ILE A 157 -27.75 -7.23 -5.29
CA ILE A 157 -28.08 -5.87 -5.74
C ILE A 157 -27.01 -4.85 -5.35
N LEU A 158 -26.11 -5.19 -4.40
CA LEU A 158 -25.03 -4.30 -3.97
C LEU A 158 -23.99 -4.03 -5.09
N ASP A 159 -23.98 -4.85 -6.15
CA ASP A 159 -23.04 -4.67 -7.26
C ASP A 159 -23.30 -3.38 -8.04
N LEU A 160 -24.52 -2.81 -7.91
CA LEU A 160 -24.96 -1.54 -8.49
C LEU A 160 -24.08 -0.36 -8.01
N VAL A 161 -23.31 -0.55 -6.92
CA VAL A 161 -22.38 0.44 -6.39
C VAL A 161 -21.22 0.66 -7.38
N GLU A 162 -20.36 -0.36 -7.59
CA GLU A 162 -19.22 -0.29 -8.51
C GLU A 162 -19.65 -0.54 -9.95
CA GLU A 170 -15.49 2.24 -2.38
C GLU A 170 -14.96 0.85 -2.70
N GLY A 171 -14.96 -0.03 -1.69
CA GLY A 171 -14.50 -1.41 -1.78
C GLY A 171 -15.08 -2.26 -0.66
N VAL A 172 -16.43 -2.31 -0.61
CA VAL A 172 -17.27 -3.05 0.36
C VAL A 172 -17.88 -4.30 -0.28
N ASN A 173 -17.70 -4.40 -1.61
CA ASN A 173 -18.10 -5.51 -2.47
C ASN A 173 -16.92 -6.49 -2.69
N THR A 174 -15.69 -6.12 -2.23
CA THR A 174 -14.51 -6.99 -2.35
C THR A 174 -14.36 -7.88 -1.09
N PRO A 175 -13.79 -9.12 -1.22
CA PRO A 175 -13.64 -9.98 -0.03
C PRO A 175 -12.37 -9.65 0.78
N TYR A 176 -12.41 -9.97 2.08
CA TYR A 176 -11.32 -9.78 3.02
C TYR A 176 -11.05 -11.05 3.75
N LEU A 177 -9.78 -11.26 4.11
CA LEU A 177 -9.32 -12.45 4.85
C LEU A 177 -8.94 -12.03 6.26
N TYR A 178 -9.15 -12.90 7.23
CA TYR A 178 -8.87 -12.67 8.63
C TYR A 178 -8.15 -13.89 9.20
N PHE A 179 -6.90 -13.72 9.58
CA PHE A 179 -6.10 -14.77 10.18
C PHE A 179 -6.12 -14.51 11.69
N GLY A 180 -6.77 -15.40 12.42
CA GLY A 180 -6.91 -15.24 13.86
C GLY A 180 -5.97 -16.08 14.70
N MET A 181 -5.88 -15.71 15.96
CA MET A 181 -5.16 -16.48 16.96
C MET A 181 -5.99 -16.39 18.22
N TRP A 182 -5.67 -17.17 19.25
CA TRP A 182 -6.40 -17.15 20.49
C TRP A 182 -6.54 -15.75 21.02
N LYS A 183 -7.76 -15.37 21.43
CA LYS A 183 -8.07 -14.12 22.11
C LYS A 183 -8.15 -12.92 21.19
N THR A 184 -8.01 -13.09 19.84
CA THR A 184 -8.20 -11.97 18.92
C THR A 184 -9.68 -11.70 18.87
N SER A 185 -10.07 -10.42 18.82
CA SER A 185 -11.52 -10.14 18.94
C SER A 185 -12.00 -9.10 17.93
N PHE A 186 -13.32 -9.10 17.73
CA PHE A 186 -14.02 -8.07 16.95
C PHE A 186 -15.00 -7.43 17.93
N ALA A 187 -14.94 -6.11 18.05
CA ALA A 187 -15.78 -5.34 18.97
C ALA A 187 -17.21 -5.19 18.45
N TRP A 188 -18.12 -4.80 19.34
CA TRP A 188 -19.53 -4.58 18.99
C TRP A 188 -19.69 -3.60 17.85
N HIS A 189 -20.42 -4.02 16.81
CA HIS A 189 -20.62 -3.20 15.61
C HIS A 189 -21.70 -3.83 14.72
N THR A 190 -22.28 -3.05 13.81
CA THR A 190 -23.13 -3.45 12.70
C THR A 190 -22.22 -3.20 11.47
N GLU A 191 -22.65 -3.66 10.31
CA GLU A 191 -21.88 -3.49 9.09
C GLU A 191 -21.92 -2.07 8.56
N ASP A 192 -20.95 -1.72 7.72
CA ASP A 192 -20.95 -0.40 7.13
C ASP A 192 -22.23 -0.23 6.30
N MET A 193 -22.91 0.94 6.47
CA MET A 193 -24.18 1.29 5.82
C MET A 193 -25.31 0.36 6.27
N ASP A 194 -25.09 -0.33 7.42
CA ASP A 194 -25.97 -1.32 8.03
C ASP A 194 -26.33 -2.42 7.00
N LEU A 195 -25.31 -2.92 6.28
CA LEU A 195 -25.45 -3.95 5.25
C LEU A 195 -25.50 -5.31 5.89
N TYR A 196 -25.68 -6.33 5.06
CA TYR A 196 -25.58 -7.71 5.50
C TYR A 196 -24.09 -8.07 5.41
N SER A 197 -23.67 -9.19 6.03
CA SER A 197 -22.33 -9.72 5.84
C SER A 197 -22.36 -11.22 5.78
N ILE A 198 -21.37 -11.79 5.11
CA ILE A 198 -21.20 -13.23 5.01
C ILE A 198 -19.79 -13.51 5.47
N ASN A 199 -19.63 -14.51 6.33
CA ASN A 199 -18.35 -14.89 6.89
C ASN A 199 -18.19 -16.40 6.78
N TYR A 200 -17.17 -16.85 6.08
CA TYR A 200 -16.87 -18.28 5.95
C TYR A 200 -15.58 -18.62 6.70
N LEU A 201 -15.61 -19.62 7.57
CA LEU A 201 -14.42 -20.04 8.28
C LEU A 201 -13.73 -21.14 7.47
N HIS A 202 -12.67 -20.78 6.74
CA HIS A 202 -11.91 -21.68 5.84
C HIS A 202 -11.31 -22.87 6.53
N PHE A 203 -10.59 -22.63 7.64
CA PHE A 203 -9.96 -23.69 8.43
C PHE A 203 -9.60 -23.19 9.81
N GLY A 204 -9.17 -24.11 10.65
CA GLY A 204 -8.65 -23.79 11.97
C GLY A 204 -9.61 -23.89 13.12
N GLU A 205 -9.25 -23.24 14.22
CA GLU A 205 -10.01 -23.24 15.46
C GLU A 205 -11.28 -22.43 15.34
N PRO A 206 -12.33 -22.73 16.15
CA PRO A 206 -13.59 -21.96 16.04
C PRO A 206 -13.51 -20.44 16.26
N LYS A 207 -14.60 -19.75 15.88
CA LYS A 207 -14.82 -18.34 16.10
C LYS A 207 -16.16 -18.22 16.86
N SER A 208 -16.16 -17.66 18.09
CA SER A 208 -17.40 -17.46 18.88
C SER A 208 -17.99 -16.09 18.61
N TRP A 209 -19.33 -16.02 18.51
CA TRP A 209 -20.07 -14.81 18.17
C TRP A 209 -21.12 -14.51 19.20
N TYR A 210 -21.40 -13.22 19.38
CA TYR A 210 -22.48 -12.70 20.21
C TYR A 210 -23.27 -11.82 19.29
N SER A 211 -24.59 -11.84 19.44
CA SER A 211 -25.45 -10.97 18.63
C SER A 211 -26.59 -10.39 19.44
N VAL A 212 -26.97 -9.16 19.10
CA VAL A 212 -28.11 -8.48 19.67
C VAL A 212 -29.13 -8.38 18.52
N PRO A 213 -30.39 -8.84 18.71
CA PRO A 213 -31.40 -8.72 17.64
C PRO A 213 -31.55 -7.27 17.13
N PRO A 214 -31.67 -7.03 15.81
CA PRO A 214 -31.89 -5.65 15.31
C PRO A 214 -32.97 -4.83 16.04
N GLU A 215 -34.04 -5.48 16.52
CA GLU A 215 -35.12 -4.79 17.24
C GLU A 215 -34.70 -4.28 18.63
N HIS A 216 -33.52 -4.72 19.13
CA HIS A 216 -32.98 -4.29 20.42
C HIS A 216 -31.66 -3.51 20.32
N GLY A 217 -31.20 -3.27 19.10
CA GLY A 217 -29.95 -2.57 18.83
C GLY A 217 -29.86 -1.18 19.43
N LYS A 218 -30.98 -0.42 19.44
CA LYS A 218 -31.03 0.94 20.01
C LYS A 218 -30.80 0.92 21.52
N ARG A 219 -31.15 -0.21 22.17
CA ARG A 219 -30.92 -0.44 23.59
C ARG A 219 -29.43 -0.66 23.84
N LEU A 220 -28.72 -1.34 22.92
CA LEU A 220 -27.28 -1.52 23.07
C LEU A 220 -26.58 -0.18 22.92
N GLU A 221 -26.97 0.60 21.90
CA GLU A 221 -26.43 1.94 21.64
C GLU A 221 -26.61 2.86 22.85
N ARG A 222 -27.81 2.83 23.49
CA ARG A 222 -28.10 3.66 24.66
C ARG A 222 -27.21 3.27 25.83
N LEU A 223 -26.97 1.95 25.98
CA LEU A 223 -26.09 1.42 27.02
C LEU A 223 -24.67 1.91 26.77
N ALA A 224 -24.17 1.70 25.53
CA ALA A 224 -22.85 2.08 25.08
C ALA A 224 -22.61 3.57 25.25
N LYS A 225 -23.63 4.43 24.94
CA LYS A 225 -23.55 5.89 25.09
C LYS A 225 -23.42 6.27 26.54
N GLY A 226 -24.16 5.59 27.42
CA GLY A 226 -24.09 5.81 28.85
C GLY A 226 -22.73 5.49 29.43
N PHE A 227 -22.07 4.41 28.95
CA PHE A 227 -20.76 3.96 29.42
C PHE A 227 -19.58 4.73 28.87
N PHE A 228 -19.65 5.21 27.62
CA PHE A 228 -18.57 5.95 26.97
C PHE A 228 -19.12 7.30 26.48
N PRO A 229 -19.50 8.22 27.43
CA PRO A 229 -20.13 9.50 27.01
C PRO A 229 -19.23 10.50 26.28
N GLY A 230 -17.91 10.38 26.50
CA GLY A 230 -16.92 11.20 25.82
C GLY A 230 -16.87 10.84 24.36
N SER A 231 -16.81 9.52 24.06
CA SER A 231 -16.81 8.93 22.71
C SER A 231 -18.09 9.30 21.94
N ALA A 232 -19.27 9.27 22.62
CA ALA A 232 -20.59 9.60 22.06
C ALA A 232 -20.69 11.07 21.65
N GLN A 233 -20.09 11.96 22.47
CA GLN A 233 -20.09 13.40 22.20
C GLN A 233 -19.25 13.71 20.96
N SER A 234 -18.10 13.03 20.81
CA SER A 234 -17.18 13.20 19.70
C SER A 234 -17.68 12.65 18.37
N CYS A 235 -18.47 11.56 18.42
CA CYS A 235 -19.02 10.88 17.25
C CYS A 235 -20.34 10.20 17.62
N GLU A 236 -21.42 10.46 16.84
CA GLU A 236 -22.74 9.86 17.10
C GLU A 236 -22.68 8.33 16.95
N ALA A 237 -21.99 7.86 15.91
CA ALA A 237 -21.82 6.45 15.59
C ALA A 237 -20.44 5.91 16.09
N PHE A 238 -20.10 6.11 17.40
CA PHE A 238 -18.79 5.67 17.91
C PHE A 238 -18.59 4.11 17.86
N LEU A 239 -19.67 3.31 17.97
CA LEU A 239 -19.58 1.85 17.87
C LEU A 239 -18.99 1.38 16.50
N ARG A 240 -19.06 2.25 15.44
CA ARG A 240 -18.52 1.99 14.09
C ARG A 240 -16.97 2.00 14.08
N HIS A 241 -16.32 2.58 15.12
CA HIS A 241 -14.86 2.58 15.29
C HIS A 241 -14.40 1.16 15.62
N LYS A 242 -15.30 0.26 16.03
CA LYS A 242 -15.06 -1.16 16.34
C LYS A 242 -13.98 -1.31 17.43
N MET A 243 -14.12 -0.57 18.52
CA MET A 243 -13.20 -0.57 19.63
C MET A 243 -13.87 -0.96 20.97
N THR A 244 -15.21 -1.04 20.95
CA THR A 244 -15.98 -1.26 22.20
C THR A 244 -16.29 -2.74 22.41
N LEU A 245 -15.82 -3.28 23.54
CA LEU A 245 -16.06 -4.68 23.94
C LEU A 245 -16.92 -4.64 25.20
N ILE A 246 -18.07 -5.31 25.16
CA ILE A 246 -18.97 -5.40 26.35
C ILE A 246 -19.20 -6.89 26.60
N SER A 247 -18.93 -7.36 27.82
CA SER A 247 -19.09 -8.79 28.12
C SER A 247 -20.56 -9.24 28.18
N PRO A 248 -20.87 -10.54 27.89
CA PRO A 248 -22.27 -11.00 28.02
C PRO A 248 -22.90 -10.72 29.40
N LEU A 249 -22.11 -10.80 30.51
CA LEU A 249 -22.59 -10.52 31.87
C LEU A 249 -23.07 -9.08 32.02
N MET A 250 -22.37 -8.12 31.41
CA MET A 250 -22.71 -6.70 31.43
C MET A 250 -24.03 -6.47 30.67
N LEU A 251 -24.21 -7.20 29.54
CA LEU A 251 -25.43 -7.17 28.73
C LEU A 251 -26.61 -7.69 29.53
N LYS A 252 -26.40 -8.81 30.22
CA LYS A 252 -27.41 -9.49 31.04
C LYS A 252 -27.81 -8.60 32.20
N LYS A 253 -26.83 -7.94 32.84
CA LYS A 253 -27.02 -7.01 33.97
C LYS A 253 -27.95 -5.84 33.58
N TYR A 254 -27.82 -5.32 32.37
CA TYR A 254 -28.61 -4.19 31.91
C TYR A 254 -29.77 -4.57 31.01
N GLY A 255 -30.20 -5.84 31.05
CA GLY A 255 -31.33 -6.35 30.29
C GLY A 255 -31.25 -6.24 28.78
N ILE A 256 -30.05 -6.29 28.19
CA ILE A 256 -29.92 -6.28 26.74
C ILE A 256 -30.09 -7.74 26.25
N PRO A 257 -31.14 -8.08 25.44
CA PRO A 257 -31.26 -9.46 24.96
C PRO A 257 -30.18 -9.75 23.96
N PHE A 258 -29.56 -10.91 24.06
CA PHE A 258 -28.49 -11.32 23.14
C PHE A 258 -28.49 -12.81 23.02
N ASP A 259 -27.77 -13.33 22.04
CA ASP A 259 -27.57 -14.74 21.88
C ASP A 259 -26.12 -14.99 21.50
N LYS A 260 -25.68 -16.22 21.68
CA LYS A 260 -24.34 -16.62 21.32
C LYS A 260 -24.34 -17.93 20.52
N VAL A 261 -23.31 -18.06 19.68
CA VAL A 261 -23.12 -19.20 18.80
C VAL A 261 -21.62 -19.33 18.50
N THR A 262 -21.15 -20.58 18.31
CA THR A 262 -19.78 -20.88 17.92
C THR A 262 -19.78 -21.35 16.47
N GLN A 263 -18.96 -20.70 15.65
CA GLN A 263 -18.77 -21.05 14.25
C GLN A 263 -17.53 -21.97 14.13
N GLU A 264 -17.70 -23.11 13.49
CA GLU A 264 -16.59 -24.04 13.33
C GLU A 264 -16.14 -24.05 11.88
N ALA A 265 -14.93 -24.57 11.63
CA ALA A 265 -14.36 -24.59 10.29
C ALA A 265 -15.33 -25.25 9.31
N GLY A 266 -15.53 -24.58 8.18
CA GLY A 266 -16.43 -25.05 7.12
C GLY A 266 -17.86 -24.54 7.22
N GLU A 267 -18.14 -23.59 8.15
CA GLU A 267 -19.48 -23.04 8.31
C GLU A 267 -19.52 -21.56 7.97
N PHE A 268 -20.70 -21.09 7.51
CA PHE A 268 -20.97 -19.70 7.16
C PHE A 268 -21.77 -19.02 8.27
N MET A 269 -21.51 -17.74 8.51
CA MET A 269 -22.31 -16.90 9.39
C MET A 269 -22.84 -15.78 8.53
N ILE A 270 -24.13 -15.46 8.66
CA ILE A 270 -24.77 -14.33 7.96
C ILE A 270 -25.17 -13.33 9.02
N THR A 271 -24.80 -12.06 8.84
CA THR A 271 -25.23 -10.96 9.72
C THR A 271 -26.24 -10.17 8.87
N PHE A 272 -27.30 -9.71 9.53
CA PHE A 272 -28.42 -9.02 8.93
C PHE A 272 -28.37 -7.52 9.18
N PRO A 273 -29.00 -6.68 8.31
CA PRO A 273 -28.99 -5.23 8.55
C PRO A 273 -29.33 -4.86 9.97
N TYR A 274 -28.46 -4.04 10.59
CA TYR A 274 -28.58 -3.48 11.92
C TYR A 274 -28.46 -4.55 13.02
N GLY A 275 -27.84 -5.67 12.69
CA GLY A 275 -27.57 -6.72 13.67
C GLY A 275 -26.20 -6.49 14.29
N TYR A 276 -26.16 -6.07 15.58
CA TYR A 276 -24.91 -5.86 16.30
C TYR A 276 -24.28 -7.17 16.65
N HIS A 277 -22.98 -7.33 16.36
CA HIS A 277 -22.26 -8.56 16.69
C HIS A 277 -20.86 -8.24 17.20
N ALA A 278 -20.28 -9.20 17.93
CA ALA A 278 -18.96 -9.16 18.55
C ALA A 278 -18.56 -10.60 18.72
N GLY A 279 -17.31 -10.84 19.04
CA GLY A 279 -16.84 -12.20 19.26
C GLY A 279 -15.33 -12.32 19.30
N PHE A 280 -14.84 -13.57 19.34
CA PHE A 280 -13.43 -13.85 19.43
C PHE A 280 -13.07 -15.18 18.79
N ASN A 281 -11.76 -15.31 18.47
CA ASN A 281 -11.18 -16.51 17.90
C ASN A 281 -10.65 -17.42 18.96
N HIS A 282 -10.91 -18.74 18.81
CA HIS A 282 -10.43 -19.75 19.76
C HIS A 282 -8.96 -20.06 19.55
N GLY A 283 -8.46 -19.86 18.35
CA GLY A 283 -7.06 -20.17 18.08
C GLY A 283 -6.74 -19.83 16.65
N PHE A 284 -5.67 -20.44 16.11
CA PHE A 284 -5.25 -20.19 14.74
C PHE A 284 -6.32 -20.60 13.75
N ASN A 285 -6.77 -19.63 12.95
CA ASN A 285 -7.80 -19.88 11.95
C ASN A 285 -7.77 -18.87 10.80
N CYS A 286 -8.62 -19.09 9.79
CA CYS A 286 -8.75 -18.19 8.67
C CYS A 286 -10.20 -18.09 8.22
N ALA A 287 -10.75 -16.86 8.20
CA ALA A 287 -12.12 -16.52 7.76
C ALA A 287 -12.11 -15.60 6.57
N GLU A 288 -13.12 -15.69 5.72
CA GLU A 288 -13.32 -14.81 4.56
C GLU A 288 -14.66 -14.09 4.73
N SER A 289 -14.66 -12.80 4.48
CA SER A 289 -15.82 -11.93 4.69
C SER A 289 -16.04 -10.93 3.54
N THR A 290 -17.31 -10.54 3.33
CA THR A 290 -17.77 -9.48 2.45
C THR A 290 -19.14 -9.02 2.88
N ASN A 291 -19.60 -7.91 2.30
CA ASN A 291 -20.92 -7.39 2.57
C ASN A 291 -21.75 -7.71 1.36
N PHE A 292 -23.07 -7.74 1.55
CA PHE A 292 -24.00 -7.94 0.46
C PHE A 292 -25.32 -7.26 0.82
N ALA A 293 -26.27 -7.22 -0.13
CA ALA A 293 -27.55 -6.57 0.10
C ALA A 293 -28.70 -7.36 -0.53
N THR A 294 -29.92 -7.01 -0.12
CA THR A 294 -31.18 -7.52 -0.64
C THR A 294 -32.02 -6.25 -0.74
N ARG A 295 -33.20 -6.33 -1.36
CA ARG A 295 -34.14 -5.21 -1.47
C ARG A 295 -34.49 -4.59 -0.10
N ARG A 296 -34.57 -5.43 0.94
CA ARG A 296 -34.86 -5.05 2.32
C ARG A 296 -33.85 -4.07 2.89
N TRP A 297 -32.57 -4.23 2.52
CA TRP A 297 -31.49 -3.39 3.01
C TRP A 297 -31.67 -1.90 2.67
N ILE A 298 -32.14 -1.58 1.45
CA ILE A 298 -32.29 -0.22 0.92
C ILE A 298 -32.76 0.81 1.99
N GLU A 299 -33.84 0.50 2.74
CA GLU A 299 -34.34 1.37 3.80
C GLU A 299 -33.34 1.60 4.91
N TYR A 300 -32.60 0.53 5.31
CA TYR A 300 -31.52 0.56 6.30
C TYR A 300 -30.39 1.45 5.83
N GLY A 301 -30.02 1.33 4.56
CA GLY A 301 -28.98 2.14 3.93
C GLY A 301 -29.30 3.62 3.97
N LYS A 302 -30.58 3.98 3.70
CA LYS A 302 -31.12 5.35 3.72
C LYS A 302 -31.14 5.93 5.14
N GLN A 303 -31.38 5.09 6.15
CA GLN A 303 -31.53 5.54 7.54
C GLN A 303 -30.29 5.36 8.43
N ALA A 304 -29.22 4.74 7.90
CA ALA A 304 -28.00 4.48 8.69
C ALA A 304 -27.33 5.74 9.26
N VAL A 305 -27.00 5.67 10.57
CA VAL A 305 -26.28 6.72 11.28
C VAL A 305 -24.80 6.38 11.06
N LEU A 306 -24.05 7.30 10.45
CA LEU A 306 -22.65 7.08 10.06
C LEU A 306 -21.65 7.81 10.92
N CYS A 307 -20.39 7.29 10.96
CA CYS A 307 -19.28 7.89 11.70
C CYS A 307 -19.02 9.29 11.18
N SER A 308 -19.17 10.29 12.05
CA SER A 308 -19.00 11.72 11.77
C SER A 308 -17.58 12.28 12.03
N CYS A 309 -16.69 11.50 12.64
CA CYS A 309 -15.36 11.99 13.02
C CYS A 309 -14.19 11.52 12.10
N ARG A 310 -14.42 10.56 11.20
CA ARG A 310 -13.36 10.05 10.31
N MET A 313 -14.32 7.05 6.43
CA MET A 313 -15.31 6.01 6.73
C MET A 313 -16.12 5.61 5.49
N VAL A 314 -16.62 4.35 5.45
CA VAL A 314 -17.38 3.80 4.31
C VAL A 314 -18.80 4.39 4.20
N LYS A 315 -19.06 5.13 3.11
CA LYS A 315 -20.33 5.77 2.81
C LYS A 315 -20.74 5.41 1.38
N ILE A 316 -21.98 4.98 1.19
CA ILE A 316 -22.53 4.64 -0.13
C ILE A 316 -23.64 5.65 -0.43
N SER A 317 -23.68 6.18 -1.67
CA SER A 317 -24.76 7.09 -2.07
C SER A 317 -25.98 6.19 -2.37
N MET A 318 -27.10 6.42 -1.66
CA MET A 318 -28.30 5.61 -1.81
C MET A 318 -29.11 5.89 -3.08
N ASP A 319 -28.92 7.09 -3.69
CA ASP A 319 -29.61 7.56 -4.89
C ASP A 319 -29.92 6.47 -5.92
N VAL A 320 -28.87 5.77 -6.41
CA VAL A 320 -28.92 4.64 -7.36
C VAL A 320 -29.95 3.56 -6.94
N PHE A 321 -30.00 3.24 -5.64
CA PHE A 321 -30.90 2.21 -5.10
C PHE A 321 -32.35 2.67 -5.00
N VAL A 322 -32.56 3.94 -4.58
CA VAL A 322 -33.90 4.55 -4.49
C VAL A 322 -34.48 4.72 -5.91
N ARG A 323 -33.65 5.17 -6.89
CA ARG A 323 -34.12 5.35 -8.29
C ARG A 323 -34.62 4.02 -8.91
N LYS A 324 -33.85 2.93 -8.72
CA LYS A 324 -34.13 1.61 -9.27
C LYS A 324 -35.22 0.81 -8.55
N PHE A 325 -35.21 0.80 -7.19
CA PHE A 325 -36.12 -0.04 -6.41
C PHE A 325 -37.27 0.67 -5.70
N GLN A 326 -37.17 2.00 -5.55
CA GLN A 326 -38.23 2.82 -4.94
C GLN A 326 -38.47 4.05 -5.82
N PRO A 327 -38.73 3.90 -7.17
CA PRO A 327 -38.89 5.10 -8.01
C PRO A 327 -39.97 6.07 -7.55
N GLU A 328 -41.07 5.51 -7.00
CA GLU A 328 -42.23 6.24 -6.46
C GLU A 328 -41.88 7.15 -5.27
N ARG A 329 -40.85 6.76 -4.47
CA ARG A 329 -40.43 7.49 -3.27
C ARG A 329 -39.22 8.41 -3.49
N TYR A 330 -38.62 8.38 -4.70
CA TYR A 330 -37.42 9.17 -5.03
C TYR A 330 -37.54 10.68 -4.74
N LYS A 331 -38.61 11.34 -5.25
CA LYS A 331 -38.83 12.78 -5.07
C LYS A 331 -39.03 13.11 -3.60
N LEU A 332 -39.88 12.33 -2.91
CA LEU A 332 -40.20 12.48 -1.49
C LEU A 332 -38.94 12.37 -0.61
N TRP A 333 -38.07 11.37 -0.89
CA TRP A 333 -36.83 11.12 -0.14
C TRP A 333 -35.78 12.21 -0.36
N LYS A 334 -35.59 12.67 -1.60
CA LYS A 334 -34.61 13.73 -1.91
C LYS A 334 -35.03 15.09 -1.31
N ALA A 335 -36.35 15.29 -1.11
CA ALA A 335 -36.95 16.48 -0.50
C ALA A 335 -36.92 16.42 1.05
N GLY A 336 -36.55 15.25 1.59
CA GLY A 336 -36.47 14.99 3.03
C GLY A 336 -37.81 14.68 3.67
N LYS A 337 -38.82 14.32 2.85
CA LYS A 337 -40.17 14.00 3.31
C LYS A 337 -40.46 12.48 3.50
N ASP A 338 -39.49 11.57 3.21
CA ASP A 338 -39.73 10.12 3.38
C ASP A 338 -39.50 9.67 4.83
N ASN A 339 -40.58 9.63 5.61
CA ASN A 339 -40.57 9.30 7.04
C ASN A 339 -40.88 7.82 7.35
N THR A 340 -40.45 6.91 6.45
CA THR A 340 -40.60 5.46 6.58
C THR A 340 -39.98 4.98 7.91
N VAL A 341 -40.74 4.16 8.64
CA VAL A 341 -40.27 3.55 9.88
C VAL A 341 -39.99 2.09 9.58
N ILE A 342 -38.75 1.65 9.84
CA ILE A 342 -38.33 0.27 9.60
C ILE A 342 -38.93 -0.70 10.60
N ASP A 343 -39.62 -1.74 10.09
CA ASP A 343 -40.11 -2.86 10.91
C ASP A 343 -39.02 -3.96 10.76
N HIS A 344 -38.26 -4.21 11.84
CA HIS A 344 -37.18 -5.18 11.83
C HIS A 344 -37.62 -6.64 11.70
N THR A 345 -38.91 -6.91 11.94
CA THR A 345 -39.42 -8.30 11.91
C THR A 345 -39.84 -8.75 10.50
N LEU A 346 -40.07 -7.81 9.58
CA LEU A 346 -40.48 -8.10 8.22
C LEU A 346 -39.37 -8.73 7.36
N PRO A 347 -39.71 -9.83 6.63
CA PRO A 347 -38.71 -10.45 5.73
C PRO A 347 -38.51 -9.62 4.47
N THR A 348 -37.47 -9.97 3.71
CA THR A 348 -37.14 -9.30 2.46
C THR A 348 -38.29 -9.56 1.41
N PRO A 349 -38.68 -8.60 0.54
CA PRO A 349 -39.75 -8.89 -0.42
C PRO A 349 -39.55 -10.14 -1.30
N GLU A 350 -38.28 -10.52 -1.57
CA GLU A 350 -37.90 -11.71 -2.35
C GLU A 350 -38.33 -13.03 -1.67
N ALA A 351 -38.69 -12.95 -0.40
CA ALA A 351 -39.11 -14.10 0.37
C ALA A 351 -40.55 -14.52 0.06
N ALA A 352 -41.35 -13.64 -0.59
CA ALA A 352 -42.77 -13.84 -0.96
C ALA A 352 -43.12 -15.23 -1.47
N GLU A 353 -42.25 -15.84 -2.31
CA GLU A 353 -42.41 -17.18 -2.88
C GLU A 353 -42.45 -18.31 -1.83
N PHE A 354 -41.87 -18.04 -0.64
CA PHE A 354 -41.80 -18.97 0.51
C PHE A 354 -42.89 -18.67 1.56
N LEU A 355 -43.65 -17.57 1.38
CA LEU A 355 -44.70 -17.14 2.30
C LEU A 355 -46.07 -17.27 1.67
N THR B 8 10.87 9.74 -25.13
CA THR B 8 9.84 10.78 -25.31
C THR B 8 10.22 12.04 -24.51
N LEU B 9 10.28 11.92 -23.17
CA LEU B 9 10.73 12.97 -22.24
C LEU B 9 12.25 12.75 -22.11
N ASN B 10 13.06 13.80 -22.42
CA ASN B 10 14.53 13.79 -22.47
C ASN B 10 15.03 12.60 -23.34
N PRO B 11 14.65 12.58 -24.65
CA PRO B 11 15.02 11.42 -25.50
C PRO B 11 16.52 11.25 -25.74
N SER B 12 17.27 12.33 -25.53
CA SER B 12 18.71 12.42 -25.64
C SER B 12 19.44 11.86 -24.43
N ALA B 13 18.81 11.78 -23.22
CA ALA B 13 19.46 11.28 -22.02
C ALA B 13 20.60 12.24 -21.59
N ARG B 14 20.38 13.55 -21.78
CA ARG B 14 21.38 14.55 -21.36
C ARG B 14 21.13 14.96 -19.93
N ILE B 15 22.21 15.34 -19.23
CA ILE B 15 22.18 15.82 -17.86
C ILE B 15 21.36 17.12 -17.82
N MET B 16 20.27 17.08 -17.04
CA MET B 16 19.36 18.20 -16.84
C MET B 16 19.68 18.92 -15.52
N THR B 17 19.46 20.25 -15.50
CA THR B 17 19.68 21.10 -14.35
C THR B 17 18.35 21.69 -13.96
N PHE B 18 18.06 21.72 -12.65
CA PHE B 18 16.80 22.24 -12.14
C PHE B 18 17.02 23.36 -11.18
N TYR B 19 16.17 24.38 -11.26
CA TYR B 19 16.21 25.55 -10.38
C TYR B 19 14.89 25.68 -9.60
N PRO B 20 14.64 24.81 -8.59
CA PRO B 20 13.38 24.93 -7.82
C PRO B 20 13.23 26.23 -7.06
N THR B 21 11.98 26.71 -6.90
CA THR B 21 11.65 27.85 -6.07
C THR B 21 11.64 27.32 -4.63
N MET B 22 11.60 28.21 -3.62
CA MET B 22 11.56 27.79 -2.20
C MET B 22 10.38 26.83 -1.91
N GLU B 23 9.18 27.11 -2.49
CA GLU B 23 7.97 26.28 -2.35
C GLU B 23 8.19 24.87 -2.95
N GLU B 24 8.73 24.82 -4.17
CA GLU B 24 9.01 23.56 -4.89
C GLU B 24 10.07 22.70 -4.15
N PHE B 25 11.13 23.36 -3.63
CA PHE B 25 12.25 22.77 -2.92
C PHE B 25 11.89 22.08 -1.61
N ARG B 26 10.93 22.61 -0.83
CA ARG B 26 10.53 22.10 0.48
C ARG B 26 10.28 20.58 0.55
N ASN B 27 9.56 20.00 -0.45
CA ASN B 27 9.28 18.56 -0.45
C ASN B 27 10.27 17.79 -1.34
N PHE B 28 11.27 17.14 -0.68
CA PHE B 28 12.35 16.40 -1.33
C PHE B 28 11.83 15.31 -2.26
N SER B 29 11.07 14.34 -1.72
CA SER B 29 10.53 13.19 -2.46
C SER B 29 9.62 13.60 -3.60
N ARG B 30 8.80 14.66 -3.37
CA ARG B 30 7.90 15.20 -4.40
C ARG B 30 8.75 15.78 -5.51
N TYR B 31 9.87 16.47 -5.17
CA TYR B 31 10.74 17.08 -6.19
C TYR B 31 11.47 16.06 -7.01
N ILE B 32 11.92 14.92 -6.40
CA ILE B 32 12.54 13.81 -7.14
C ILE B 32 11.54 13.24 -8.15
N ALA B 33 10.27 13.06 -7.73
CA ALA B 33 9.19 12.57 -8.58
C ALA B 33 8.96 13.55 -9.76
N TYR B 34 9.04 14.88 -9.49
CA TYR B 34 8.89 15.90 -10.52
C TYR B 34 10.01 15.83 -11.56
N ILE B 35 11.29 15.78 -11.12
CA ILE B 35 12.41 15.75 -12.05
C ILE B 35 12.36 14.47 -12.93
N GLU B 36 11.90 13.30 -12.40
CA GLU B 36 11.74 12.07 -13.18
C GLU B 36 10.62 12.24 -14.24
N SER B 37 9.54 12.98 -13.90
CA SER B 37 8.45 13.27 -14.84
C SER B 37 8.94 14.07 -16.07
N GLN B 38 10.03 14.84 -15.90
CA GLN B 38 10.74 15.67 -16.88
C GLN B 38 11.81 14.92 -17.69
N GLY B 39 12.13 13.69 -17.28
CA GLY B 39 13.09 12.79 -17.92
C GLY B 39 14.51 12.81 -17.41
N ALA B 40 14.76 13.49 -16.28
CA ALA B 40 16.10 13.61 -15.68
C ALA B 40 16.79 12.28 -15.46
N HIS B 41 16.04 11.28 -14.97
CA HIS B 41 16.55 9.95 -14.67
C HIS B 41 17.23 9.24 -15.85
N ARG B 42 16.89 9.60 -17.09
CA ARG B 42 17.43 8.97 -18.30
C ARG B 42 18.94 9.18 -18.48
N ALA B 43 19.47 10.34 -18.03
CA ALA B 43 20.89 10.68 -18.09
C ALA B 43 21.66 9.90 -17.05
N GLY B 44 21.00 9.55 -15.95
CA GLY B 44 21.55 8.83 -14.82
C GLY B 44 22.09 9.75 -13.75
N LEU B 45 22.10 11.06 -14.06
CA LEU B 45 22.63 12.08 -13.20
C LEU B 45 21.88 13.40 -13.49
N ALA B 46 21.59 14.19 -12.43
CA ALA B 46 20.91 15.47 -12.57
C ALA B 46 21.49 16.48 -11.59
N LYS B 47 21.44 17.75 -11.94
CA LYS B 47 21.92 18.82 -11.07
C LYS B 47 20.70 19.58 -10.55
N VAL B 48 20.69 19.89 -9.25
CA VAL B 48 19.62 20.69 -8.68
C VAL B 48 20.29 21.90 -7.98
N VAL B 49 19.99 23.12 -8.46
CA VAL B 49 20.52 24.33 -7.88
C VAL B 49 19.47 24.82 -6.87
N PRO B 50 19.77 24.84 -5.54
CA PRO B 50 18.73 25.25 -4.57
C PRO B 50 18.43 26.74 -4.60
N PRO B 51 17.28 27.21 -4.05
CA PRO B 51 17.02 28.67 -3.99
C PRO B 51 18.12 29.44 -3.21
N LYS B 52 18.50 30.64 -3.70
CA LYS B 52 19.56 31.49 -3.11
C LYS B 52 19.41 31.75 -1.62
N GLU B 53 18.16 31.81 -1.14
CA GLU B 53 17.82 32.04 0.26
C GLU B 53 18.16 30.85 1.16
N TRP B 54 18.20 29.61 0.59
CA TRP B 54 18.50 28.38 1.33
C TRP B 54 19.99 28.15 1.53
N LYS B 55 20.38 27.81 2.77
CA LYS B 55 21.74 27.52 3.24
C LYS B 55 21.70 26.38 4.27
N PRO B 56 22.45 25.27 4.10
CA PRO B 56 22.40 24.21 5.13
C PRO B 56 23.15 24.54 6.45
N ARG B 57 24.01 25.57 6.43
CA ARG B 57 24.88 25.98 7.54
C ARG B 57 25.21 27.48 7.37
N ALA B 58 25.30 28.23 8.47
CA ALA B 58 25.55 29.68 8.42
C ALA B 58 26.94 30.03 7.93
N SER B 59 27.95 29.24 8.32
CA SER B 59 29.35 29.44 7.95
C SER B 59 30.11 28.12 8.14
N TYR B 60 31.24 27.96 7.43
CA TYR B 60 32.08 26.77 7.56
C TYR B 60 33.41 27.10 8.28
N ASP B 61 33.45 28.21 9.02
CA ASP B 61 34.63 28.66 9.74
C ASP B 61 34.95 27.88 11.04
N ASP B 62 34.06 26.97 11.44
CA ASP B 62 34.12 26.23 12.71
C ASP B 62 34.35 24.71 12.57
N ILE B 63 34.83 24.25 11.41
CA ILE B 63 35.02 22.80 11.20
C ILE B 63 36.50 22.36 11.15
N ASP B 64 37.45 23.22 11.51
CA ASP B 64 38.89 22.92 11.44
C ASP B 64 39.34 21.72 12.29
N ASP B 65 38.67 21.49 13.44
CA ASP B 65 38.97 20.42 14.40
C ASP B 65 38.22 19.13 14.12
N LEU B 66 37.42 19.12 13.04
CA LEU B 66 36.69 17.94 12.59
C LEU B 66 37.75 16.90 12.13
N VAL B 67 37.64 15.66 12.60
CA VAL B 67 38.59 14.59 12.30
C VAL B 67 38.14 13.74 11.10
N ILE B 68 39.10 13.52 10.18
CA ILE B 68 39.04 12.60 9.05
C ILE B 68 39.77 11.36 9.62
N PRO B 69 39.03 10.30 10.03
CA PRO B 69 39.68 9.14 10.65
C PRO B 69 40.57 8.29 9.75
N ALA B 70 40.21 8.16 8.48
CA ALA B 70 40.95 7.31 7.56
C ALA B 70 41.21 7.98 6.20
N PRO B 71 42.15 8.95 6.11
CA PRO B 71 42.44 9.57 4.80
C PRO B 71 43.07 8.52 3.90
N ILE B 72 42.77 8.56 2.60
CA ILE B 72 43.31 7.56 1.69
C ILE B 72 44.20 8.23 0.66
N GLN B 73 45.41 7.70 0.48
CA GLN B 73 46.30 8.15 -0.59
C GLN B 73 45.86 7.34 -1.81
N GLN B 74 45.53 8.04 -2.91
CA GLN B 74 45.01 7.41 -4.13
C GLN B 74 46.12 7.17 -5.14
N LEU B 75 46.56 5.92 -5.23
CA LEU B 75 47.58 5.50 -6.17
C LEU B 75 46.94 4.93 -7.42
N VAL B 76 47.21 5.53 -8.56
CA VAL B 76 46.63 5.15 -9.82
C VAL B 76 47.73 4.54 -10.71
N THR B 77 47.40 3.41 -11.31
CA THR B 77 48.26 2.69 -12.23
C THR B 77 47.49 2.51 -13.54
N GLY B 78 48.19 2.65 -14.66
CA GLY B 78 47.59 2.50 -15.97
C GLY B 78 48.14 3.41 -17.03
N GLN B 79 47.56 3.28 -18.22
CA GLN B 79 47.92 4.07 -19.40
C GLN B 79 46.79 4.07 -20.42
N SER B 80 46.90 4.94 -21.43
CA SER B 80 45.99 5.03 -22.57
C SER B 80 44.50 5.07 -22.18
N GLY B 81 44.18 5.91 -21.20
CA GLY B 81 42.82 6.03 -20.70
C GLY B 81 42.22 4.93 -19.81
N LEU B 82 42.98 3.86 -19.49
CA LEU B 82 42.53 2.76 -18.62
C LEU B 82 43.39 2.71 -17.39
N PHE B 83 42.78 2.79 -16.22
CA PHE B 83 43.50 2.85 -14.94
C PHE B 83 42.85 2.09 -13.84
N THR B 84 43.67 1.68 -12.87
CA THR B 84 43.24 1.04 -11.63
C THR B 84 43.71 1.92 -10.48
N GLN B 85 42.81 2.22 -9.59
CA GLN B 85 43.08 3.05 -8.42
C GLN B 85 43.17 2.17 -7.18
N TYR B 86 44.27 2.30 -6.45
CA TYR B 86 44.58 1.62 -5.20
C TYR B 86 44.54 2.62 -4.06
N ASN B 87 43.93 2.26 -2.96
CA ASN B 87 43.87 3.15 -1.80
C ASN B 87 44.87 2.72 -0.73
N ILE B 88 45.59 3.69 -0.19
CA ILE B 88 46.55 3.45 0.91
C ILE B 88 46.00 4.25 2.09
N GLN B 89 45.55 3.57 3.15
CA GLN B 89 45.01 4.26 4.32
C GLN B 89 46.14 4.92 5.10
N LYS B 90 45.96 6.21 5.42
CA LYS B 90 46.95 7.00 6.16
C LYS B 90 46.41 7.26 7.57
N LYS B 91 47.25 7.78 8.47
CA LYS B 91 46.80 8.07 9.84
C LYS B 91 45.79 9.23 9.87
N ALA B 92 44.88 9.23 10.86
CA ALA B 92 43.86 10.26 11.04
C ALA B 92 44.45 11.67 11.02
N MET B 93 43.68 12.61 10.49
CA MET B 93 44.07 14.01 10.43
C MET B 93 42.87 14.92 10.55
N THR B 94 43.09 16.14 11.02
CA THR B 94 42.01 17.10 11.16
C THR B 94 41.78 17.79 9.82
N VAL B 95 40.65 18.44 9.66
CA VAL B 95 40.34 19.20 8.46
C VAL B 95 41.40 20.32 8.26
N ARG B 96 41.86 20.97 9.36
CA ARG B 96 42.90 21.99 9.35
C ARG B 96 44.21 21.48 8.68
N GLU B 97 44.72 20.31 9.11
CA GLU B 97 45.91 19.65 8.56
C GLU B 97 45.67 19.25 7.10
N PHE B 98 44.48 18.73 6.79
CA PHE B 98 44.13 18.32 5.42
C PHE B 98 44.15 19.51 4.46
N ARG B 99 43.52 20.65 4.87
CA ARG B 99 43.48 21.89 4.09
C ARG B 99 44.90 22.42 3.82
N LYS B 100 45.81 22.34 4.82
CA LYS B 100 47.21 22.78 4.70
C LYS B 100 47.92 21.98 3.60
N ILE B 101 47.76 20.63 3.59
CA ILE B 101 48.30 19.73 2.57
C ILE B 101 47.62 20.02 1.21
N ALA B 102 46.29 20.15 1.19
CA ALA B 102 45.53 20.39 -0.06
C ALA B 102 45.97 21.68 -0.77
N ASN B 103 46.26 22.75 0.02
CA ASN B 103 46.64 24.05 -0.54
C ASN B 103 48.14 24.25 -0.70
N SER B 104 48.94 23.24 -0.34
CA SER B 104 50.40 23.27 -0.42
C SER B 104 50.85 23.23 -1.87
N ASP B 105 52.08 23.68 -2.15
CA ASP B 105 52.69 23.70 -3.49
C ASP B 105 52.68 22.31 -4.11
N LYS B 106 52.99 21.27 -3.28
CA LYS B 106 53.04 19.89 -3.71
C LYS B 106 51.70 19.40 -4.30
N TYR B 107 50.56 19.77 -3.67
CA TYR B 107 49.25 19.24 -4.02
C TYR B 107 48.22 20.20 -4.61
N CYS B 108 48.49 21.51 -4.65
CA CYS B 108 47.48 22.45 -5.12
C CYS B 108 47.11 22.29 -6.62
N THR B 109 45.95 22.85 -6.98
CA THR B 109 45.41 22.85 -8.33
C THR B 109 46.39 23.56 -9.28
N PRO B 110 46.59 23.06 -10.52
CA PRO B 110 47.44 23.79 -11.47
C PRO B 110 46.70 25.03 -12.01
N ARG B 111 47.46 25.97 -12.59
CA ARG B 111 46.91 27.18 -13.22
C ARG B 111 46.12 26.73 -14.46
N TYR B 112 44.93 27.30 -14.70
CA TYR B 112 44.11 26.93 -15.86
C TYR B 112 43.12 28.02 -16.28
N SER B 113 42.83 28.08 -17.60
CA SER B 113 41.88 29.04 -18.18
C SER B 113 40.46 28.43 -18.22
N GLU B 114 40.28 27.33 -19.00
CA GLU B 114 39.00 26.65 -19.18
C GLU B 114 38.97 25.26 -18.54
N PHE B 115 37.78 24.71 -18.24
N PHE B 115 37.77 24.71 -18.24
CA PHE B 115 37.63 23.38 -17.66
CA PHE B 115 37.58 23.38 -17.63
C PHE B 115 38.39 22.34 -18.50
C PHE B 115 38.13 22.22 -18.50
N GLU B 116 38.25 22.44 -19.82
CA GLU B 116 38.84 21.51 -20.79
C GLU B 116 40.35 21.34 -20.57
N GLU B 117 41.03 22.43 -20.15
CA GLU B 117 42.45 22.48 -19.84
C GLU B 117 42.74 21.67 -18.58
N LEU B 118 41.91 21.87 -17.54
CA LEU B 118 42.08 21.17 -16.28
C LEU B 118 41.83 19.67 -16.47
N GLU B 119 40.76 19.31 -17.22
CA GLU B 119 40.37 17.94 -17.57
C GLU B 119 41.55 17.25 -18.25
N ARG B 120 42.21 17.92 -19.20
CA ARG B 120 43.40 17.38 -19.87
C ARG B 120 44.54 17.13 -18.89
N LYS B 121 44.78 18.07 -17.95
CA LYS B 121 45.84 17.95 -16.94
C LYS B 121 45.58 16.78 -16.01
N TYR B 122 44.31 16.54 -15.70
CA TYR B 122 43.89 15.44 -14.86
C TYR B 122 44.18 14.11 -15.53
N TRP B 123 43.73 13.90 -16.77
CA TRP B 123 43.94 12.61 -17.45
C TRP B 123 45.43 12.38 -17.82
N LYS B 124 46.22 13.44 -17.84
CA LYS B 124 47.64 13.33 -18.17
C LYS B 124 48.45 13.07 -16.91
N ASN B 125 48.00 13.56 -15.75
CA ASN B 125 48.81 13.46 -14.53
C ASN B 125 48.24 12.64 -13.39
N LEU B 126 47.09 11.95 -13.61
CA LEU B 126 46.46 11.24 -12.49
C LEU B 126 47.32 10.13 -11.88
N THR B 127 48.34 9.60 -12.60
CA THR B 127 49.19 8.54 -12.05
C THR B 127 50.41 9.09 -11.29
N PHE B 128 50.63 10.41 -11.33
CA PHE B 128 51.77 11.04 -10.68
C PHE B 128 51.36 11.72 -9.40
N ASN B 129 52.29 11.90 -8.46
CA ASN B 129 52.09 12.58 -7.18
C ASN B 129 50.74 12.21 -6.51
N PRO B 130 50.58 10.96 -6.01
CA PRO B 130 49.27 10.55 -5.46
C PRO B 130 48.66 11.48 -4.39
N PRO B 131 47.43 11.95 -4.60
CA PRO B 131 46.83 12.88 -3.62
C PRO B 131 46.21 12.13 -2.45
N ILE B 132 45.74 12.88 -1.43
CA ILE B 132 45.07 12.29 -0.27
C ILE B 132 43.61 12.72 -0.31
N TYR B 133 42.70 11.74 -0.25
CA TYR B 133 41.28 11.95 -0.27
C TYR B 133 40.78 11.70 1.15
N GLY B 134 40.15 12.72 1.73
CA GLY B 134 39.54 12.61 3.06
C GLY B 134 38.13 12.08 2.89
N ALA B 135 38.00 10.87 2.35
CA ALA B 135 36.75 10.21 2.00
C ALA B 135 36.10 9.42 3.10
N ASP B 136 34.77 9.21 2.94
CA ASP B 136 33.90 8.40 3.77
C ASP B 136 33.92 8.79 5.25
N VAL B 137 33.87 10.07 5.54
CA VAL B 137 33.83 10.48 6.96
C VAL B 137 32.35 10.47 7.39
N ASN B 138 32.04 9.68 8.40
CA ASN B 138 30.71 9.65 8.97
C ASN B 138 30.47 11.01 9.61
N GLY B 139 29.51 11.74 9.06
CA GLY B 139 29.17 13.05 9.57
C GLY B 139 28.34 13.88 8.63
N THR B 140 27.89 15.01 9.12
CA THR B 140 27.08 15.98 8.41
C THR B 140 27.56 17.38 8.71
N LEU B 141 27.33 18.33 7.81
CA LEU B 141 27.67 19.73 8.03
C LEU B 141 26.41 20.58 8.10
N TYR B 142 25.26 19.92 8.02
CA TYR B 142 23.95 20.51 8.11
C TYR B 142 23.71 20.94 9.57
N GLU B 143 23.10 22.11 9.80
CA GLU B 143 22.70 22.51 11.15
C GLU B 143 21.42 21.69 11.48
N LYS B 144 21.20 21.33 12.75
CA LYS B 144 20.08 20.50 13.22
C LYS B 144 18.69 20.95 12.74
N HIS B 145 18.43 22.26 12.72
CA HIS B 145 17.13 22.85 12.36
C HIS B 145 16.76 22.82 10.86
N VAL B 146 17.72 22.55 9.96
CA VAL B 146 17.51 22.51 8.51
C VAL B 146 16.60 21.32 8.11
N ASP B 147 15.37 21.62 7.69
CA ASP B 147 14.38 20.61 7.30
C ASP B 147 14.29 20.35 5.80
N GLU B 148 14.84 21.23 4.96
CA GLU B 148 14.80 21.07 3.50
C GLU B 148 16.06 20.36 3.01
N TRP B 149 15.88 19.25 2.28
CA TRP B 149 16.97 18.47 1.65
C TRP B 149 18.09 18.13 2.61
N ASN B 150 17.72 17.76 3.83
CA ASN B 150 18.69 17.41 4.86
C ASN B 150 19.15 15.98 4.66
N ILE B 151 20.31 15.83 4.04
CA ILE B 151 21.00 14.58 3.70
C ILE B 151 21.07 13.58 4.90
N GLY B 152 21.20 14.07 6.14
CA GLY B 152 21.19 13.25 7.35
C GLY B 152 19.88 12.55 7.71
N ARG B 153 18.76 13.00 7.11
CA ARG B 153 17.40 12.51 7.36
C ARG B 153 16.45 12.84 6.17
N LEU B 154 16.66 12.21 5.00
CA LEU B 154 15.78 12.50 3.85
C LEU B 154 14.36 11.89 3.97
N ARG B 155 14.19 10.88 4.85
CA ARG B 155 12.95 10.18 5.19
C ARG B 155 12.26 9.54 3.97
N THR B 156 13.04 8.86 3.11
CA THR B 156 12.51 8.13 1.95
C THR B 156 12.20 6.66 2.41
N ILE B 157 11.71 5.80 1.49
CA ILE B 157 11.39 4.40 1.79
C ILE B 157 12.64 3.60 2.14
N LEU B 158 13.87 4.13 1.89
CA LEU B 158 15.10 3.44 2.29
C LEU B 158 15.16 3.24 3.81
N ASP B 159 14.46 4.09 4.57
CA ASP B 159 14.35 4.02 6.04
C ASP B 159 13.74 2.69 6.57
N LEU B 160 13.10 1.91 5.68
CA LEU B 160 12.48 0.62 6.03
C LEU B 160 13.50 -0.45 6.32
N VAL B 161 14.77 -0.27 5.89
CA VAL B 161 15.87 -1.21 6.14
C VAL B 161 16.10 -1.45 7.65
N GLU B 162 16.00 -2.73 8.03
CA GLU B 162 16.15 -3.23 9.40
C GLU B 162 17.12 -4.41 9.41
N GLY B 171 26.23 1.71 7.46
CA GLY B 171 25.00 2.46 7.20
C GLY B 171 24.94 2.99 5.78
N VAL B 172 23.77 2.83 5.11
CA VAL B 172 23.61 3.33 3.73
C VAL B 172 22.62 4.50 3.72
N ASN B 173 21.95 4.66 4.84
CA ASN B 173 20.94 5.64 5.15
C ASN B 173 21.57 6.83 5.90
N THR B 174 22.90 6.76 6.20
CA THR B 174 23.61 7.78 6.98
C THR B 174 24.47 8.71 6.11
N PRO B 175 24.73 9.97 6.53
CA PRO B 175 25.53 10.86 5.70
C PRO B 175 27.04 10.64 5.80
N TYR B 176 27.75 10.90 4.70
CA TYR B 176 29.20 10.82 4.63
C TYR B 176 29.76 12.09 4.07
N LEU B 177 30.90 12.51 4.57
CA LEU B 177 31.65 13.70 4.11
C LEU B 177 32.87 13.27 3.31
N TYR B 178 33.19 14.04 2.29
CA TYR B 178 34.30 13.81 1.38
C TYR B 178 35.10 15.10 1.28
N PHE B 179 36.28 15.12 1.86
CA PHE B 179 37.20 16.26 1.78
C PHE B 179 38.15 15.98 0.63
N GLY B 180 38.01 16.77 -0.41
CA GLY B 180 38.82 16.56 -1.61
C GLY B 180 39.98 17.50 -1.75
N MET B 181 40.88 17.13 -2.64
CA MET B 181 41.99 17.98 -3.07
C MET B 181 42.13 17.73 -4.54
N TRP B 182 42.96 18.51 -5.21
CA TRP B 182 43.15 18.39 -6.64
C TRP B 182 43.51 16.96 -7.00
N LYS B 183 42.87 16.41 -8.03
CA LYS B 183 43.19 15.12 -8.62
C LYS B 183 42.65 13.95 -7.84
N THR B 184 41.89 14.17 -6.73
CA THR B 184 41.27 13.05 -6.02
C THR B 184 40.11 12.57 -6.88
N SER B 185 39.86 11.27 -6.94
CA SER B 185 38.84 10.72 -7.86
C SER B 185 37.86 9.77 -7.27
N PHE B 186 36.79 9.55 -7.99
CA PHE B 186 35.82 8.48 -7.73
C PHE B 186 35.73 7.73 -9.07
N ALA B 187 36.05 6.46 -9.01
CA ALA B 187 36.07 5.53 -10.13
C ALA B 187 34.66 5.23 -10.63
N TRP B 188 34.54 4.62 -11.85
CA TRP B 188 33.24 4.21 -12.43
C TRP B 188 32.49 3.24 -11.54
N HIS B 189 31.23 3.58 -11.23
CA HIS B 189 30.40 2.74 -10.36
C HIS B 189 28.97 3.23 -10.38
N THR B 190 28.03 2.34 -10.00
CA THR B 190 26.63 2.62 -9.71
C THR B 190 26.62 2.55 -8.12
N GLU B 191 25.53 3.00 -7.49
CA GLU B 191 25.40 2.98 -6.05
C GLU B 191 25.23 1.56 -5.51
N ASP B 192 25.49 1.37 -4.21
CA ASP B 192 25.28 0.06 -3.63
C ASP B 192 23.78 -0.27 -3.77
N MET B 193 23.48 -1.51 -4.21
CA MET B 193 22.12 -2.04 -4.43
C MET B 193 21.41 -1.26 -5.55
N ASP B 194 22.19 -0.54 -6.37
CA ASP B 194 21.73 0.30 -7.47
C ASP B 194 20.71 1.39 -6.96
N LEU B 195 20.99 1.95 -5.80
CA LEU B 195 20.16 2.99 -5.16
C LEU B 195 20.40 4.36 -5.82
N TYR B 196 19.63 5.35 -5.39
CA TYR B 196 19.87 6.70 -5.84
C TYR B 196 20.93 7.25 -4.90
N SER B 197 21.52 8.39 -5.24
CA SER B 197 22.39 9.11 -4.31
C SER B 197 22.16 10.59 -4.43
N ILE B 198 22.47 11.31 -3.37
CA ILE B 198 22.38 12.76 -3.31
C ILE B 198 23.76 13.25 -2.84
N ASN B 199 24.28 14.25 -3.50
CA ASN B 199 25.61 14.78 -3.19
C ASN B 199 25.51 16.29 -3.18
N TYR B 200 25.84 16.90 -2.06
CA TYR B 200 25.85 18.35 -1.94
C TYR B 200 27.27 18.84 -1.77
N LEU B 201 27.69 19.80 -2.57
CA LEU B 201 29.02 20.37 -2.43
C LEU B 201 28.92 21.60 -1.50
N HIS B 202 29.32 21.40 -0.23
CA HIS B 202 29.27 22.41 0.82
C HIS B 202 30.05 23.66 0.51
N PHE B 203 31.32 23.49 0.10
CA PHE B 203 32.20 24.61 -0.23
C PHE B 203 33.39 24.12 -1.03
N GLY B 204 34.17 25.08 -1.48
CA GLY B 204 35.43 24.82 -2.12
C GLY B 204 35.42 24.76 -3.63
N GLU B 205 36.47 24.15 -4.17
CA GLU B 205 36.66 24.02 -5.61
C GLU B 205 35.66 23.02 -6.21
N PRO B 206 35.34 23.14 -7.52
CA PRO B 206 34.34 22.24 -8.12
C PRO B 206 34.69 20.76 -8.11
N LYS B 207 33.68 19.94 -8.43
CA LYS B 207 33.79 18.50 -8.60
C LYS B 207 33.21 18.19 -10.00
N SER B 208 34.03 17.62 -10.89
CA SER B 208 33.59 17.24 -12.24
C SER B 208 33.11 15.80 -12.27
N TRP B 209 32.01 15.54 -13.00
CA TRP B 209 31.35 14.24 -13.08
C TRP B 209 31.19 13.80 -14.49
N TYR B 210 31.28 12.50 -14.69
CA TYR B 210 30.99 11.83 -15.96
C TYR B 210 29.90 10.87 -15.66
N SER B 211 29.03 10.63 -16.64
N SER B 211 29.00 10.65 -16.64
CA SER B 211 27.93 9.70 -16.45
CA SER B 211 27.86 9.77 -16.45
C SER B 211 27.65 8.92 -17.71
C SER B 211 27.45 9.03 -17.70
N VAL B 212 27.08 7.76 -17.54
CA VAL B 212 26.60 6.92 -18.63
C VAL B 212 25.07 6.68 -18.34
N PRO B 213 24.16 6.99 -19.28
CA PRO B 213 22.73 6.71 -19.06
C PRO B 213 22.45 5.25 -18.65
N PRO B 214 21.54 4.98 -17.65
CA PRO B 214 21.19 3.57 -17.30
C PRO B 214 20.85 2.67 -18.51
N GLU B 215 20.19 3.19 -19.55
CA GLU B 215 19.93 2.42 -20.77
C GLU B 215 21.21 1.94 -21.49
N HIS B 216 22.37 2.52 -21.18
CA HIS B 216 23.62 2.10 -21.82
C HIS B 216 24.65 1.50 -20.86
N GLY B 217 24.31 1.38 -19.58
CA GLY B 217 25.19 0.86 -18.55
C GLY B 217 25.80 -0.50 -18.86
N LYS B 218 25.02 -1.39 -19.49
CA LYS B 218 25.46 -2.74 -19.88
C LYS B 218 26.59 -2.69 -20.91
N ARG B 219 26.59 -1.64 -21.75
CA ARG B 219 27.64 -1.37 -22.73
C ARG B 219 28.93 -0.92 -22.03
N LEU B 220 28.84 -0.16 -20.93
CA LEU B 220 30.03 0.21 -20.19
C LEU B 220 30.62 -1.03 -19.53
N GLU B 221 29.75 -1.86 -18.88
CA GLU B 221 30.15 -3.12 -18.24
C GLU B 221 30.85 -4.04 -19.23
N ARG B 222 30.35 -4.14 -20.47
CA ARG B 222 30.96 -5.00 -21.49
C ARG B 222 32.35 -4.49 -21.87
N LEU B 223 32.50 -3.16 -22.04
CA LEU B 223 33.78 -2.57 -22.30
C LEU B 223 34.75 -2.87 -21.16
N ALA B 224 34.36 -2.62 -19.86
CA ALA B 224 35.19 -2.84 -18.70
C ALA B 224 35.58 -4.30 -18.57
N LYS B 225 34.65 -5.24 -18.83
CA LYS B 225 34.91 -6.69 -18.76
C LYS B 225 35.96 -7.06 -19.79
N GLY B 226 35.85 -6.51 -20.99
CA GLY B 226 36.81 -6.74 -22.07
C GLY B 226 38.21 -6.26 -21.75
N PHE B 227 38.34 -5.11 -21.05
CA PHE B 227 39.62 -4.50 -20.67
C PHE B 227 40.28 -5.14 -19.47
N PHE B 228 39.49 -5.58 -18.49
CA PHE B 228 39.99 -6.19 -17.28
C PHE B 228 39.34 -7.57 -17.13
N PRO B 229 39.73 -8.56 -18.00
CA PRO B 229 39.09 -9.89 -17.93
C PRO B 229 39.49 -10.74 -16.71
N GLY B 230 40.63 -10.40 -16.09
CA GLY B 230 41.09 -11.09 -14.89
C GLY B 230 40.21 -10.73 -13.72
N SER B 231 39.92 -9.40 -13.56
CA SER B 231 39.03 -8.84 -12.53
C SER B 231 37.61 -9.37 -12.67
N ALA B 232 37.11 -9.45 -13.93
CA ALA B 232 35.78 -9.94 -14.31
C ALA B 232 35.59 -11.42 -13.97
N GLN B 233 36.66 -12.24 -14.12
CA GLN B 233 36.63 -13.68 -13.80
C GLN B 233 36.55 -13.90 -12.28
N SER B 234 37.27 -13.07 -11.51
CA SER B 234 37.31 -13.14 -10.05
C SER B 234 36.03 -12.65 -9.39
N CYS B 235 35.33 -11.66 -9.99
CA CYS B 235 34.11 -11.06 -9.46
C CYS B 235 33.25 -10.57 -10.62
N GLU B 236 31.96 -10.95 -10.64
CA GLU B 236 31.02 -10.49 -11.68
C GLU B 236 30.80 -8.97 -11.64
N ALA B 237 30.65 -8.42 -10.43
CA ALA B 237 30.44 -7.00 -10.20
C ALA B 237 31.73 -6.25 -9.75
N PHE B 238 32.87 -6.48 -10.44
CA PHE B 238 34.15 -5.87 -10.06
C PHE B 238 34.16 -4.33 -10.11
N LEU B 239 33.25 -3.70 -10.89
CA LEU B 239 33.15 -2.23 -10.92
C LEU B 239 32.72 -1.71 -9.55
N ARG B 240 32.06 -2.57 -8.73
CA ARG B 240 31.63 -2.24 -7.37
C ARG B 240 32.81 -2.03 -6.42
N HIS B 241 34.00 -2.53 -6.77
CA HIS B 241 35.22 -2.32 -6.00
C HIS B 241 35.62 -0.84 -6.08
N LYS B 242 35.07 -0.06 -7.06
CA LYS B 242 35.31 1.38 -7.26
C LYS B 242 36.81 1.69 -7.46
N MET B 243 37.43 0.92 -8.32
CA MET B 243 38.86 1.06 -8.61
C MET B 243 39.12 1.35 -10.09
N THR B 244 38.09 1.23 -10.92
CA THR B 244 38.27 1.33 -12.38
C THR B 244 38.04 2.75 -12.90
N LEU B 245 39.06 3.31 -13.53
CA LEU B 245 38.98 4.67 -14.14
C LEU B 245 39.09 4.50 -15.65
N ILE B 246 38.11 5.01 -16.39
CA ILE B 246 38.14 4.97 -17.88
C ILE B 246 37.99 6.41 -18.36
N SER B 247 38.94 6.91 -19.15
CA SER B 247 38.87 8.30 -19.60
C SER B 247 37.71 8.56 -20.59
N PRO B 248 37.14 9.80 -20.65
CA PRO B 248 36.09 10.08 -21.66
C PRO B 248 36.51 9.77 -23.10
N LEU B 249 37.80 9.95 -23.43
CA LEU B 249 38.34 9.67 -24.78
C LEU B 249 38.24 8.19 -25.13
N MET B 250 38.49 7.31 -24.15
CA MET B 250 38.39 5.85 -24.27
C MET B 250 36.92 5.47 -24.52
N LEU B 251 35.98 6.12 -23.82
CA LEU B 251 34.53 5.92 -24.02
C LEU B 251 34.06 6.39 -25.40
N LYS B 252 34.60 7.52 -25.85
CA LYS B 252 34.28 8.07 -27.17
C LYS B 252 34.82 7.15 -28.27
N LYS B 253 36.06 6.63 -28.08
CA LYS B 253 36.73 5.70 -28.99
C LYS B 253 35.87 4.42 -29.22
N TYR B 254 35.21 3.91 -28.16
CA TYR B 254 34.40 2.70 -28.24
C TYR B 254 32.90 2.96 -28.30
N GLY B 255 32.51 4.19 -28.66
CA GLY B 255 31.10 4.52 -28.85
C GLY B 255 30.19 4.42 -27.63
N ILE B 256 30.74 4.55 -26.41
CA ILE B 256 29.91 4.52 -25.21
C ILE B 256 29.31 5.92 -25.03
N PRO B 257 27.97 6.08 -25.07
CA PRO B 257 27.39 7.42 -24.86
C PRO B 257 27.61 7.85 -23.42
N PHE B 258 28.01 9.11 -23.22
CA PHE B 258 28.21 9.62 -21.86
C PHE B 258 27.99 11.10 -21.87
N ASP B 259 27.83 11.68 -20.70
CA ASP B 259 27.74 13.12 -20.56
C ASP B 259 28.64 13.57 -19.41
N LYS B 260 28.98 14.85 -19.39
CA LYS B 260 29.77 15.42 -18.34
C LYS B 260 29.15 16.69 -17.82
N VAL B 261 29.42 16.98 -16.54
CA VAL B 261 28.90 18.15 -15.84
C VAL B 261 29.86 18.52 -14.71
N THR B 262 30.00 19.80 -14.43
CA THR B 262 30.80 20.30 -13.31
C THR B 262 29.84 20.82 -12.21
N GLN B 263 30.02 20.29 -11.00
CA GLN B 263 29.27 20.68 -9.85
C GLN B 263 30.07 21.75 -9.09
N GLU B 264 29.43 22.88 -8.82
CA GLU B 264 30.08 23.95 -8.10
C GLU B 264 29.53 24.06 -6.69
N ALA B 265 30.25 24.76 -5.82
CA ALA B 265 29.85 24.89 -4.43
C ALA B 265 28.42 25.41 -4.31
N GLY B 266 27.61 24.74 -3.50
CA GLY B 266 26.22 25.10 -3.28
C GLY B 266 25.23 24.40 -4.16
N GLU B 267 25.68 23.41 -4.95
CA GLU B 267 24.79 22.64 -5.84
C GLU B 267 24.69 21.20 -5.43
N PHE B 268 23.55 20.58 -5.76
CA PHE B 268 23.25 19.16 -5.51
C PHE B 268 23.41 18.38 -6.80
N MET B 269 23.89 17.13 -6.70
CA MET B 269 23.89 16.18 -7.81
C MET B 269 23.06 15.02 -7.34
N ILE B 270 22.17 14.53 -8.21
CA ILE B 270 21.34 13.34 -7.93
C ILE B 270 21.79 12.27 -8.91
N THR B 271 22.11 11.06 -8.41
CA THR B 271 22.43 9.90 -9.26
C THR B 271 21.21 9.01 -9.14
N PHE B 272 20.80 8.41 -10.25
CA PHE B 272 19.63 7.58 -10.37
C PHE B 272 19.99 6.11 -10.39
N PRO B 273 19.02 5.20 -10.08
CA PRO B 273 19.32 3.74 -10.10
C PRO B 273 19.97 3.31 -11.38
N TYR B 274 21.09 2.61 -11.24
CA TYR B 274 21.88 2.01 -12.32
C TYR B 274 22.56 3.07 -13.22
N GLY B 275 22.72 4.29 -12.70
CA GLY B 275 23.44 5.34 -13.40
C GLY B 275 24.91 5.27 -13.05
N TYR B 276 25.76 4.84 -14.00
CA TYR B 276 27.23 4.80 -13.78
C TYR B 276 27.81 6.20 -13.78
N HIS B 277 28.64 6.51 -12.76
CA HIS B 277 29.30 7.81 -12.68
C HIS B 277 30.73 7.67 -12.20
N ALA B 278 31.55 8.68 -12.48
CA ALA B 278 32.96 8.80 -12.12
C ALA B 278 33.26 10.29 -12.15
N GLY B 279 34.39 10.69 -11.62
CA GLY B 279 34.79 12.09 -11.66
C GLY B 279 35.96 12.42 -10.78
N PHE B 280 36.25 13.72 -10.66
CA PHE B 280 37.38 14.19 -9.87
C PHE B 280 37.13 15.57 -9.28
N ASN B 281 37.92 15.88 -8.22
CA ASN B 281 37.92 17.16 -7.53
C ASN B 281 38.90 18.11 -8.12
N HIS B 282 38.49 19.38 -8.30
CA HIS B 282 39.37 20.44 -8.85
C HIS B 282 40.34 20.96 -7.80
N GLY B 283 40.00 20.82 -6.53
CA GLY B 283 40.86 21.31 -5.48
C GLY B 283 40.25 21.05 -4.13
N PHE B 284 40.68 21.82 -3.12
CA PHE B 284 40.16 21.65 -1.77
C PHE B 284 38.67 21.93 -1.72
N ASN B 285 37.91 20.94 -1.25
CA ASN B 285 36.47 21.06 -1.16
C ASN B 285 35.87 20.09 -0.17
N CYS B 286 34.56 20.22 0.06
CA CYS B 286 33.85 19.31 0.93
C CYS B 286 32.45 19.02 0.40
N ALA B 287 32.13 17.73 0.19
CA ALA B 287 30.82 17.23 -0.26
C ALA B 287 30.19 16.35 0.79
N GLU B 288 28.88 16.30 0.81
CA GLU B 288 28.16 15.42 1.74
C GLU B 288 27.23 14.53 0.94
N SER B 289 27.24 13.26 1.23
CA SER B 289 26.36 12.37 0.45
C SER B 289 25.72 11.31 1.23
N THR B 290 24.71 10.69 0.62
CA THR B 290 23.94 9.55 1.12
C THR B 290 23.17 8.89 -0.01
N ASN B 291 22.56 7.75 0.28
CA ASN B 291 21.73 7.02 -0.66
C ASN B 291 20.29 7.23 -0.24
N PHE B 292 19.39 7.08 -1.18
CA PHE B 292 17.96 7.15 -0.90
C PHE B 292 17.23 6.29 -1.91
N ALA B 293 15.93 6.10 -1.73
CA ALA B 293 15.15 5.30 -2.67
C ALA B 293 13.78 5.92 -2.97
N THR B 294 13.15 5.44 -4.02
CA THR B 294 11.77 5.75 -4.38
C THR B 294 11.17 4.38 -4.65
N ARG B 295 9.84 4.30 -4.89
CA ARG B 295 9.18 3.04 -5.24
C ARG B 295 9.80 2.37 -6.52
N ARG B 296 10.40 3.18 -7.45
CA ARG B 296 11.03 2.69 -8.69
C ARG B 296 12.29 1.87 -8.41
N TRP B 297 13.00 2.21 -7.32
CA TRP B 297 14.20 1.51 -6.93
C TRP B 297 13.99 0.03 -6.59
N ILE B 298 12.83 -0.35 -6.03
CA ILE B 298 12.63 -1.73 -5.56
C ILE B 298 13.03 -2.76 -6.63
N GLU B 299 12.53 -2.64 -7.86
CA GLU B 299 12.89 -3.55 -8.93
C GLU B 299 14.38 -3.62 -9.20
N TYR B 300 15.09 -2.45 -9.13
CA TYR B 300 16.54 -2.31 -9.27
C TYR B 300 17.26 -3.04 -8.14
N GLY B 301 16.78 -2.92 -6.90
CA GLY B 301 17.40 -3.60 -5.76
C GLY B 301 17.26 -5.11 -5.88
N LYS B 302 16.12 -5.56 -6.40
CA LYS B 302 15.84 -6.98 -6.62
C LYS B 302 16.75 -7.57 -7.69
N GLN B 303 17.08 -6.77 -8.70
CA GLN B 303 17.84 -7.26 -9.86
C GLN B 303 19.32 -6.92 -9.86
N ALA B 304 19.80 -6.14 -8.87
CA ALA B 304 21.21 -5.71 -8.80
C ALA B 304 22.20 -6.87 -8.73
N VAL B 305 23.24 -6.81 -9.54
CA VAL B 305 24.33 -7.80 -9.53
C VAL B 305 25.32 -7.29 -8.48
N LEU B 306 25.60 -8.10 -7.45
CA LEU B 306 26.43 -7.74 -6.31
C LEU B 306 27.82 -8.34 -6.34
N CYS B 307 28.78 -7.70 -5.61
CA CYS B 307 30.15 -8.16 -5.49
C CYS B 307 30.18 -9.52 -4.80
N SER B 308 30.70 -10.52 -5.52
CA SER B 308 30.81 -11.90 -5.10
C SER B 308 32.12 -12.29 -4.39
N CYS B 309 33.14 -11.41 -4.39
CA CYS B 309 34.45 -11.75 -3.83
C CYS B 309 34.75 -11.17 -2.42
N ARG B 310 33.93 -10.23 -1.91
CA ARG B 310 34.19 -9.63 -0.59
C ARG B 310 33.07 -9.89 0.43
N LYS B 311 33.46 -10.18 1.69
CA LYS B 311 32.51 -10.42 2.81
C LYS B 311 31.98 -9.08 3.36
N ASP B 312 32.76 -8.00 3.19
CA ASP B 312 32.50 -6.63 3.64
C ASP B 312 31.71 -5.73 2.62
N MET B 313 31.01 -6.36 1.63
CA MET B 313 30.22 -5.61 0.63
C MET B 313 28.82 -5.23 1.16
N VAL B 314 28.27 -4.05 0.72
CA VAL B 314 26.94 -3.58 1.13
C VAL B 314 25.81 -4.35 0.41
N LYS B 315 25.05 -5.12 1.19
CA LYS B 315 23.93 -5.93 0.71
C LYS B 315 22.70 -5.61 1.59
N ILE B 316 21.58 -5.32 0.93
CA ILE B 316 20.31 -5.04 1.61
C ILE B 316 19.38 -6.20 1.23
N SER B 317 18.65 -6.72 2.22
CA SER B 317 17.67 -7.76 2.01
C SER B 317 16.45 -7.03 1.44
N MET B 318 16.02 -7.46 0.26
CA MET B 318 14.90 -6.88 -0.45
C MET B 318 13.54 -7.33 0.08
N ASP B 319 13.50 -8.44 0.83
CA ASP B 319 12.29 -9.06 1.39
C ASP B 319 11.27 -8.05 1.98
N VAL B 320 11.75 -7.13 2.83
CA VAL B 320 10.95 -6.11 3.50
C VAL B 320 10.23 -5.18 2.50
N PHE B 321 10.89 -4.83 1.38
CA PHE B 321 10.34 -3.98 0.33
C PHE B 321 9.33 -4.73 -0.50
N VAL B 322 9.63 -6.01 -0.81
CA VAL B 322 8.75 -6.88 -1.60
C VAL B 322 7.45 -7.16 -0.85
N ARG B 323 7.54 -7.49 0.43
CA ARG B 323 6.37 -7.71 1.26
C ARG B 323 5.45 -6.47 1.31
N LYS B 324 6.04 -5.27 1.51
CA LYS B 324 5.30 -4.00 1.64
C LYS B 324 4.75 -3.41 0.34
N PHE B 325 5.55 -3.40 -0.75
CA PHE B 325 5.17 -2.74 -1.99
C PHE B 325 4.74 -3.65 -3.12
N GLN B 326 5.06 -4.95 -3.05
CA GLN B 326 4.69 -5.94 -4.06
C GLN B 326 4.16 -7.19 -3.36
N PRO B 327 3.17 -7.15 -2.41
CA PRO B 327 2.74 -8.40 -1.74
C PRO B 327 2.22 -9.48 -2.68
N GLU B 328 1.61 -9.09 -3.81
CA GLU B 328 1.09 -10.02 -4.84
C GLU B 328 2.22 -10.82 -5.53
N ARG B 329 3.46 -10.26 -5.58
CA ARG B 329 4.60 -10.89 -6.23
C ARG B 329 5.55 -11.59 -5.24
N TYR B 330 5.25 -11.53 -3.92
CA TYR B 330 6.14 -12.07 -2.89
C TYR B 330 6.49 -13.58 -3.07
N LYS B 331 5.47 -14.44 -3.28
CA LYS B 331 5.64 -15.88 -3.48
C LYS B 331 6.46 -16.16 -4.75
N LEU B 332 6.09 -15.49 -5.86
CA LEU B 332 6.77 -15.60 -7.16
C LEU B 332 8.26 -15.21 -7.06
N TRP B 333 8.57 -14.13 -6.31
CA TRP B 333 9.92 -13.60 -6.12
C TRP B 333 10.80 -14.52 -5.29
N LYS B 334 10.27 -15.02 -4.15
CA LYS B 334 10.99 -15.93 -3.26
C LYS B 334 11.31 -17.25 -3.97
N ALA B 335 10.44 -17.69 -4.92
CA ALA B 335 10.56 -18.91 -5.73
C ALA B 335 11.54 -18.72 -6.92
N GLY B 336 11.92 -17.48 -7.17
CA GLY B 336 12.84 -17.10 -8.25
C GLY B 336 12.16 -16.94 -9.60
N LYS B 337 10.81 -16.95 -9.63
CA LYS B 337 9.98 -16.85 -10.84
C LYS B 337 9.63 -15.42 -11.24
N ASP B 338 10.23 -14.39 -10.60
CA ASP B 338 9.99 -13.00 -10.97
C ASP B 338 10.82 -12.61 -12.20
N ASN B 339 10.14 -12.55 -13.35
CA ASN B 339 10.64 -12.28 -14.70
C ASN B 339 10.47 -10.82 -15.15
N THR B 340 10.26 -9.89 -14.21
CA THR B 340 10.09 -8.46 -14.50
C THR B 340 11.33 -7.90 -15.24
N VAL B 341 11.08 -7.16 -16.33
CA VAL B 341 12.13 -6.53 -17.12
C VAL B 341 12.06 -5.05 -16.81
N ILE B 342 13.19 -4.47 -16.35
CA ILE B 342 13.25 -3.05 -16.04
C ILE B 342 13.30 -2.20 -17.33
N ASP B 343 12.36 -1.25 -17.45
CA ASP B 343 12.36 -0.24 -18.51
C ASP B 343 13.00 1.01 -17.84
N HIS B 344 14.23 1.35 -18.24
CA HIS B 344 14.96 2.48 -17.63
C HIS B 344 14.39 3.87 -17.94
N THR B 345 13.48 3.96 -18.94
CA THR B 345 12.92 5.26 -19.35
C THR B 345 11.70 5.66 -18.51
N LEU B 346 11.06 4.70 -17.84
CA LEU B 346 9.88 4.94 -17.01
C LEU B 346 10.16 5.75 -15.73
N PRO B 347 9.30 6.76 -15.43
CA PRO B 347 9.47 7.53 -14.19
C PRO B 347 8.96 6.76 -12.97
N THR B 348 9.21 7.30 -11.76
CA THR B 348 8.77 6.66 -10.52
C THR B 348 7.23 6.74 -10.40
N PRO B 349 6.49 5.74 -9.86
CA PRO B 349 5.02 5.89 -9.77
C PRO B 349 4.53 7.20 -9.09
N GLU B 350 5.35 7.75 -8.16
CA GLU B 350 5.06 9.00 -7.43
C GLU B 350 4.99 10.24 -8.37
N ALA B 351 5.54 10.11 -9.59
CA ALA B 351 5.60 11.15 -10.62
C ALA B 351 4.28 11.35 -11.38
N ALA B 352 3.32 10.41 -11.19
CA ALA B 352 1.98 10.39 -11.81
C ALA B 352 1.24 11.72 -11.77
N GLU B 353 1.30 12.44 -10.61
CA GLU B 353 0.66 13.75 -10.40
C GLU B 353 1.13 14.86 -11.35
N PHE B 354 2.34 14.70 -11.90
CA PHE B 354 2.98 15.63 -12.84
C PHE B 354 2.83 15.20 -14.31
N LEU B 355 2.31 13.96 -14.54
CA LEU B 355 2.11 13.39 -15.86
C LEU B 355 0.62 13.27 -16.23
N PRO C 11 20.50 4.43 53.37
CA PRO C 11 21.70 4.95 54.06
C PRO C 11 22.28 6.18 53.34
N SER C 12 23.52 6.06 52.81
CA SER C 12 24.18 7.13 52.06
C SER C 12 23.87 7.03 50.55
N ALA C 13 22.74 6.33 50.22
CA ALA C 13 22.21 6.18 48.87
C ALA C 13 20.74 6.68 48.79
N ARG C 14 20.37 7.64 49.68
CA ARG C 14 19.07 8.31 49.71
C ARG C 14 19.16 9.55 48.81
N ILE C 15 18.08 9.91 48.09
CA ILE C 15 18.03 11.06 47.18
C ILE C 15 18.27 12.39 47.97
N MET C 16 19.31 13.16 47.59
CA MET C 16 19.72 14.43 48.20
C MET C 16 19.24 15.62 47.37
N THR C 17 18.93 16.72 48.04
CA THR C 17 18.46 17.98 47.46
C THR C 17 19.50 19.04 47.72
N PHE C 18 19.78 19.88 46.71
CA PHE C 18 20.76 20.96 46.82
C PHE C 18 20.16 22.29 46.52
N TYR C 19 20.59 23.30 47.25
CA TYR C 19 20.09 24.68 47.12
C TYR C 19 21.26 25.65 46.81
N PRO C 20 21.81 25.61 45.57
CA PRO C 20 22.95 26.51 45.26
C PRO C 20 22.60 27.98 45.30
N THR C 21 23.59 28.79 45.63
CA THR C 21 23.47 30.25 45.61
C THR C 21 23.67 30.66 44.15
N MET C 22 23.39 31.92 43.79
CA MET C 22 23.59 32.38 42.41
C MET C 22 25.05 32.18 41.93
N GLU C 23 26.04 32.45 42.81
CA GLU C 23 27.47 32.27 42.52
C GLU C 23 27.81 30.79 42.26
N GLU C 24 27.32 29.87 43.12
CA GLU C 24 27.53 28.43 43.00
C GLU C 24 26.88 27.86 41.73
N PHE C 25 25.69 28.40 41.37
CA PHE C 25 24.83 28.01 40.24
C PHE C 25 25.34 28.38 38.85
N ARG C 26 26.23 29.36 38.75
CA ARG C 26 26.77 29.80 37.45
C ARG C 26 27.60 28.71 36.71
N ASN C 27 28.45 27.94 37.43
CA ASN C 27 29.27 26.89 36.82
C ASN C 27 28.61 25.50 36.97
N PHE C 28 27.97 25.04 35.89
CA PHE C 28 27.25 23.77 35.83
C PHE C 28 28.11 22.57 36.19
N SER C 29 29.18 22.34 35.40
CA SER C 29 30.10 21.21 35.59
C SER C 29 30.79 21.21 36.94
N ARG C 30 31.13 22.40 37.46
CA ARG C 30 31.75 22.53 38.78
C ARG C 30 30.74 22.10 39.83
N TYR C 31 29.46 22.49 39.65
CA TYR C 31 28.41 22.13 40.60
C TYR C 31 28.12 20.64 40.60
N ILE C 32 28.15 19.96 39.42
CA ILE C 32 27.95 18.51 39.34
C ILE C 32 29.07 17.81 40.10
N ALA C 33 30.33 18.30 39.95
CA ALA C 33 31.50 17.77 40.66
C ALA C 33 31.32 17.95 42.17
N TYR C 34 30.75 19.11 42.62
CA TYR C 34 30.47 19.38 44.02
C TYR C 34 29.43 18.40 44.59
N ILE C 35 28.28 18.21 43.90
CA ILE C 35 27.23 17.34 44.41
C ILE C 35 27.72 15.86 44.49
N GLU C 36 28.66 15.43 43.62
CA GLU C 36 29.27 14.09 43.69
C GLU C 36 30.18 13.99 44.93
N SER C 37 30.93 15.07 45.23
CA SER C 37 31.81 15.16 46.40
C SER C 37 31.02 15.05 47.73
N GLN C 38 29.68 15.25 47.66
CA GLN C 38 28.71 15.16 48.77
C GLN C 38 28.04 13.79 48.79
N GLY C 39 28.27 13.01 47.74
CA GLY C 39 27.73 11.65 47.61
C GLY C 39 26.38 11.51 46.92
N ALA C 40 25.95 12.56 46.18
CA ALA C 40 24.66 12.58 45.48
C ALA C 40 24.48 11.44 44.48
N HIS C 41 25.55 11.08 43.77
CA HIS C 41 25.56 10.03 42.75
C HIS C 41 25.19 8.63 43.27
N ARG C 42 25.39 8.36 44.56
CA ARG C 42 25.09 7.05 45.13
C ARG C 42 23.62 6.66 45.09
N ALA C 43 22.71 7.64 45.16
CA ALA C 43 21.27 7.44 45.05
C ALA C 43 20.86 7.18 43.60
N GLY C 44 21.64 7.70 42.66
CA GLY C 44 21.41 7.61 41.22
C GLY C 44 20.57 8.75 40.70
N LEU C 45 20.09 9.61 41.62
CA LEU C 45 19.20 10.72 41.33
C LEU C 45 19.40 11.79 42.39
N ALA C 46 19.38 13.07 41.98
CA ALA C 46 19.50 14.21 42.90
C ALA C 46 18.62 15.33 42.43
N LYS C 47 18.13 16.14 43.38
CA LYS C 47 17.31 17.32 43.10
C LYS C 47 18.13 18.56 43.33
N VAL C 48 18.03 19.53 42.42
CA VAL C 48 18.73 20.80 42.56
C VAL C 48 17.67 21.90 42.45
N VAL C 49 17.50 22.67 43.52
CA VAL C 49 16.55 23.78 43.55
C VAL C 49 17.35 25.04 43.16
N PRO C 50 17.06 25.69 42.00
CA PRO C 50 17.86 26.87 41.61
C PRO C 50 17.60 28.11 42.46
N PRO C 51 18.50 29.15 42.45
CA PRO C 51 18.20 30.37 43.24
C PRO C 51 16.91 31.03 42.78
N LYS C 52 16.13 31.59 43.73
CA LYS C 52 14.84 32.25 43.53
C LYS C 52 14.83 33.31 42.43
N GLU C 53 15.95 34.04 42.28
CA GLU C 53 16.13 35.10 41.28
C GLU C 53 16.22 34.56 39.84
N TRP C 54 16.67 33.29 39.68
CA TRP C 54 16.83 32.64 38.37
C TRP C 54 15.54 32.10 37.79
N LYS C 55 15.28 32.41 36.51
CA LYS C 55 14.13 31.98 35.72
C LYS C 55 14.61 31.74 34.27
N PRO C 56 14.27 30.58 33.63
CA PRO C 56 14.72 30.35 32.25
C PRO C 56 13.88 31.07 31.16
N ARG C 57 12.69 31.58 31.52
CA ARG C 57 11.75 32.26 30.62
C ARG C 57 10.82 33.15 31.44
N ALA C 58 10.41 34.30 30.89
CA ALA C 58 9.57 35.29 31.55
C ALA C 58 8.13 34.81 31.81
N SER C 59 7.51 34.17 30.79
CA SER C 59 6.16 33.62 30.88
C SER C 59 6.01 32.44 29.90
N TYR C 60 5.08 31.53 30.19
CA TYR C 60 4.77 30.40 29.33
C TYR C 60 3.38 30.57 28.67
N ASP C 61 2.86 31.81 28.62
CA ASP C 61 1.56 32.15 28.05
C ASP C 61 1.54 32.22 26.50
N ASP C 62 2.69 32.01 25.85
CA ASP C 62 2.88 32.12 24.40
C ASP C 62 3.21 30.81 23.68
N ILE C 63 2.97 29.66 24.31
CA ILE C 63 3.35 28.38 23.71
C ILE C 63 2.12 27.52 23.29
N ASP C 64 0.91 28.11 23.25
CA ASP C 64 -0.32 27.38 22.93
C ASP C 64 -0.34 26.73 21.55
N ASP C 65 0.27 27.40 20.55
CA ASP C 65 0.31 26.91 19.18
C ASP C 65 1.53 26.08 18.89
N LEU C 66 2.37 25.79 19.91
CA LEU C 66 3.56 24.94 19.77
C LEU C 66 3.05 23.54 19.40
N VAL C 67 3.64 22.95 18.33
CA VAL C 67 3.23 21.65 17.83
C VAL C 67 3.99 20.50 18.47
N ILE C 68 3.23 19.50 18.94
CA ILE C 68 3.70 18.24 19.50
C ILE C 68 3.53 17.30 18.28
N PRO C 69 4.61 17.00 17.54
CA PRO C 69 4.45 16.24 16.28
C PRO C 69 3.98 14.79 16.43
N ALA C 70 4.37 14.14 17.53
CA ALA C 70 4.03 12.74 17.72
C ALA C 70 3.53 12.43 19.14
N PRO C 71 2.30 12.83 19.52
CA PRO C 71 1.80 12.50 20.87
C PRO C 71 1.63 10.98 20.96
N ILE C 72 1.93 10.36 22.11
CA ILE C 72 1.77 8.91 22.20
C ILE C 72 0.73 8.54 23.27
N GLN C 73 -0.25 7.71 22.88
CA GLN C 73 -1.21 7.20 23.84
C GLN C 73 -0.48 6.04 24.54
N GLN C 74 -0.43 6.07 25.87
CA GLN C 74 0.30 5.08 26.65
C GLN C 74 -0.63 4.00 27.16
N LEU C 75 -0.57 2.85 26.51
CA LEU C 75 -1.37 1.70 26.85
C LEU C 75 -0.58 0.76 27.70
N VAL C 76 -1.06 0.47 28.88
CA VAL C 76 -0.38 -0.36 29.85
C VAL C 76 -1.17 -1.65 30.03
N THR C 77 -0.47 -2.77 29.93
CA THR C 77 -0.98 -4.11 30.13
C THR C 77 -0.18 -4.78 31.25
N GLY C 78 -0.89 -5.52 32.10
CA GLY C 78 -0.26 -6.19 33.21
C GLY C 78 -1.11 -6.30 34.46
N GLN C 79 -0.51 -6.88 35.51
CA GLN C 79 -1.12 -7.08 36.81
C GLN C 79 -0.08 -7.34 37.86
N SER C 80 -0.52 -7.36 39.13
CA SER C 80 0.32 -7.68 40.31
C SER C 80 1.65 -6.90 40.33
N GLY C 81 1.58 -5.60 40.01
CA GLY C 81 2.73 -4.71 40.03
C GLY C 81 3.73 -4.80 38.89
N LEU C 82 3.48 -5.65 37.88
CA LEU C 82 4.33 -5.83 36.68
C LEU C 82 3.55 -5.48 35.46
N PHE C 83 4.08 -4.54 34.65
CA PHE C 83 3.38 -4.02 33.49
C PHE C 83 4.27 -3.75 32.31
N THR C 84 3.66 -3.75 31.11
CA THR C 84 4.29 -3.42 29.85
C THR C 84 3.52 -2.28 29.26
N GLN C 85 4.26 -1.23 28.89
CA GLN C 85 3.72 -0.03 28.30
C GLN C 85 3.95 -0.04 26.79
N TYR C 86 2.87 0.15 26.04
CA TYR C 86 2.85 0.21 24.58
C TYR C 86 2.50 1.63 24.19
N ASN C 87 3.21 2.18 23.22
CA ASN C 87 2.93 3.53 22.75
C ASN C 87 2.17 3.47 21.42
N ILE C 88 1.10 4.25 21.32
CA ILE C 88 0.30 4.34 20.11
C ILE C 88 0.50 5.79 19.65
N GLN C 89 1.15 6.00 18.50
CA GLN C 89 1.38 7.34 17.99
C GLN C 89 0.10 7.91 17.46
N LYS C 90 -0.23 9.12 17.92
CA LYS C 90 -1.44 9.83 17.51
C LYS C 90 -1.04 10.96 16.57
N LYS C 91 -2.00 11.58 15.86
CA LYS C 91 -1.69 12.68 14.96
C LYS C 91 -1.22 13.92 15.75
N ALA C 92 -0.37 14.76 15.12
CA ALA C 92 0.16 15.99 15.70
C ALA C 92 -0.93 16.85 16.31
N MET C 93 -0.62 17.51 17.41
CA MET C 93 -1.55 18.41 18.10
C MET C 93 -0.81 19.56 18.71
N THR C 94 -1.51 20.62 19.05
CA THR C 94 -0.89 21.78 19.68
C THR C 94 -0.91 21.63 21.18
N VAL C 95 -0.15 22.51 21.88
CA VAL C 95 -0.10 22.53 23.33
C VAL C 95 -1.49 22.86 23.88
N ARG C 96 -2.25 23.73 23.15
CA ARG C 96 -3.61 24.13 23.47
C ARG C 96 -4.56 22.92 23.47
N GLU C 97 -4.55 22.10 22.40
CA GLU C 97 -5.40 20.91 22.28
C GLU C 97 -5.04 19.88 23.34
N PHE C 98 -3.72 19.71 23.59
CA PHE C 98 -3.20 18.79 24.60
C PHE C 98 -3.69 19.19 26.01
N ARG C 99 -3.56 20.46 26.38
CA ARG C 99 -3.99 21.02 27.66
C ARG C 99 -5.50 20.81 27.87
N LYS C 100 -6.33 20.99 26.80
CA LYS C 100 -7.78 20.80 26.85
C LYS C 100 -8.11 19.36 27.22
N ILE C 101 -7.42 18.38 26.58
CA ILE C 101 -7.58 16.96 26.88
C ILE C 101 -7.07 16.68 28.30
N ALA C 102 -5.88 17.21 28.68
CA ALA C 102 -5.24 17.02 29.99
C ALA C 102 -6.13 17.47 31.16
N ASN C 103 -6.85 18.59 30.96
CA ASN C 103 -7.70 19.18 31.99
C ASN C 103 -9.17 18.78 31.89
N SER C 104 -9.50 17.89 30.93
CA SER C 104 -10.87 17.41 30.77
C SER C 104 -11.26 16.48 31.93
N ASP C 105 -12.57 16.25 32.10
CA ASP C 105 -13.12 15.35 33.13
C ASP C 105 -12.56 13.96 32.98
N LYS C 106 -12.46 13.46 31.73
CA LYS C 106 -11.93 12.13 31.43
C LYS C 106 -10.48 11.93 31.89
N TYR C 107 -9.61 12.95 31.74
CA TYR C 107 -8.18 12.81 32.01
C TYR C 107 -7.56 13.60 33.16
N CYS C 108 -8.29 14.53 33.82
CA CYS C 108 -7.66 15.32 34.89
C CYS C 108 -7.26 14.48 36.11
N THR C 109 -6.37 15.04 36.93
CA THR C 109 -5.84 14.45 38.17
C THR C 109 -7.00 14.16 39.14
N PRO C 110 -6.98 13.01 39.86
CA PRO C 110 -8.04 12.77 40.84
C PRO C 110 -7.85 13.66 42.08
N ARG C 111 -8.92 13.80 42.91
CA ARG C 111 -8.84 14.56 44.15
C ARG C 111 -7.94 13.77 45.12
N TYR C 112 -7.04 14.45 45.86
CA TYR C 112 -6.13 13.77 46.79
C TYR C 112 -5.61 14.67 47.91
N SER C 113 -5.35 14.07 49.08
CA SER C 113 -4.82 14.75 50.26
C SER C 113 -3.28 14.72 50.25
N GLU C 114 -2.70 13.50 50.34
CA GLU C 114 -1.25 13.28 50.39
C GLU C 114 -0.73 12.59 49.13
N PHE C 115 0.57 12.73 48.80
CA PHE C 115 1.19 12.08 47.63
C PHE C 115 0.95 10.57 47.69
N GLU C 116 1.06 9.95 48.88
CA GLU C 116 0.86 8.52 49.09
C GLU C 116 -0.49 8.03 48.52
N GLU C 117 -1.55 8.89 48.62
CA GLU C 117 -2.90 8.65 48.09
C GLU C 117 -2.86 8.66 46.55
N LEU C 118 -2.19 9.68 45.97
CA LEU C 118 -2.07 9.80 44.51
C LEU C 118 -1.26 8.67 43.91
N GLU C 119 -0.16 8.26 44.60
CA GLU C 119 0.70 7.15 44.23
C GLU C 119 -0.10 5.85 44.20
N ARG C 120 -0.98 5.60 45.21
CA ARG C 120 -1.87 4.44 45.25
C ARG C 120 -2.83 4.43 44.07
N LYS C 121 -3.42 5.59 43.72
CA LYS C 121 -4.36 5.73 42.60
C LYS C 121 -3.67 5.45 41.29
N TYR C 122 -2.40 5.84 41.18
CA TYR C 122 -1.64 5.63 39.98
C TYR C 122 -1.40 4.13 39.76
N TRP C 123 -0.91 3.42 40.77
CA TRP C 123 -0.62 1.99 40.60
C TRP C 123 -1.91 1.12 40.48
N LYS C 124 -3.03 1.66 40.94
CA LYS C 124 -4.31 0.97 40.88
C LYS C 124 -4.98 1.22 39.53
N ASN C 125 -4.75 2.39 38.91
CA ASN C 125 -5.44 2.74 37.67
C ASN C 125 -4.60 2.90 36.42
N LEU C 126 -3.27 2.60 36.44
CA LEU C 126 -2.40 2.88 35.26
C LEU C 126 -2.79 2.10 33.99
N THR C 127 -3.53 0.99 34.13
CA THR C 127 -3.97 0.19 32.97
C THR C 127 -5.25 0.74 32.35
N PHE C 128 -6.01 1.59 33.06
CA PHE C 128 -7.31 2.13 32.61
C PHE C 128 -7.19 3.51 32.03
N ASN C 129 -8.16 3.91 31.17
N ASN C 129 -8.13 3.89 31.14
CA ASN C 129 -8.24 5.23 30.49
CA ASN C 129 -8.23 5.20 30.49
C ASN C 129 -6.84 5.70 30.01
C ASN C 129 -6.83 5.70 30.01
N PRO C 130 -6.20 5.03 29.00
CA PRO C 130 -4.83 5.41 28.58
C PRO C 130 -4.62 6.90 28.30
N PRO C 131 -3.64 7.54 28.97
CA PRO C 131 -3.44 8.98 28.74
C PRO C 131 -2.59 9.25 27.50
N ILE C 132 -2.45 10.53 27.13
CA ILE C 132 -1.62 10.93 25.98
C ILE C 132 -0.39 11.70 26.52
N TYR C 133 0.80 11.27 26.11
CA TYR C 133 2.06 11.88 26.51
C TYR C 133 2.61 12.64 25.34
N GLY C 134 2.83 13.94 25.50
CA GLY C 134 3.41 14.77 24.47
C GLY C 134 4.92 14.75 24.61
N ALA C 135 5.50 13.57 24.44
CA ALA C 135 6.92 13.27 24.66
C ALA C 135 7.82 13.48 23.47
N ASP C 136 9.13 13.62 23.76
CA ASP C 136 10.24 13.73 22.80
C ASP C 136 10.07 14.83 21.78
N VAL C 137 9.62 16.01 22.23
CA VAL C 137 9.42 17.14 21.30
C VAL C 137 10.78 17.85 21.21
N ASN C 138 11.34 17.96 20.04
CA ASN C 138 12.62 18.66 19.88
C ASN C 138 12.38 20.12 20.10
N GLY C 139 13.09 20.68 21.05
CA GLY C 139 12.93 22.09 21.34
C GLY C 139 13.29 22.43 22.74
N THR C 140 13.33 23.72 23.00
CA THR C 140 13.68 24.32 24.28
C THR C 140 12.68 25.43 24.61
N LEU C 141 12.49 25.69 25.91
CA LEU C 141 11.65 26.78 26.35
C LEU C 141 12.50 27.86 27.01
N TYR C 142 13.84 27.67 26.97
CA TYR C 142 14.75 28.67 27.51
C TYR C 142 14.79 29.86 26.56
N GLU C 143 15.03 31.04 27.12
CA GLU C 143 15.24 32.25 26.31
C GLU C 143 16.72 32.23 25.89
N LYS C 144 17.05 32.79 24.72
CA LYS C 144 18.41 32.78 24.15
C LYS C 144 19.53 33.28 25.11
N HIS C 145 19.24 34.34 25.88
CA HIS C 145 20.18 35.00 26.78
C HIS C 145 20.52 34.25 28.07
N VAL C 146 19.75 33.20 28.43
CA VAL C 146 19.95 32.44 29.68
C VAL C 146 21.26 31.62 29.63
N ASP C 147 22.24 32.01 30.44
CA ASP C 147 23.56 31.38 30.44
C ASP C 147 23.76 30.34 31.56
N GLU C 148 22.91 30.32 32.59
CA GLU C 148 23.08 29.37 33.68
C GLU C 148 22.19 28.17 33.48
N TRP C 149 22.80 26.95 33.55
CA TRP C 149 22.12 25.65 33.43
C TRP C 149 21.19 25.55 32.23
N ASN C 150 21.67 26.01 31.06
CA ASN C 150 20.90 25.95 29.85
C ASN C 150 20.98 24.55 29.27
N ILE C 151 19.91 23.78 29.44
CA ILE C 151 19.78 22.42 28.91
C ILE C 151 20.19 22.33 27.41
N GLY C 152 19.93 23.38 26.65
CA GLY C 152 20.29 23.42 25.23
C GLY C 152 21.77 23.54 24.93
N ARG C 153 22.59 23.98 25.91
CA ARG C 153 24.04 24.21 25.78
C ARG C 153 24.82 24.10 27.12
N LEU C 154 24.88 22.86 27.68
CA LEU C 154 25.57 22.63 28.95
C LEU C 154 27.11 22.67 28.86
N ARG C 155 27.66 22.45 27.66
CA ARG C 155 29.10 22.49 27.33
C ARG C 155 29.98 21.53 28.18
N THR C 156 29.53 20.30 28.38
CA THR C 156 30.27 19.22 29.08
C THR C 156 31.16 18.47 28.07
N ILE C 157 31.89 17.43 28.52
CA ILE C 157 32.75 16.64 27.63
C ILE C 157 31.94 15.82 26.60
N LEU C 158 30.60 15.69 26.77
CA LEU C 158 29.75 15.02 25.79
C LEU C 158 29.82 15.71 24.41
N ASP C 159 30.13 17.02 24.41
CA ASP C 159 30.32 17.86 23.22
C ASP C 159 31.44 17.38 22.28
N LEU C 160 32.33 16.46 22.74
CA LEU C 160 33.42 15.90 21.95
C LEU C 160 32.92 15.00 20.82
N VAL C 161 31.66 14.49 20.92
CA VAL C 161 31.04 13.66 19.89
C VAL C 161 30.79 14.55 18.64
N GLU C 162 30.09 15.69 18.81
CA GLU C 162 29.76 16.68 17.77
C GLU C 162 30.99 17.43 17.25
N LYS C 163 31.98 17.74 18.13
CA LYS C 163 33.22 18.45 17.77
C LYS C 163 34.07 17.76 16.69
N GLU C 164 34.07 16.40 16.69
CA GLU C 164 34.82 15.54 15.76
C GLU C 164 34.06 15.19 14.45
N SER C 165 32.71 14.89 14.51
CA SER C 165 31.92 14.44 13.34
C SER C 165 30.84 15.39 12.78
N GLY C 166 30.12 16.07 13.65
CA GLY C 166 29.00 16.92 13.27
C GLY C 166 27.70 16.24 13.66
N ILE C 167 27.73 14.87 13.70
CA ILE C 167 26.61 13.97 14.06
C ILE C 167 25.98 14.43 15.33
N THR C 168 24.73 14.91 15.26
CA THR C 168 24.00 15.43 16.42
C THR C 168 23.13 14.35 17.03
N GLY C 171 21.76 11.87 18.45
CA GLY C 171 20.64 12.77 18.66
C GLY C 171 20.37 13.19 20.11
N VAL C 172 21.10 12.59 21.10
CA VAL C 172 20.96 12.80 22.56
C VAL C 172 21.66 14.07 23.13
N ASN C 173 22.48 14.73 22.32
CA ASN C 173 23.19 15.94 22.67
C ASN C 173 22.38 17.19 22.23
N THR C 174 21.03 17.13 22.36
CA THR C 174 20.03 18.18 22.03
C THR C 174 18.87 18.20 23.06
N PRO C 175 18.18 19.34 23.33
CA PRO C 175 17.08 19.31 24.31
C PRO C 175 15.74 18.73 23.79
N TYR C 176 14.98 18.09 24.70
CA TYR C 176 13.66 17.55 24.39
C TYR C 176 12.64 18.06 25.38
N LEU C 177 11.43 18.36 24.91
CA LEU C 177 10.32 18.82 25.74
C LEU C 177 9.35 17.69 26.00
N TYR C 178 8.74 17.65 27.18
CA TYR C 178 7.77 16.62 27.57
C TYR C 178 6.50 17.24 28.12
N PHE C 179 5.41 17.11 27.40
CA PHE C 179 4.14 17.63 27.89
C PHE C 179 3.41 16.47 28.51
N GLY C 180 3.21 16.53 29.82
CA GLY C 180 2.55 15.46 30.54
C GLY C 180 1.12 15.75 30.92
N MET C 181 0.43 14.69 31.31
CA MET C 181 -0.92 14.74 31.86
C MET C 181 -0.95 13.69 32.94
N TRP C 182 -2.00 13.68 33.75
CA TRP C 182 -2.12 12.72 34.83
C TRP C 182 -1.92 11.30 34.30
N LYS C 183 -1.08 10.51 35.02
CA LYS C 183 -0.86 9.10 34.77
C LYS C 183 0.08 8.81 33.61
N THR C 184 0.66 9.84 32.95
CA THR C 184 1.66 9.58 31.92
C THR C 184 2.93 9.12 32.61
N SER C 185 3.67 8.16 32.04
CA SER C 185 4.80 7.55 32.73
C SER C 185 6.07 7.44 31.95
N PHE C 186 7.15 7.19 32.69
CA PHE C 186 8.44 6.82 32.12
C PHE C 186 8.81 5.54 32.85
N ALA C 187 8.97 4.50 32.09
CA ALA C 187 9.29 3.15 32.53
C ALA C 187 10.73 3.06 33.09
N TRP C 188 11.07 1.95 33.77
CA TRP C 188 12.40 1.70 34.34
C TRP C 188 13.48 1.71 33.28
N HIS C 189 14.51 2.54 33.46
CA HIS C 189 15.60 2.66 32.48
C HIS C 189 16.73 3.47 33.06
N THR C 190 17.88 3.38 32.39
CA THR C 190 19.05 4.21 32.61
C THR C 190 19.16 4.96 31.27
N GLU C 191 20.01 5.99 31.24
CA GLU C 191 20.19 6.79 30.04
C GLU C 191 20.90 6.06 28.94
N ASP C 192 20.76 6.55 27.71
CA ASP C 192 21.47 5.95 26.60
C ASP C 192 22.99 6.06 26.86
N MET C 193 23.73 4.96 26.64
CA MET C 193 25.17 4.85 26.87
C MET C 193 25.52 5.05 28.37
N ASP C 194 24.51 4.89 29.25
CA ASP C 194 24.60 5.07 30.70
C ASP C 194 25.12 6.49 31.07
N LEU C 195 24.65 7.50 30.31
CA LEU C 195 25.01 8.91 30.49
C LEU C 195 24.28 9.51 31.70
N TYR C 196 24.62 10.74 32.03
CA TYR C 196 23.88 11.46 33.04
C TYR C 196 22.70 12.08 32.29
N SER C 197 21.72 12.59 33.03
CA SER C 197 20.66 13.38 32.42
C SER C 197 20.28 14.53 33.33
N ILE C 198 19.72 15.58 32.74
CA ILE C 198 19.25 16.76 33.45
C ILE C 198 17.81 16.97 33.02
N ASN C 199 16.92 17.22 33.97
CA ASN C 199 15.50 17.41 33.69
C ASN C 199 14.99 18.60 34.47
N TYR C 200 14.45 19.59 33.76
CA TYR C 200 13.89 20.78 34.38
C TYR C 200 12.39 20.82 34.19
N LEU C 201 11.62 20.98 35.27
CA LEU C 201 10.18 21.07 35.17
C LEU C 201 9.79 22.54 35.02
N HIS C 202 9.48 22.97 33.77
CA HIS C 202 9.15 24.36 33.41
C HIS C 202 7.94 24.90 34.15
N PHE C 203 6.83 24.13 34.14
CA PHE C 203 5.59 24.53 34.81
C PHE C 203 4.68 23.34 35.00
N GLY C 204 3.58 23.59 35.71
CA GLY C 204 2.51 22.64 35.88
C GLY C 204 2.57 21.77 37.11
N GLU C 205 1.85 20.66 37.05
CA GLU C 205 1.75 19.70 38.14
C GLU C 205 3.03 18.92 38.35
N PRO C 206 3.30 18.40 39.57
CA PRO C 206 4.57 17.69 39.81
C PRO C 206 4.82 16.45 38.95
N LYS C 207 6.07 15.95 39.01
CA LYS C 207 6.51 14.73 38.39
C LYS C 207 7.15 13.90 39.51
N SER C 208 6.63 12.68 39.77
CA SER C 208 7.18 11.81 40.82
C SER C 208 8.16 10.84 40.20
N TRP C 209 9.26 10.57 40.92
CA TRP C 209 10.37 9.74 40.43
C TRP C 209 10.68 8.64 41.42
N TYR C 210 11.12 7.50 40.90
CA TYR C 210 11.65 6.38 41.67
C TYR C 210 13.05 6.18 41.16
N SER C 211 13.98 5.81 42.04
CA SER C 211 15.36 5.52 41.65
C SER C 211 15.92 4.34 42.40
N VAL C 212 16.78 3.58 41.72
CA VAL C 212 17.50 2.46 42.28
C VAL C 212 19.00 2.91 42.26
N PRO C 213 19.72 2.83 43.40
CA PRO C 213 21.15 3.24 43.40
C PRO C 213 21.97 2.47 42.37
N PRO C 214 22.90 3.12 41.62
CA PRO C 214 23.72 2.36 40.65
C PRO C 214 24.37 1.07 41.17
N GLU C 215 24.76 1.01 42.47
CA GLU C 215 25.35 -0.19 43.07
C GLU C 215 24.36 -1.37 43.21
N HIS C 216 23.06 -1.12 42.99
CA HIS C 216 22.03 -2.17 43.08
C HIS C 216 21.29 -2.38 41.76
N GLY C 217 21.70 -1.65 40.73
CA GLY C 217 21.10 -1.71 39.40
C GLY C 217 21.07 -3.08 38.75
N LYS C 218 22.14 -3.94 38.97
CA LYS C 218 22.26 -5.32 38.45
C LYS C 218 21.20 -6.24 39.07
N ARG C 219 20.80 -5.92 40.32
CA ARG C 219 19.74 -6.63 41.04
C ARG C 219 18.39 -6.29 40.41
N LEU C 220 18.17 -5.02 39.96
CA LEU C 220 16.91 -4.65 39.28
C LEU C 220 16.82 -5.38 37.92
N GLU C 221 17.95 -5.44 37.16
CA GLU C 221 18.06 -6.16 35.88
C GLU C 221 17.76 -7.65 36.03
N ARG C 222 18.29 -8.28 37.10
CA ARG C 222 18.06 -9.71 37.37
C ARG C 222 16.60 -9.95 37.68
N LEU C 223 15.97 -9.03 38.41
CA LEU C 223 14.56 -9.10 38.73
C LEU C 223 13.75 -9.04 37.45
N ALA C 224 13.99 -8.00 36.61
CA ALA C 224 13.29 -7.80 35.34
C ALA C 224 13.47 -8.97 34.41
N LYS C 225 14.68 -9.56 34.34
CA LYS C 225 14.96 -10.74 33.51
C LYS C 225 14.12 -11.93 33.95
N GLY C 226 14.03 -12.12 35.26
CA GLY C 226 13.23 -13.18 35.86
C GLY C 226 11.75 -13.07 35.55
N PHE C 227 11.22 -11.83 35.54
CA PHE C 227 9.81 -11.53 35.26
C PHE C 227 9.41 -11.54 33.81
N PHE C 228 10.30 -11.09 32.94
CA PHE C 228 10.05 -11.03 31.51
C PHE C 228 11.14 -11.83 30.80
N PRO C 229 11.14 -13.19 30.91
CA PRO C 229 12.22 -13.99 30.29
C PRO C 229 12.17 -14.06 28.77
N GLY C 230 10.99 -13.80 28.18
CA GLY C 230 10.81 -13.76 26.73
C GLY C 230 11.53 -12.56 26.16
N SER C 231 11.32 -11.39 26.78
CA SER C 231 11.93 -10.11 26.42
C SER C 231 13.46 -10.15 26.57
N ALA C 232 13.94 -10.79 27.68
CA ALA C 232 15.35 -10.97 28.02
C ALA C 232 16.08 -11.86 27.02
N GLN C 233 15.39 -12.88 26.46
CA GLN C 233 15.96 -13.79 25.46
C GLN C 233 16.13 -13.08 24.13
N SER C 234 15.16 -12.22 23.77
CA SER C 234 15.16 -11.46 22.51
C SER C 234 16.18 -10.32 22.49
N CYS C 235 16.45 -9.71 23.66
CA CYS C 235 17.36 -8.58 23.81
C CYS C 235 17.96 -8.59 25.22
N GLU C 236 19.31 -8.52 25.32
CA GLU C 236 20.00 -8.48 26.62
C GLU C 236 19.63 -7.21 27.41
N ALA C 237 19.58 -6.06 26.71
CA ALA C 237 19.24 -4.77 27.32
C ALA C 237 17.78 -4.31 27.06
N PHE C 238 16.79 -5.23 27.20
CA PHE C 238 15.39 -4.90 26.91
C PHE C 238 14.83 -3.74 27.77
N LEU C 239 15.41 -3.44 28.96
CA LEU C 239 14.96 -2.31 29.77
C LEU C 239 15.19 -0.98 29.03
N ARG C 240 16.13 -0.97 28.05
CA ARG C 240 16.41 0.19 27.17
C ARG C 240 15.20 0.54 26.32
N HIS C 241 14.28 -0.47 26.04
CA HIS C 241 13.05 -0.27 25.25
C HIS C 241 12.12 0.71 25.99
N LYS C 242 12.30 0.89 27.33
CA LYS C 242 11.55 1.80 28.20
C LYS C 242 10.05 1.47 28.16
N MET C 243 9.74 0.17 28.35
CA MET C 243 8.37 -0.34 28.33
C MET C 243 7.99 -1.03 29.64
N THR C 244 8.98 -1.23 30.54
CA THR C 244 8.78 -2.02 31.74
C THR C 244 8.50 -1.17 32.98
N LEU C 245 7.29 -1.33 33.58
CA LEU C 245 6.83 -0.68 34.79
C LEU C 245 6.75 -1.73 35.88
N ILE C 246 7.44 -1.48 37.01
CA ILE C 246 7.52 -2.33 38.19
C ILE C 246 7.15 -1.46 39.38
N SER C 247 6.07 -1.80 40.08
CA SER C 247 5.60 -0.99 41.22
C SER C 247 6.56 -0.98 42.43
N PRO C 248 6.61 0.10 43.26
CA PRO C 248 7.47 0.07 44.46
C PRO C 248 7.21 -1.13 45.39
N LEU C 249 5.94 -1.61 45.49
CA LEU C 249 5.58 -2.79 46.30
C LEU C 249 6.30 -4.06 45.85
N MET C 250 6.38 -4.24 44.53
CA MET C 250 7.06 -5.35 43.87
C MET C 250 8.58 -5.27 44.16
N LEU C 251 9.19 -4.04 44.10
CA LEU C 251 10.62 -3.84 44.43
C LEU C 251 10.91 -4.12 45.91
N LYS C 252 9.98 -3.74 46.79
CA LYS C 252 10.10 -3.94 48.24
C LYS C 252 10.02 -5.44 48.53
N LYS C 253 9.07 -6.15 47.88
CA LYS C 253 8.86 -7.58 48.01
C LYS C 253 10.13 -8.38 47.66
N TYR C 254 10.87 -7.94 46.63
CA TYR C 254 12.07 -8.64 46.18
C TYR C 254 13.38 -8.03 46.67
N GLY C 255 13.30 -7.19 47.69
CA GLY C 255 14.46 -6.58 48.33
C GLY C 255 15.31 -5.66 47.46
N ILE C 256 14.72 -5.02 46.45
CA ILE C 256 15.47 -4.08 45.61
C ILE C 256 15.46 -2.71 46.34
N PRO C 257 16.64 -2.16 46.75
CA PRO C 257 16.59 -0.85 47.44
C PRO C 257 16.25 0.24 46.45
N PHE C 258 15.39 1.16 46.86
CA PHE C 258 14.99 2.26 46.00
C PHE C 258 14.59 3.44 46.85
N ASP C 259 14.47 4.59 46.20
CA ASP C 259 14.00 5.80 46.87
C ASP C 259 13.02 6.51 45.93
N LYS C 260 12.23 7.42 46.49
CA LYS C 260 11.29 8.22 45.73
C LYS C 260 11.40 9.69 46.09
N VAL C 261 11.10 10.54 45.13
CA VAL C 261 11.12 11.99 45.26
C VAL C 261 10.10 12.61 44.29
N THR C 262 9.48 13.71 44.68
CA THR C 262 8.56 14.48 43.86
C THR C 262 9.25 15.76 43.40
N GLN C 263 9.28 15.98 42.09
CA GLN C 263 9.83 17.16 41.47
C GLN C 263 8.71 18.15 41.22
N GLU C 264 8.87 19.37 41.70
CA GLU C 264 7.84 20.40 41.50
C GLU C 264 8.31 21.42 40.51
N ALA C 265 7.36 22.21 39.95
CA ALA C 265 7.68 23.21 38.94
C ALA C 265 8.80 24.12 39.41
N GLY C 266 9.80 24.30 38.56
CA GLY C 266 10.96 25.13 38.84
C GLY C 266 12.16 24.41 39.44
N GLU C 267 12.12 23.06 39.50
CA GLU C 267 13.22 22.28 40.07
C GLU C 267 13.87 21.41 39.01
N PHE C 268 15.17 21.12 39.21
CA PHE C 268 15.99 20.25 38.36
C PHE C 268 16.16 18.87 39.00
N MET C 269 16.22 17.83 38.17
CA MET C 269 16.55 16.48 38.61
C MET C 269 17.76 16.07 37.80
N ILE C 270 18.76 15.49 38.46
CA ILE C 270 19.98 14.97 37.81
C ILE C 270 19.96 13.46 38.00
N THR C 271 20.14 12.71 36.90
CA THR C 271 20.28 11.25 36.95
C THR C 271 21.76 11.00 36.67
N PHE C 272 22.32 10.02 37.38
CA PHE C 272 23.72 9.68 37.33
C PHE C 272 23.95 8.41 36.52
N PRO C 273 25.18 8.21 35.95
CA PRO C 273 25.45 7.01 35.17
C PRO C 273 25.02 5.75 35.88
N TYR C 274 24.24 4.92 35.17
CA TYR C 274 23.73 3.62 35.59
C TYR C 274 22.72 3.72 36.74
N GLY C 275 22.10 4.89 36.88
CA GLY C 275 21.03 5.08 37.84
C GLY C 275 19.71 4.78 37.19
N TYR C 276 19.06 3.65 37.55
CA TYR C 276 17.73 3.30 37.03
C TYR C 276 16.66 4.19 37.63
N HIS C 277 15.80 4.75 36.80
CA HIS C 277 14.71 5.60 37.26
C HIS C 277 13.43 5.30 36.50
N ALA C 278 12.30 5.66 37.08
CA ALA C 278 10.94 5.53 36.55
C ALA C 278 10.09 6.57 37.26
N GLY C 279 8.89 6.79 36.80
CA GLY C 279 8.01 7.74 37.46
C GLY C 279 6.80 8.12 36.64
N PHE C 280 6.06 9.12 37.15
CA PHE C 280 4.81 9.56 36.50
C PHE C 280 4.53 11.01 36.77
N ASN C 281 3.68 11.59 35.90
CA ASN C 281 3.21 12.97 35.98
C ASN C 281 1.93 13.05 36.76
N HIS C 282 1.83 14.09 37.63
CA HIS C 282 0.63 14.30 38.46
C HIS C 282 -0.47 14.95 37.68
N GLY C 283 -0.13 15.66 36.63
CA GLY C 283 -1.13 16.34 35.84
C GLY C 283 -0.49 17.08 34.69
N PHE C 284 -1.19 18.10 34.17
CA PHE C 284 -0.67 18.88 33.06
C PHE C 284 0.61 19.60 33.43
N ASN C 285 1.68 19.32 32.68
CA ASN C 285 2.99 19.93 32.95
C ASN C 285 3.90 19.91 31.74
N CYS C 286 5.07 20.54 31.87
CA CYS C 286 6.09 20.57 30.83
C CYS C 286 7.49 20.52 31.39
N ALA C 287 8.34 19.59 30.90
CA ALA C 287 9.75 19.40 31.33
C ALA C 287 10.70 19.41 30.14
N GLU C 288 11.91 19.88 30.36
CA GLU C 288 12.96 19.91 29.35
C GLU C 288 14.11 19.01 29.82
N SER C 289 14.69 18.22 28.91
CA SER C 289 15.75 17.31 29.30
C SER C 289 16.79 17.14 28.23
N THR C 290 17.94 16.58 28.62
CA THR C 290 19.08 16.25 27.79
C THR C 290 20.06 15.39 28.57
N ASN C 291 21.08 14.85 27.86
CA ASN C 291 22.10 14.04 28.47
C ASN C 291 23.35 14.87 28.53
N PHE C 292 24.26 14.51 29.42
CA PHE C 292 25.55 15.17 29.58
C PHE C 292 26.53 14.16 30.16
N ALA C 293 27.82 14.52 30.24
CA ALA C 293 28.83 13.63 30.78
C ALA C 293 29.85 14.35 31.66
N THR C 294 30.65 13.57 32.37
CA THR C 294 31.79 14.00 33.18
C THR C 294 32.85 12.97 32.86
N ARG C 295 34.09 13.16 33.34
CA ARG C 295 35.21 12.20 33.16
C ARG C 295 34.86 10.79 33.68
N ARG C 296 34.09 10.73 34.78
CA ARG C 296 33.60 9.50 35.42
C ARG C 296 32.76 8.61 34.46
N TRP C 297 31.92 9.25 33.58
CA TRP C 297 31.07 8.57 32.61
C TRP C 297 31.82 7.69 31.63
N ILE C 298 33.05 8.08 31.25
CA ILE C 298 33.85 7.35 30.26
C ILE C 298 33.85 5.84 30.55
N GLU C 299 34.16 5.41 31.80
CA GLU C 299 34.18 3.99 32.09
C GLU C 299 32.80 3.32 31.99
N TYR C 300 31.71 4.10 32.18
CA TYR C 300 30.33 3.63 32.04
C TYR C 300 29.95 3.44 30.57
N GLY C 301 30.28 4.40 29.71
CA GLY C 301 30.04 4.30 28.27
C GLY C 301 30.71 3.09 27.65
N LYS C 302 32.00 2.86 27.99
CA LYS C 302 32.81 1.72 27.51
C LYS C 302 32.20 0.39 27.91
N GLN C 303 31.61 0.31 29.12
CA GLN C 303 31.05 -0.92 29.67
C GLN C 303 29.55 -1.12 29.50
N ALA C 304 28.81 -0.07 29.08
CA ALA C 304 27.34 -0.06 28.89
C ALA C 304 26.84 -1.22 28.01
N VAL C 305 25.82 -1.99 28.50
CA VAL C 305 25.19 -3.08 27.73
C VAL C 305 24.06 -2.44 26.93
N LEU C 306 24.13 -2.57 25.58
CA LEU C 306 23.24 -1.91 24.65
C LEU C 306 22.20 -2.80 24.02
N CYS C 307 21.08 -2.18 23.55
CA CYS C 307 19.97 -2.89 22.92
C CYS C 307 20.44 -3.55 21.62
N SER C 308 20.34 -4.89 21.60
CA SER C 308 20.77 -5.75 20.49
C SER C 308 19.70 -6.06 19.43
N CYS C 309 18.42 -5.67 19.67
CA CYS C 309 17.34 -6.01 18.75
C CYS C 309 16.85 -4.83 17.84
N ARG C 310 17.26 -3.59 18.12
CA ARG C 310 16.85 -2.44 17.30
N MET C 313 18.69 2.22 17.83
CA MET C 313 19.10 2.52 19.21
C MET C 313 20.33 3.44 19.25
N VAL C 314 20.39 4.32 20.27
CA VAL C 314 21.47 5.30 20.44
C VAL C 314 22.80 4.64 20.90
N LYS C 315 23.82 4.73 20.03
CA LYS C 315 25.16 4.22 20.28
C LYS C 315 26.19 5.33 20.00
N ILE C 316 27.13 5.54 20.92
CA ILE C 316 28.20 6.52 20.80
C ILE C 316 29.52 5.75 20.70
N SER C 317 30.39 6.11 19.74
CA SER C 317 31.72 5.50 19.61
C SER C 317 32.57 6.04 20.75
N MET C 318 33.15 5.13 21.55
CA MET C 318 33.93 5.51 22.72
C MET C 318 35.38 5.87 22.43
N ASP C 319 35.84 5.59 21.22
CA ASP C 319 37.20 5.84 20.75
C ASP C 319 37.73 7.25 21.07
N VAL C 320 36.93 8.29 20.75
CA VAL C 320 37.28 9.71 20.95
C VAL C 320 37.54 10.03 22.44
N PHE C 321 36.75 9.45 23.36
CA PHE C 321 36.89 9.66 24.81
C PHE C 321 38.09 8.91 25.38
N VAL C 322 38.27 7.65 24.95
CA VAL C 322 39.37 6.78 25.36
C VAL C 322 40.71 7.37 24.91
N ARG C 323 40.79 7.91 23.68
CA ARG C 323 42.02 8.54 23.16
C ARG C 323 42.40 9.80 23.96
N LYS C 324 41.42 10.66 24.27
CA LYS C 324 41.63 11.93 24.96
C LYS C 324 41.84 11.84 26.47
N PHE C 325 41.07 10.99 27.18
CA PHE C 325 41.11 10.94 28.64
C PHE C 325 41.79 9.71 29.25
N GLN C 326 41.97 8.64 28.46
CA GLN C 326 42.66 7.42 28.90
C GLN C 326 43.66 7.01 27.80
N PRO C 327 44.59 7.90 27.34
CA PRO C 327 45.49 7.49 26.25
C PRO C 327 46.32 6.25 26.53
N GLU C 328 46.71 6.06 27.81
CA GLU C 328 47.49 4.92 28.31
C GLU C 328 46.76 3.57 28.19
N ARG C 329 45.40 3.60 28.24
CA ARG C 329 44.56 2.40 28.17
C ARG C 329 43.98 2.14 26.76
N TYR C 330 44.22 3.05 25.79
CA TYR C 330 43.68 2.93 24.43
C TYR C 330 44.00 1.60 23.71
N LYS C 331 45.29 1.19 23.69
CA LYS C 331 45.74 -0.05 23.05
C LYS C 331 45.11 -1.28 23.73
N LEU C 332 45.15 -1.30 25.08
CA LEU C 332 44.59 -2.37 25.91
C LEU C 332 43.07 -2.54 25.66
N TRP C 333 42.32 -1.43 25.60
CA TRP C 333 40.88 -1.43 25.38
C TRP C 333 40.48 -1.87 23.96
N LYS C 334 41.19 -1.39 22.93
CA LYS C 334 40.91 -1.79 21.53
C LYS C 334 41.22 -3.27 21.28
N ALA C 335 42.17 -3.84 22.06
CA ALA C 335 42.58 -5.26 22.02
C ALA C 335 41.62 -6.16 22.84
N GLY C 336 40.71 -5.54 23.60
CA GLY C 336 39.74 -6.20 24.44
C GLY C 336 40.28 -6.66 25.80
N LYS C 337 41.48 -6.19 26.17
CA LYS C 337 42.18 -6.53 27.41
C LYS C 337 41.87 -5.58 28.59
N ASP C 338 40.90 -4.66 28.41
CA ASP C 338 40.50 -3.72 29.46
C ASP C 338 39.59 -4.40 30.50
N ASN C 339 40.18 -4.75 31.65
CA ASN C 339 39.51 -5.44 32.77
C ASN C 339 39.13 -4.50 33.93
N THR C 340 38.94 -3.19 33.64
CA THR C 340 38.55 -2.18 34.63
C THR C 340 37.18 -2.53 35.24
N VAL C 341 37.11 -2.47 36.58
CA VAL C 341 35.89 -2.72 37.34
C VAL C 341 35.42 -1.37 37.85
N ILE C 342 34.16 -1.00 37.54
CA ILE C 342 33.59 0.27 37.99
C ILE C 342 33.20 0.21 39.47
N ASP C 343 33.70 1.17 40.28
CA ASP C 343 33.29 1.37 41.66
C ASP C 343 32.25 2.51 41.61
N HIS C 344 30.99 2.18 41.83
CA HIS C 344 29.88 3.14 41.75
C HIS C 344 29.87 4.20 42.86
N THR C 345 30.65 4.00 43.94
CA THR C 345 30.67 4.93 45.07
C THR C 345 31.66 6.09 44.89
N LEU C 346 32.64 5.91 43.99
CA LEU C 346 33.66 6.92 43.72
C LEU C 346 33.12 8.16 43.01
N PRO C 347 33.49 9.37 43.47
CA PRO C 347 33.05 10.58 42.75
C PRO C 347 33.89 10.81 41.48
N THR C 348 33.46 11.75 40.63
CA THR C 348 34.14 12.12 39.40
C THR C 348 35.52 12.77 39.75
N PRO C 349 36.61 12.51 38.96
CA PRO C 349 37.91 13.13 39.30
C PRO C 349 37.89 14.65 39.52
N GLU C 350 36.91 15.34 38.87
CA GLU C 350 36.69 16.80 38.95
C GLU C 350 36.29 17.25 40.37
N ALA C 351 35.85 16.30 41.24
CA ALA C 351 35.42 16.54 42.62
C ALA C 351 36.59 16.71 43.59
N ALA C 352 37.84 16.44 43.13
CA ALA C 352 39.08 16.54 43.91
C ALA C 352 39.23 17.87 44.67
N GLU C 353 38.85 19.01 44.04
CA GLU C 353 38.92 20.36 44.63
C GLU C 353 38.03 20.54 45.87
N PHE C 354 36.97 19.71 45.99
CA PHE C 354 36.01 19.70 47.10
C PHE C 354 36.30 18.61 48.14
N LEU C 355 37.30 17.75 47.87
CA LEU C 355 37.69 16.65 48.76
C LEU C 355 39.09 16.89 49.34
N PRO D 11 -8.06 -4.33 -50.46
CA PRO D 11 -6.61 -4.52 -50.36
C PRO D 11 -6.38 -5.67 -49.38
N SER D 12 -5.97 -5.34 -48.15
CA SER D 12 -5.85 -6.27 -47.04
C SER D 12 -7.19 -6.23 -46.27
N ALA D 13 -8.20 -5.42 -46.78
CA ALA D 13 -9.52 -5.34 -46.15
C ALA D 13 -10.66 -6.03 -46.97
N ARG D 14 -10.28 -7.03 -47.83
CA ARG D 14 -11.23 -7.87 -48.57
C ARG D 14 -11.59 -9.06 -47.70
N ILE D 15 -12.82 -9.55 -47.83
CA ILE D 15 -13.29 -10.71 -47.02
C ILE D 15 -12.49 -11.95 -47.43
N MET D 16 -11.97 -12.68 -46.45
CA MET D 16 -11.17 -13.89 -46.73
C MET D 16 -11.97 -15.13 -46.33
N THR D 17 -11.72 -16.24 -47.02
CA THR D 17 -12.39 -17.53 -46.77
C THR D 17 -11.34 -18.52 -46.27
N PHE D 18 -11.65 -19.27 -45.21
CA PHE D 18 -10.72 -20.24 -44.63
C PHE D 18 -11.27 -21.61 -44.67
N TYR D 19 -10.40 -22.59 -44.95
CA TYR D 19 -10.75 -24.01 -45.06
C TYR D 19 -9.95 -24.83 -44.05
N PRO D 20 -10.27 -24.75 -42.73
CA PRO D 20 -9.48 -25.52 -41.75
C PRO D 20 -9.61 -27.03 -41.93
N THR D 21 -8.54 -27.75 -41.58
CA THR D 21 -8.53 -29.21 -41.54
C THR D 21 -9.23 -29.58 -40.22
N MET D 22 -9.59 -30.85 -40.05
CA MET D 22 -10.20 -31.32 -38.81
C MET D 22 -9.36 -30.97 -37.55
N GLU D 23 -8.02 -31.13 -37.62
CA GLU D 23 -7.08 -30.81 -36.54
C GLU D 23 -7.08 -29.31 -36.19
N GLU D 24 -7.04 -28.44 -37.24
CA GLU D 24 -7.06 -26.98 -37.10
C GLU D 24 -8.37 -26.48 -36.51
N PHE D 25 -9.49 -27.11 -36.95
CA PHE D 25 -10.88 -26.76 -36.60
C PHE D 25 -11.21 -27.01 -35.14
N ARG D 26 -10.64 -28.05 -34.51
CA ARG D 26 -10.92 -28.44 -33.12
C ARG D 26 -10.81 -27.29 -32.08
N ASN D 27 -9.77 -26.43 -32.15
CA ASN D 27 -9.63 -25.31 -31.20
C ASN D 27 -10.17 -23.99 -31.80
N PHE D 28 -11.37 -23.60 -31.37
CA PHE D 28 -12.06 -22.40 -31.83
C PHE D 28 -11.27 -21.13 -31.64
N SER D 29 -10.92 -20.80 -30.38
CA SER D 29 -10.17 -19.60 -30.01
C SER D 29 -8.80 -19.51 -30.67
N ARG D 30 -8.13 -20.67 -30.82
CA ARG D 30 -6.82 -20.73 -31.46
C ARG D 30 -7.01 -20.40 -32.93
N TYR D 31 -8.10 -20.89 -33.56
CA TYR D 31 -8.37 -20.63 -34.97
C TYR D 31 -8.71 -19.18 -35.23
N ILE D 32 -9.46 -18.51 -34.31
CA ILE D 32 -9.78 -17.08 -34.46
C ILE D 32 -8.47 -16.28 -34.41
N ALA D 33 -7.56 -16.65 -33.50
CA ALA D 33 -6.23 -16.02 -33.38
C ALA D 33 -5.43 -16.21 -34.68
N TYR D 34 -5.53 -17.42 -35.31
CA TYR D 34 -4.87 -17.72 -36.58
C TYR D 34 -5.41 -16.85 -37.72
N ILE D 35 -6.74 -16.75 -37.88
CA ILE D 35 -7.33 -15.98 -38.98
C ILE D 35 -6.98 -14.48 -38.84
N GLU D 36 -6.89 -13.93 -37.60
CA GLU D 36 -6.50 -12.54 -37.38
C GLU D 36 -5.02 -12.32 -37.77
N SER D 37 -4.15 -13.34 -37.54
CA SER D 37 -2.73 -13.31 -37.89
C SER D 37 -2.57 -13.20 -39.42
N GLN D 38 -3.59 -13.67 -40.17
CA GLN D 38 -3.65 -13.65 -41.64
C GLN D 38 -4.26 -12.34 -42.14
N GLY D 39 -4.75 -11.51 -41.24
CA GLY D 39 -5.37 -10.21 -41.54
C GLY D 39 -6.86 -10.20 -41.75
N ALA D 40 -7.56 -11.32 -41.44
CA ALA D 40 -9.02 -11.52 -41.59
C ALA D 40 -9.89 -10.42 -40.99
N HIS D 41 -9.52 -9.95 -39.78
CA HIS D 41 -10.24 -8.93 -39.02
C HIS D 41 -10.36 -7.57 -39.74
N ARG D 42 -9.45 -7.25 -40.68
CA ARG D 42 -9.47 -5.97 -41.39
C ARG D 42 -10.69 -5.73 -42.27
N ALA D 43 -11.27 -6.78 -42.82
CA ALA D 43 -12.47 -6.72 -43.64
C ALA D 43 -13.71 -6.51 -42.77
N GLY D 44 -13.63 -6.97 -41.51
CA GLY D 44 -14.69 -6.90 -40.52
C GLY D 44 -15.56 -8.14 -40.56
N LEU D 45 -15.28 -9.04 -41.53
CA LEU D 45 -16.07 -10.22 -41.78
C LEU D 45 -15.19 -11.28 -42.44
N ALA D 46 -15.33 -12.55 -42.05
CA ALA D 46 -14.60 -13.67 -42.64
C ALA D 46 -15.53 -14.87 -42.77
N LYS D 47 -15.29 -15.69 -43.80
CA LYS D 47 -16.01 -16.94 -43.98
C LYS D 47 -15.11 -18.11 -43.59
N VAL D 48 -15.68 -19.08 -42.88
CA VAL D 48 -14.95 -20.28 -42.47
C VAL D 48 -15.75 -21.48 -42.96
N VAL D 49 -15.17 -22.25 -43.87
CA VAL D 49 -15.81 -23.46 -44.39
C VAL D 49 -15.31 -24.63 -43.52
N PRO D 50 -16.19 -25.33 -42.76
CA PRO D 50 -15.70 -26.42 -41.90
C PRO D 50 -15.29 -27.67 -42.66
N PRO D 51 -14.51 -28.61 -42.06
CA PRO D 51 -14.17 -29.86 -42.79
C PRO D 51 -15.45 -30.64 -43.13
N LYS D 52 -15.47 -31.27 -44.32
CA LYS D 52 -16.56 -32.07 -44.88
C LYS D 52 -17.11 -33.12 -43.93
N GLU D 53 -16.23 -33.73 -43.11
CA GLU D 53 -16.58 -34.77 -42.13
C GLU D 53 -17.39 -34.23 -40.94
N TRP D 54 -17.28 -32.93 -40.63
CA TRP D 54 -17.96 -32.28 -39.51
C TRP D 54 -19.38 -31.87 -39.84
N LYS D 55 -20.32 -32.20 -38.93
CA LYS D 55 -21.74 -31.88 -39.01
C LYS D 55 -22.25 -31.56 -37.58
N PRO D 56 -22.98 -30.45 -37.34
CA PRO D 56 -23.45 -30.15 -35.98
C PRO D 56 -24.71 -30.92 -35.54
N ARG D 57 -25.45 -31.48 -36.50
CA ARG D 57 -26.68 -32.24 -36.28
C ARG D 57 -26.71 -33.34 -37.33
N ALA D 58 -27.40 -34.42 -37.05
CA ALA D 58 -27.46 -35.55 -37.98
C ALA D 58 -28.47 -35.34 -39.10
N SER D 59 -29.62 -34.69 -38.78
CA SER D 59 -30.72 -34.40 -39.72
C SER D 59 -31.58 -33.27 -39.15
N TYR D 60 -32.20 -32.49 -40.03
CA TYR D 60 -33.09 -31.39 -39.65
C TYR D 60 -34.56 -31.76 -39.95
N ASP D 61 -34.86 -33.07 -40.07
CA ASP D 61 -36.21 -33.59 -40.37
C ASP D 61 -37.19 -33.56 -39.19
N ASP D 62 -36.72 -33.18 -38.00
CA ASP D 62 -37.48 -33.19 -36.75
C ASP D 62 -37.76 -31.81 -36.13
N ILE D 63 -37.63 -30.73 -36.90
CA ILE D 63 -37.80 -29.39 -36.34
C ILE D 63 -39.06 -28.64 -36.87
N ASP D 64 -39.98 -29.33 -37.58
CA ASP D 64 -41.20 -28.70 -38.11
C ASP D 64 -42.14 -28.15 -37.03
N ASP D 65 -42.18 -28.78 -35.85
CA ASP D 65 -43.03 -28.38 -34.73
C ASP D 65 -42.36 -27.38 -33.80
N LEU D 66 -41.12 -26.94 -34.13
CA LEU D 66 -40.39 -25.97 -33.34
C LEU D 66 -41.16 -24.62 -33.47
N VAL D 67 -41.43 -23.98 -32.32
CA VAL D 67 -42.15 -22.72 -32.22
C VAL D 67 -41.22 -21.51 -32.34
N ILE D 68 -41.63 -20.56 -33.19
CA ILE D 68 -41.01 -19.26 -33.39
C ILE D 68 -41.93 -18.33 -32.57
N PRO D 69 -41.53 -17.95 -31.35
CA PRO D 69 -42.46 -17.21 -30.47
C PRO D 69 -42.85 -15.79 -30.93
N ALA D 70 -41.95 -15.10 -31.64
CA ALA D 70 -42.22 -13.73 -32.06
C ALA D 70 -41.78 -13.44 -33.50
N PRO D 71 -42.50 -13.95 -34.52
CA PRO D 71 -42.10 -13.65 -35.91
C PRO D 71 -42.30 -12.16 -36.17
N ILE D 72 -41.43 -11.55 -36.99
CA ILE D 72 -41.55 -10.13 -37.27
C ILE D 72 -41.81 -9.90 -38.75
N GLN D 73 -42.83 -9.08 -39.07
CA GLN D 73 -43.06 -8.67 -40.44
C GLN D 73 -42.16 -7.45 -40.65
N GLN D 74 -41.32 -7.50 -41.68
CA GLN D 74 -40.34 -6.43 -41.95
C GLN D 74 -40.83 -5.45 -42.97
N LEU D 75 -41.29 -4.30 -42.50
CA LEU D 75 -41.80 -3.24 -43.34
C LEU D 75 -40.72 -2.23 -43.60
N VAL D 76 -40.42 -1.99 -44.86
CA VAL D 76 -39.35 -1.11 -45.27
C VAL D 76 -39.96 0.07 -45.99
N THR D 77 -39.52 1.27 -45.60
CA THR D 77 -39.91 2.53 -46.17
C THR D 77 -38.66 3.29 -46.60
N GLY D 78 -38.74 3.93 -47.76
CA GLY D 78 -37.63 4.72 -48.27
C GLY D 78 -37.52 4.74 -49.78
N GLN D 79 -36.44 5.39 -50.25
CA GLN D 79 -36.14 5.54 -51.68
C GLN D 79 -34.68 5.90 -51.86
N SER D 80 -34.24 5.91 -53.11
CA SER D 80 -32.90 6.29 -53.53
C SER D 80 -31.80 5.63 -52.70
N GLY D 81 -31.94 4.35 -52.43
CA GLY D 81 -30.94 3.60 -51.67
C GLY D 81 -30.90 3.74 -50.16
N LEU D 82 -31.78 4.56 -49.57
CA LEU D 82 -31.87 4.81 -48.12
C LEU D 82 -33.22 4.37 -47.63
N PHE D 83 -33.22 3.50 -46.62
CA PHE D 83 -34.44 2.92 -46.10
C PHE D 83 -34.45 2.77 -44.60
N THR D 84 -35.68 2.71 -44.04
CA THR D 84 -35.93 2.45 -42.63
C THR D 84 -36.80 1.21 -42.57
N GLN D 85 -36.36 0.24 -41.77
CA GLN D 85 -37.06 -1.00 -41.56
C GLN D 85 -37.80 -0.95 -40.20
N TYR D 86 -39.10 -1.25 -40.23
CA TYR D 86 -39.97 -1.32 -39.09
C TYR D 86 -40.35 -2.77 -38.87
N ASN D 87 -40.30 -3.24 -37.64
CA ASN D 87 -40.69 -4.62 -37.33
C ASN D 87 -42.08 -4.62 -36.69
N ILE D 88 -42.95 -5.49 -37.20
CA ILE D 88 -44.32 -5.65 -36.72
C ILE D 88 -44.31 -7.06 -36.13
N GLN D 89 -44.48 -7.19 -34.80
CA GLN D 89 -44.48 -8.51 -34.17
C GLN D 89 -45.78 -9.20 -34.48
N LYS D 90 -45.70 -10.43 -34.97
CA LYS D 90 -46.86 -11.24 -35.31
C LYS D 90 -47.04 -12.34 -34.24
N LYS D 91 -48.19 -13.02 -34.24
CA LYS D 91 -48.38 -14.11 -33.27
C LYS D 91 -47.45 -15.30 -33.54
N ALA D 92 -47.10 -16.08 -32.50
CA ALA D 92 -46.24 -17.25 -32.60
C ALA D 92 -46.69 -18.20 -33.71
N MET D 93 -45.73 -18.85 -34.33
CA MET D 93 -46.00 -19.84 -35.39
C MET D 93 -44.97 -20.96 -35.37
N THR D 94 -45.33 -22.13 -35.90
CA THR D 94 -44.38 -23.23 -36.01
C THR D 94 -43.46 -23.01 -37.23
N VAL D 95 -42.34 -23.76 -37.28
CA VAL D 95 -41.42 -23.80 -38.40
C VAL D 95 -42.15 -24.37 -39.67
N ARG D 96 -43.12 -25.28 -39.47
CA ARG D 96 -43.98 -25.83 -40.53
C ARG D 96 -44.87 -24.71 -41.16
N GLU D 97 -45.54 -23.90 -40.30
CA GLU D 97 -46.40 -22.76 -40.70
C GLU D 97 -45.58 -21.69 -41.44
N PHE D 98 -44.35 -21.43 -40.97
CA PHE D 98 -43.37 -20.48 -41.51
C PHE D 98 -42.88 -20.93 -42.90
N ARG D 99 -42.46 -22.21 -43.02
CA ARG D 99 -41.95 -22.80 -44.27
C ARG D 99 -43.03 -22.73 -45.38
N LYS D 100 -44.32 -22.97 -45.02
CA LYS D 100 -45.45 -22.90 -45.96
C LYS D 100 -45.58 -21.50 -46.56
N ILE D 101 -45.50 -20.46 -45.70
CA ILE D 101 -45.54 -19.06 -46.11
C ILE D 101 -44.28 -18.73 -46.93
N ALA D 102 -43.08 -19.11 -46.44
CA ALA D 102 -41.80 -18.86 -47.12
C ALA D 102 -41.78 -19.42 -48.57
N ASN D 103 -42.34 -20.61 -48.77
CA ASN D 103 -42.34 -21.28 -50.09
C ASN D 103 -43.57 -20.98 -50.93
N SER D 104 -44.47 -20.13 -50.44
CA SER D 104 -45.71 -19.77 -51.14
C SER D 104 -45.42 -18.83 -52.32
N ASP D 105 -46.33 -18.76 -53.32
CA ASP D 105 -46.19 -17.90 -54.49
C ASP D 105 -45.95 -16.44 -54.11
N LYS D 106 -46.66 -15.96 -53.08
CA LYS D 106 -46.57 -14.59 -52.59
C LYS D 106 -45.17 -14.22 -52.09
N TYR D 107 -44.47 -15.16 -51.40
CA TYR D 107 -43.19 -14.89 -50.75
C TYR D 107 -41.96 -15.62 -51.28
N CYS D 108 -42.10 -16.57 -52.19
CA CYS D 108 -40.95 -17.35 -52.64
C CYS D 108 -39.89 -16.54 -53.39
N THR D 109 -38.66 -17.09 -53.47
CA THR D 109 -37.52 -16.50 -54.16
C THR D 109 -37.86 -16.34 -55.64
N PRO D 110 -37.51 -15.19 -56.28
CA PRO D 110 -37.77 -15.06 -57.73
C PRO D 110 -36.82 -15.94 -58.54
N ARG D 111 -37.15 -16.20 -59.82
CA ARG D 111 -36.28 -16.95 -60.73
C ARG D 111 -35.04 -16.08 -61.00
N TYR D 112 -33.84 -16.68 -61.01
CA TYR D 112 -32.59 -15.92 -61.24
C TYR D 112 -31.45 -16.77 -61.76
N SER D 113 -30.56 -16.14 -62.56
CA SER D 113 -29.39 -16.78 -63.16
C SER D 113 -28.18 -16.62 -62.22
N GLU D 114 -27.73 -15.37 -61.99
CA GLU D 114 -26.56 -15.05 -61.16
C GLU D 114 -26.97 -14.29 -59.89
N PHE D 115 -26.09 -14.28 -58.86
N PHE D 115 -26.09 -14.28 -58.85
CA PHE D 115 -26.33 -13.55 -57.61
CA PHE D 115 -26.31 -13.58 -57.58
C PHE D 115 -26.66 -12.09 -57.91
C PHE D 115 -26.44 -12.05 -57.73
N GLU D 116 -25.90 -11.48 -58.83
CA GLU D 116 -26.00 -10.07 -59.19
C GLU D 116 -27.45 -9.70 -59.57
N GLU D 117 -28.18 -10.65 -60.20
CA GLU D 117 -29.58 -10.54 -60.62
C GLU D 117 -30.48 -10.52 -59.38
N LEU D 118 -30.23 -11.42 -58.42
CA LEU D 118 -31.00 -11.51 -57.19
C LEU D 118 -30.73 -10.31 -56.25
N GLU D 119 -29.49 -9.78 -56.25
CA GLU D 119 -29.10 -8.59 -55.50
C GLU D 119 -29.86 -7.37 -56.06
N ARG D 120 -29.98 -7.28 -57.41
CA ARG D 120 -30.75 -6.20 -58.06
C ARG D 120 -32.23 -6.28 -57.69
N LYS D 121 -32.79 -7.51 -57.64
CA LYS D 121 -34.20 -7.71 -57.31
C LYS D 121 -34.47 -7.32 -55.85
N TYR D 122 -33.54 -7.61 -54.95
CA TYR D 122 -33.70 -7.31 -53.54
C TYR D 122 -33.77 -5.79 -53.33
N TRP D 123 -32.77 -5.05 -53.85
CA TRP D 123 -32.70 -3.61 -53.74
C TRP D 123 -33.83 -2.89 -54.47
N LYS D 124 -34.42 -3.50 -55.50
CA LYS D 124 -35.51 -2.90 -56.27
C LYS D 124 -36.86 -3.19 -55.59
N ASN D 125 -36.98 -4.34 -54.90
CA ASN D 125 -38.25 -4.75 -54.32
C ASN D 125 -38.34 -4.80 -52.80
N LEU D 126 -37.31 -4.37 -52.07
CA LEU D 126 -37.34 -4.55 -50.61
C LEU D 126 -38.46 -3.83 -49.91
N THR D 127 -39.06 -2.79 -50.53
CA THR D 127 -40.17 -2.06 -49.90
C THR D 127 -41.54 -2.66 -50.22
N PHE D 128 -41.59 -3.67 -51.11
CA PHE D 128 -42.85 -4.31 -51.51
C PHE D 128 -43.02 -5.65 -50.84
N ASN D 129 -44.29 -6.11 -50.69
CA ASN D 129 -44.66 -7.41 -50.12
C ASN D 129 -43.84 -7.75 -48.84
N PRO D 130 -44.01 -7.02 -47.71
CA PRO D 130 -43.17 -7.26 -46.52
C PRO D 130 -43.07 -8.72 -46.06
N PRO D 131 -41.85 -9.29 -45.95
CA PRO D 131 -41.74 -10.70 -45.57
C PRO D 131 -41.81 -10.88 -44.06
N ILE D 132 -41.87 -12.13 -43.60
CA ILE D 132 -41.84 -12.47 -42.16
C ILE D 132 -40.50 -13.11 -41.83
N TYR D 133 -39.83 -12.59 -40.80
CA TYR D 133 -38.54 -13.07 -40.34
C TYR D 133 -38.77 -13.77 -39.02
N GLY D 134 -38.41 -15.04 -38.95
CA GLY D 134 -38.52 -15.82 -37.72
C GLY D 134 -37.25 -15.64 -36.93
N ALA D 135 -36.99 -14.40 -36.51
CA ALA D 135 -35.75 -14.00 -35.85
C ALA D 135 -35.76 -14.15 -34.33
N ASP D 136 -34.55 -14.18 -33.76
CA ASP D 136 -34.27 -14.17 -32.31
C ASP D 136 -34.95 -15.29 -31.54
N VAL D 137 -34.97 -16.50 -32.10
CA VAL D 137 -35.57 -17.64 -31.36
C VAL D 137 -34.44 -18.18 -30.46
N ASN D 138 -34.65 -18.22 -29.15
CA ASN D 138 -33.67 -18.78 -28.20
C ASN D 138 -33.56 -20.28 -28.44
N GLY D 139 -32.34 -20.73 -28.70
CA GLY D 139 -32.12 -22.14 -28.92
C GLY D 139 -30.95 -22.45 -29.80
N THR D 140 -30.70 -23.73 -29.90
CA THR D 140 -29.62 -24.30 -30.69
C THR D 140 -30.13 -25.49 -31.48
N LEU D 141 -29.48 -25.77 -32.62
CA LEU D 141 -29.77 -26.96 -33.42
C LEU D 141 -28.61 -27.95 -33.34
N TYR D 142 -27.58 -27.63 -32.52
CA TYR D 142 -26.41 -28.50 -32.31
C TYR D 142 -26.82 -29.65 -31.41
N GLU D 143 -26.27 -30.84 -31.69
CA GLU D 143 -26.51 -32.00 -30.82
C GLU D 143 -25.57 -31.74 -29.68
N LYS D 144 -26.03 -31.98 -28.47
CA LYS D 144 -25.31 -31.72 -27.22
C LYS D 144 -23.86 -32.19 -27.21
N HIS D 145 -23.55 -33.36 -27.80
CA HIS D 145 -22.20 -33.96 -27.83
C HIS D 145 -21.15 -33.28 -28.75
N VAL D 146 -21.59 -32.38 -29.66
CA VAL D 146 -20.72 -31.67 -30.61
C VAL D 146 -19.78 -30.68 -29.87
N ASP D 147 -18.48 -30.98 -29.87
CA ASP D 147 -17.47 -30.19 -29.16
C ASP D 147 -16.75 -29.15 -30.02
N GLU D 148 -16.81 -29.29 -31.35
CA GLU D 148 -16.15 -28.33 -32.25
C GLU D 148 -17.10 -27.22 -32.67
N TRP D 149 -16.70 -25.94 -32.44
CA TRP D 149 -17.41 -24.73 -32.85
C TRP D 149 -18.88 -24.75 -32.45
N ASN D 150 -19.16 -25.24 -31.24
CA ASN D 150 -20.51 -25.29 -30.73
C ASN D 150 -20.87 -23.91 -30.22
N ILE D 151 -21.70 -23.21 -31.01
CA ILE D 151 -22.19 -21.86 -30.77
C ILE D 151 -22.78 -21.72 -29.35
N GLY D 152 -23.48 -22.75 -28.87
CA GLY D 152 -24.06 -22.78 -27.54
C GLY D 152 -23.05 -22.74 -26.42
N ARG D 153 -21.76 -23.12 -26.72
CA ARG D 153 -20.67 -23.14 -25.72
C ARG D 153 -19.27 -22.98 -26.34
N LEU D 154 -18.97 -21.77 -26.83
CA LEU D 154 -17.67 -21.50 -27.47
C LEU D 154 -16.48 -21.41 -26.48
N ARG D 155 -16.78 -21.16 -25.20
CA ARG D 155 -15.85 -21.06 -24.08
C ARG D 155 -14.75 -19.98 -24.26
N THR D 156 -15.13 -18.79 -24.76
CA THR D 156 -14.24 -17.64 -24.90
C THR D 156 -14.26 -16.82 -23.57
N ILE D 157 -13.49 -15.71 -23.51
CA ILE D 157 -13.45 -14.86 -22.31
C ILE D 157 -14.80 -14.14 -22.04
N LEU D 158 -15.73 -14.13 -23.03
CA LEU D 158 -17.06 -13.55 -22.84
C LEU D 158 -17.83 -14.27 -21.72
N ASP D 159 -17.46 -15.54 -21.45
CA ASP D 159 -18.05 -16.38 -20.41
C ASP D 159 -17.89 -15.81 -18.98
N LEU D 160 -16.99 -14.81 -18.81
CA LEU D 160 -16.76 -14.13 -17.54
C LEU D 160 -17.95 -13.27 -17.09
N VAL D 161 -18.87 -12.93 -18.01
CA VAL D 161 -20.09 -12.16 -17.71
C VAL D 161 -21.03 -13.05 -16.85
N GLU D 162 -21.34 -14.28 -17.32
CA GLU D 162 -22.19 -15.27 -16.65
C GLU D 162 -21.49 -15.85 -15.42
N GLY D 171 -29.59 -12.52 -22.39
CA GLY D 171 -28.19 -12.90 -22.47
C GLY D 171 -27.63 -12.67 -23.86
N VAL D 172 -26.28 -12.52 -23.97
CA VAL D 172 -25.51 -12.29 -25.21
C VAL D 172 -24.50 -13.43 -25.47
N ASN D 173 -24.40 -14.32 -24.48
CA ASN D 173 -23.60 -15.54 -24.45
C ASN D 173 -24.46 -16.75 -24.86
N THR D 174 -25.76 -16.52 -25.12
CA THR D 174 -26.67 -17.61 -25.48
C THR D 174 -26.94 -17.67 -27.02
N PRO D 175 -27.20 -18.87 -27.59
CA PRO D 175 -27.46 -18.94 -29.04
C PRO D 175 -28.87 -18.51 -29.46
N TYR D 176 -28.98 -17.95 -30.65
CA TYR D 176 -30.25 -17.54 -31.25
C TYR D 176 -30.39 -18.14 -32.63
N LEU D 177 -31.61 -18.62 -32.96
CA LEU D 177 -31.99 -19.16 -34.27
C LEU D 177 -32.74 -18.12 -35.08
N TYR D 178 -32.50 -18.12 -36.36
CA TYR D 178 -33.06 -17.19 -37.34
C TYR D 178 -33.60 -17.99 -38.50
N PHE D 179 -34.92 -17.96 -38.67
CA PHE D 179 -35.61 -18.62 -39.79
C PHE D 179 -35.93 -17.55 -40.82
N GLY D 180 -35.26 -17.64 -41.96
CA GLY D 180 -35.41 -16.63 -43.01
C GLY D 180 -36.29 -17.04 -44.14
N MET D 181 -36.69 -16.04 -44.91
CA MET D 181 -37.41 -16.24 -46.18
C MET D 181 -36.84 -15.21 -47.13
N TRP D 182 -37.18 -15.30 -48.41
CA TRP D 182 -36.68 -14.35 -49.40
C TRP D 182 -36.95 -12.92 -48.97
N LYS D 183 -35.92 -12.08 -49.08
CA LYS D 183 -35.98 -10.65 -48.85
C LYS D 183 -35.99 -10.26 -47.37
N THR D 184 -35.85 -11.22 -46.43
CA THR D 184 -35.73 -10.85 -45.01
C THR D 184 -34.34 -10.28 -44.83
N SER D 185 -34.18 -9.24 -44.03
CA SER D 185 -32.82 -8.66 -44.00
C SER D 185 -32.40 -8.18 -42.62
N PHE D 186 -31.10 -8.01 -42.46
CA PHE D 186 -30.52 -7.42 -41.23
C PHE D 186 -29.95 -6.07 -41.66
N ALA D 187 -30.32 -5.01 -40.93
CA ALA D 187 -29.87 -3.64 -41.23
C ALA D 187 -28.43 -3.40 -40.79
N TRP D 188 -27.83 -2.31 -41.27
CA TRP D 188 -26.46 -1.94 -40.90
C TRP D 188 -26.27 -1.83 -39.43
N HIS D 189 -25.30 -2.57 -38.89
CA HIS D 189 -25.04 -2.55 -37.43
C HIS D 189 -23.72 -3.24 -37.14
N THR D 190 -23.23 -3.01 -35.94
CA THR D 190 -22.13 -3.71 -35.32
C THR D 190 -22.80 -4.53 -34.21
N GLU D 191 -22.05 -5.42 -33.59
CA GLU D 191 -22.58 -6.23 -32.52
C GLU D 191 -22.77 -5.43 -31.24
N ASP D 192 -23.61 -5.94 -30.34
CA ASP D 192 -23.78 -5.26 -29.06
C ASP D 192 -22.42 -5.26 -28.33
N MET D 193 -22.08 -4.10 -27.76
CA MET D 193 -20.81 -3.85 -27.05
C MET D 193 -19.59 -4.00 -27.99
N ASP D 194 -19.86 -3.94 -29.32
CA ASP D 194 -18.88 -4.09 -30.40
C ASP D 194 -18.12 -5.45 -30.30
N LEU D 195 -18.85 -6.51 -29.95
CA LEU D 195 -18.33 -7.86 -29.78
C LEU D 195 -18.12 -8.54 -31.15
N TYR D 196 -17.55 -9.73 -31.13
CA TYR D 196 -17.45 -10.52 -32.35
C TYR D 196 -18.78 -11.27 -32.43
N SER D 197 -19.08 -11.86 -33.59
CA SER D 197 -20.21 -12.76 -33.73
C SER D 197 -19.88 -13.92 -34.59
N ILE D 198 -20.59 -15.02 -34.38
CA ILE D 198 -20.44 -16.25 -35.16
C ILE D 198 -21.81 -16.60 -35.68
N ASN D 199 -21.89 -16.92 -36.96
CA ASN D 199 -23.15 -17.24 -37.61
C ASN D 199 -22.99 -18.49 -38.41
N TYR D 200 -23.75 -19.53 -38.10
CA TYR D 200 -23.71 -20.77 -38.87
C TYR D 200 -25.03 -20.96 -39.63
N LEU D 201 -24.93 -21.20 -40.94
CA LEU D 201 -26.13 -21.47 -41.73
C LEU D 201 -26.41 -22.99 -41.73
N HIS D 202 -27.37 -23.43 -40.92
CA HIS D 202 -27.73 -24.84 -40.74
C HIS D 202 -28.19 -25.50 -42.03
N PHE D 203 -29.15 -24.88 -42.73
CA PHE D 203 -29.69 -25.40 -43.98
C PHE D 203 -30.40 -24.29 -44.75
N GLY D 204 -30.84 -24.64 -45.95
CA GLY D 204 -31.66 -23.81 -46.81
C GLY D 204 -30.91 -22.94 -47.79
N GLU D 205 -31.61 -21.91 -48.26
CA GLU D 205 -31.10 -20.98 -49.24
C GLU D 205 -30.01 -20.06 -48.67
N PRO D 206 -29.10 -19.54 -49.52
CA PRO D 206 -28.01 -18.68 -48.99
C PRO D 206 -28.44 -17.41 -48.23
N LYS D 207 -27.44 -16.78 -47.57
CA LYS D 207 -27.57 -15.50 -46.88
C LYS D 207 -26.46 -14.62 -47.44
N SER D 208 -26.80 -13.47 -48.04
CA SER D 208 -25.81 -12.53 -48.59
C SER D 208 -25.46 -11.45 -47.56
N TRP D 209 -24.19 -11.08 -47.45
CA TRP D 209 -23.67 -10.12 -46.47
C TRP D 209 -22.91 -9.02 -47.12
N TYR D 210 -22.94 -7.85 -46.49
CA TYR D 210 -22.15 -6.67 -46.89
C TYR D 210 -21.41 -6.30 -45.64
N SER D 211 -20.17 -5.85 -45.80
CA SER D 211 -19.38 -5.41 -44.66
C SER D 211 -18.55 -4.18 -44.99
N VAL D 212 -18.38 -3.33 -43.99
CA VAL D 212 -17.54 -2.15 -44.05
C VAL D 212 -16.35 -2.45 -43.09
N PRO D 213 -15.09 -2.33 -43.54
CA PRO D 213 -13.95 -2.59 -42.65
C PRO D 213 -14.01 -1.73 -41.38
N PRO D 214 -13.68 -2.28 -40.17
CA PRO D 214 -13.70 -1.46 -38.95
C PRO D 214 -12.98 -0.10 -39.04
N GLU D 215 -11.91 -0.01 -39.84
CA GLU D 215 -11.15 1.25 -40.00
C GLU D 215 -11.93 2.33 -40.78
N HIS D 216 -13.07 1.96 -41.40
CA HIS D 216 -13.91 2.88 -42.15
C HIS D 216 -15.32 3.03 -41.57
N GLY D 217 -15.58 2.40 -40.43
CA GLY D 217 -16.86 2.41 -39.75
C GLY D 217 -17.35 3.80 -39.37
N LYS D 218 -16.43 4.69 -38.93
CA LYS D 218 -16.76 6.07 -38.55
C LYS D 218 -17.27 6.86 -39.73
N ARG D 219 -16.81 6.52 -40.94
CA ARG D 219 -17.25 7.13 -42.20
C ARG D 219 -18.68 6.70 -42.50
N LEU D 220 -19.06 5.42 -42.20
CA LEU D 220 -20.43 4.96 -42.40
C LEU D 220 -21.34 5.70 -41.44
N GLU D 221 -20.95 5.81 -40.17
CA GLU D 221 -21.71 6.50 -39.11
C GLU D 221 -21.95 7.96 -39.48
N ARG D 222 -20.93 8.65 -40.03
CA ARG D 222 -21.03 10.06 -40.44
C ARG D 222 -22.02 10.19 -41.59
N LEU D 223 -21.96 9.25 -42.52
CA LEU D 223 -22.89 9.19 -43.64
C LEU D 223 -24.33 9.04 -43.12
N ALA D 224 -24.56 8.00 -42.27
CA ALA D 224 -25.87 7.72 -41.70
C ALA D 224 -26.42 8.88 -40.90
N LYS D 225 -25.54 9.59 -40.14
CA LYS D 225 -25.95 10.77 -39.36
C LYS D 225 -26.43 11.88 -40.27
N GLY D 226 -25.72 12.08 -41.38
CA GLY D 226 -26.06 13.07 -42.39
C GLY D 226 -27.40 12.81 -43.05
N PHE D 227 -27.72 11.52 -43.30
CA PHE D 227 -28.97 11.09 -43.94
C PHE D 227 -30.17 11.06 -43.05
N PHE D 228 -29.99 10.68 -41.78
CA PHE D 228 -31.07 10.61 -40.80
C PHE D 228 -30.72 11.49 -39.61
N PRO D 229 -30.73 12.85 -39.78
CA PRO D 229 -30.34 13.74 -38.67
C PRO D 229 -31.31 13.81 -37.49
N GLY D 230 -32.57 13.46 -37.74
CA GLY D 230 -33.60 13.42 -36.70
C GLY D 230 -33.30 12.27 -35.75
N SER D 231 -33.03 11.07 -36.32
CA SER D 231 -32.67 9.85 -35.58
C SER D 231 -31.38 10.02 -34.78
N ALA D 232 -30.36 10.70 -35.39
CA ALA D 232 -29.06 11.00 -34.79
C ALA D 232 -29.16 11.95 -33.60
N GLN D 233 -30.12 12.91 -33.63
CA GLN D 233 -30.35 13.85 -32.53
C GLN D 233 -31.00 13.14 -31.34
N SER D 234 -31.93 12.21 -31.62
CA SER D 234 -32.66 11.43 -30.61
C SER D 234 -31.79 10.37 -29.92
N CYS D 235 -30.82 9.79 -30.65
CA CYS D 235 -29.93 8.75 -30.14
C CYS D 235 -28.58 8.82 -30.86
N GLU D 236 -27.46 8.86 -30.11
CA GLU D 236 -26.12 8.90 -30.69
C GLU D 236 -25.81 7.63 -31.48
N ALA D 237 -26.18 6.47 -30.93
CA ALA D 237 -25.94 5.17 -31.54
C ALA D 237 -27.22 4.59 -32.20
N PHE D 238 -27.95 5.42 -32.99
CA PHE D 238 -29.19 4.98 -33.65
C PHE D 238 -29.02 3.78 -34.61
N LEU D 239 -27.79 3.54 -35.14
CA LEU D 239 -27.58 2.37 -35.99
C LEU D 239 -27.77 1.07 -35.20
N ARG D 240 -27.62 1.14 -33.86
CA ARG D 240 -27.86 0.01 -32.93
C ARG D 240 -29.33 -0.44 -32.89
N HIS D 241 -30.27 0.43 -33.35
CA HIS D 241 -31.69 0.10 -33.45
C HIS D 241 -31.90 -0.94 -34.54
N LYS D 242 -30.89 -1.14 -35.45
CA LYS D 242 -30.91 -2.11 -36.56
C LYS D 242 -32.12 -1.89 -37.48
N MET D 243 -32.35 -0.63 -37.86
CA MET D 243 -33.46 -0.23 -38.73
C MET D 243 -32.96 0.44 -40.03
N THR D 244 -31.66 0.70 -40.15
CA THR D 244 -31.13 1.48 -41.28
C THR D 244 -30.53 0.62 -42.37
N LEU D 245 -31.14 0.71 -43.58
CA LEU D 245 -30.70 -0.01 -44.78
C LEU D 245 -30.17 1.02 -45.76
N ILE D 246 -28.93 0.77 -46.23
CA ILE D 246 -28.20 1.63 -47.16
C ILE D 246 -27.71 0.72 -48.28
N SER D 247 -28.15 0.95 -49.53
CA SER D 247 -27.74 0.10 -50.66
C SER D 247 -26.23 0.18 -51.03
N PRO D 248 -25.62 -0.86 -51.69
CA PRO D 248 -24.20 -0.74 -52.14
C PRO D 248 -23.91 0.45 -53.08
N LEU D 249 -24.89 0.84 -53.87
CA LEU D 249 -24.81 1.98 -54.77
C LEU D 249 -24.62 3.28 -54.01
N MET D 250 -25.35 3.43 -52.90
CA MET D 250 -25.30 4.61 -52.02
C MET D 250 -23.95 4.68 -51.31
N LEU D 251 -23.39 3.53 -50.85
CA LEU D 251 -22.05 3.50 -50.25
C LEU D 251 -20.96 3.84 -51.28
N LYS D 252 -21.10 3.32 -52.51
CA LYS D 252 -20.14 3.56 -53.59
C LYS D 252 -20.17 5.04 -53.94
N LYS D 253 -21.38 5.65 -54.01
CA LYS D 253 -21.58 7.07 -54.31
C LYS D 253 -20.83 7.97 -53.29
N TYR D 254 -20.86 7.59 -52.01
CA TYR D 254 -20.24 8.38 -50.95
C TYR D 254 -18.86 7.89 -50.50
N GLY D 255 -18.22 7.09 -51.34
CA GLY D 255 -16.88 6.60 -51.10
C GLY D 255 -16.68 5.72 -49.88
N ILE D 256 -17.71 5.03 -49.40
CA ILE D 256 -17.57 4.12 -48.26
C ILE D 256 -17.03 2.76 -48.78
N PRO D 257 -15.79 2.35 -48.40
CA PRO D 257 -15.29 1.03 -48.89
C PRO D 257 -16.08 -0.09 -48.26
N PHE D 258 -16.42 -1.10 -49.06
CA PHE D 258 -17.19 -2.23 -48.55
C PHE D 258 -16.86 -3.47 -49.35
N ASP D 259 -17.28 -4.62 -48.87
CA ASP D 259 -17.15 -5.88 -49.60
C ASP D 259 -18.41 -6.68 -49.39
N LYS D 260 -18.64 -7.66 -50.24
CA LYS D 260 -19.80 -8.56 -50.15
C LYS D 260 -19.38 -9.99 -50.29
N VAL D 261 -20.16 -10.89 -49.69
CA VAL D 261 -19.96 -12.33 -49.71
C VAL D 261 -21.31 -13.03 -49.52
N THR D 262 -21.45 -14.21 -50.12
CA THR D 262 -22.63 -15.05 -49.99
C THR D 262 -22.27 -16.26 -49.14
N GLN D 263 -23.03 -16.46 -48.07
CA GLN D 263 -22.89 -17.58 -47.16
C GLN D 263 -23.86 -18.67 -47.58
N GLU D 264 -23.35 -19.88 -47.80
CA GLU D 264 -24.18 -21.00 -48.20
C GLU D 264 -24.35 -21.97 -47.04
N ALA D 265 -25.35 -22.86 -47.14
CA ALA D 265 -25.63 -23.82 -46.08
C ALA D 265 -24.36 -24.62 -45.74
N GLY D 266 -24.09 -24.71 -44.44
CA GLY D 266 -22.94 -25.41 -43.92
C GLY D 266 -21.70 -24.57 -43.71
N GLU D 267 -21.81 -23.23 -43.87
CA GLU D 267 -20.66 -22.33 -43.69
C GLU D 267 -20.86 -21.40 -42.52
N PHE D 268 -19.75 -20.96 -41.93
CA PHE D 268 -19.70 -20.01 -40.82
C PHE D 268 -19.29 -18.64 -41.30
N MET D 269 -19.84 -17.60 -40.69
CA MET D 269 -19.40 -16.21 -40.92
C MET D 269 -18.98 -15.70 -39.55
N ILE D 270 -17.81 -15.02 -39.49
CA ILE D 270 -17.30 -14.40 -38.27
C ILE D 270 -17.32 -12.89 -38.52
N THR D 271 -17.90 -12.13 -37.60
CA THR D 271 -17.88 -10.65 -37.65
C THR D 271 -16.92 -10.26 -36.53
N PHE D 272 -16.13 -9.24 -36.79
CA PHE D 272 -15.10 -8.76 -35.90
C PHE D 272 -15.51 -7.47 -35.19
N PRO D 273 -14.90 -7.15 -34.03
CA PRO D 273 -15.29 -5.92 -33.31
C PRO D 273 -15.32 -4.70 -34.20
N TYR D 274 -16.43 -3.96 -34.13
CA TYR D 274 -16.70 -2.72 -34.85
C TYR D 274 -16.78 -2.92 -36.39
N GLY D 275 -17.05 -4.16 -36.82
CA GLY D 275 -17.29 -4.44 -38.23
C GLY D 275 -18.76 -4.28 -38.54
N TYR D 276 -19.14 -3.20 -39.26
CA TYR D 276 -20.52 -2.98 -39.68
C TYR D 276 -20.92 -3.97 -40.77
N HIS D 277 -22.06 -4.61 -40.60
CA HIS D 277 -22.58 -5.57 -41.58
C HIS D 277 -24.06 -5.41 -41.76
N ALA D 278 -24.56 -5.89 -42.89
CA ALA D 278 -25.96 -5.88 -43.32
C ALA D 278 -26.08 -7.00 -44.33
N GLY D 279 -27.28 -7.39 -44.67
CA GLY D 279 -27.48 -8.40 -45.70
C GLY D 279 -28.91 -8.88 -45.76
N PHE D 280 -29.13 -9.95 -46.54
CA PHE D 280 -30.45 -10.52 -46.75
C PHE D 280 -30.40 -12.02 -47.04
N ASN D 281 -31.55 -12.67 -46.79
CA ASN D 281 -31.76 -14.08 -47.06
C ASN D 281 -32.28 -14.30 -48.46
N HIS D 282 -31.74 -15.33 -49.15
CA HIS D 282 -32.18 -15.70 -50.53
C HIS D 282 -33.48 -16.46 -50.52
N GLY D 283 -33.79 -17.11 -49.42
CA GLY D 283 -35.02 -17.89 -49.35
C GLY D 283 -35.15 -18.56 -48.01
N PHE D 284 -35.94 -19.62 -47.95
CA PHE D 284 -36.16 -20.34 -46.70
C PHE D 284 -34.86 -20.94 -46.19
N ASN D 285 -34.48 -20.55 -44.95
CA ASN D 285 -33.26 -21.05 -44.35
C ASN D 285 -33.27 -20.95 -42.84
N CYS D 286 -32.22 -21.46 -42.20
CA CYS D 286 -32.05 -21.40 -40.75
C CYS D 286 -30.59 -21.19 -40.38
N ALA D 287 -30.31 -20.09 -39.63
CA ALA D 287 -28.99 -19.72 -39.11
C ALA D 287 -28.95 -19.73 -37.60
N GLU D 288 -27.79 -20.03 -37.02
CA GLU D 288 -27.58 -19.95 -35.58
C GLU D 288 -26.47 -18.91 -35.31
N SER D 289 -26.67 -18.08 -34.27
CA SER D 289 -25.75 -17.00 -33.93
C SER D 289 -25.57 -16.81 -32.47
N THR D 290 -24.41 -16.22 -32.11
CA THR D 290 -24.03 -15.78 -30.77
C THR D 290 -22.88 -14.80 -30.88
N ASN D 291 -22.56 -14.16 -29.75
CA ASN D 291 -21.44 -13.25 -29.66
C ASN D 291 -20.36 -13.96 -28.92
N PHE D 292 -19.11 -13.53 -29.11
CA PHE D 292 -17.96 -14.05 -28.39
C PHE D 292 -16.91 -12.95 -28.31
N ALA D 293 -15.83 -13.18 -27.57
CA ALA D 293 -14.77 -12.19 -27.41
C ALA D 293 -13.37 -12.81 -27.42
N THR D 294 -12.37 -11.97 -27.55
CA THR D 294 -10.95 -12.31 -27.46
C THR D 294 -10.39 -11.18 -26.60
N ARG D 295 -9.10 -11.26 -26.19
CA ARG D 295 -8.41 -10.22 -25.43
C ARG D 295 -8.48 -8.84 -26.15
N ARG D 296 -8.52 -8.83 -27.50
CA ARG D 296 -8.57 -7.62 -28.35
C ARG D 296 -9.88 -6.84 -28.15
N TRP D 297 -10.99 -7.56 -27.93
CA TRP D 297 -12.30 -6.95 -27.72
C TRP D 297 -12.39 -6.03 -26.53
N ILE D 298 -11.63 -6.28 -25.46
CA ILE D 298 -11.73 -5.53 -24.19
C ILE D 298 -11.69 -4.00 -24.43
N GLU D 299 -10.79 -3.51 -25.26
CA GLU D 299 -10.69 -2.09 -25.57
C GLU D 299 -11.93 -1.57 -26.30
N TYR D 300 -12.48 -2.38 -27.24
CA TYR D 300 -13.69 -2.10 -27.99
C TYR D 300 -14.88 -2.00 -27.04
N GLY D 301 -14.99 -2.93 -26.09
CA GLY D 301 -16.07 -2.95 -25.10
C GLY D 301 -16.09 -1.71 -24.23
N LYS D 302 -14.88 -1.24 -23.85
CA LYS D 302 -14.66 -0.04 -23.05
C LYS D 302 -15.03 1.24 -23.82
N GLN D 303 -14.79 1.27 -25.13
CA GLN D 303 -14.99 2.46 -25.96
C GLN D 303 -16.28 2.51 -26.76
N ALA D 304 -17.08 1.41 -26.75
CA ALA D 304 -18.34 1.32 -27.50
C ALA D 304 -19.34 2.43 -27.17
N VAL D 305 -19.89 3.09 -28.20
CA VAL D 305 -20.93 4.11 -28.05
C VAL D 305 -22.23 3.33 -28.05
N LEU D 306 -23.03 3.46 -26.98
CA LEU D 306 -24.25 2.67 -26.79
C LEU D 306 -25.53 3.46 -27.00
N CYS D 307 -26.64 2.73 -27.29
CA CYS D 307 -27.96 3.32 -27.50
C CYS D 307 -28.41 4.02 -26.22
N SER D 308 -28.65 5.33 -26.34
CA SER D 308 -29.04 6.22 -25.25
C SER D 308 -30.56 6.39 -25.07
N CYS D 309 -31.39 5.91 -26.03
CA CYS D 309 -32.83 6.14 -25.98
C CYS D 309 -33.68 4.93 -25.51
N ARG D 310 -33.09 3.73 -25.38
CA ARG D 310 -33.85 2.54 -24.96
C ARG D 310 -33.35 1.94 -23.62
N LYS D 311 -34.32 1.53 -22.75
CA LYS D 311 -34.05 0.89 -21.45
C LYS D 311 -33.70 -0.60 -21.64
N ASP D 312 -34.20 -1.19 -22.75
CA ASP D 312 -34.02 -2.58 -23.16
C ASP D 312 -32.77 -2.86 -24.02
N MET D 313 -31.74 -1.97 -23.99
CA MET D 313 -30.50 -2.15 -24.77
C MET D 313 -29.48 -3.04 -24.04
N VAL D 314 -28.69 -3.83 -24.80
CA VAL D 314 -27.65 -4.72 -24.24
C VAL D 314 -26.41 -3.95 -23.81
N LYS D 315 -26.12 -3.96 -22.50
CA LYS D 315 -24.98 -3.30 -21.88
C LYS D 315 -24.26 -4.31 -20.98
N ILE D 316 -22.93 -4.42 -21.12
CA ILE D 316 -22.09 -5.31 -20.33
C ILE D 316 -21.18 -4.42 -19.50
N SER D 317 -21.03 -4.74 -18.19
CA SER D 317 -20.13 -4.03 -17.29
C SER D 317 -18.73 -4.49 -17.65
N MET D 318 -17.86 -3.54 -18.02
CA MET D 318 -16.49 -3.84 -18.46
C MET D 318 -15.52 -4.14 -17.31
N ASP D 319 -15.89 -3.74 -16.07
CA ASP D 319 -15.11 -3.88 -14.84
C ASP D 319 -14.37 -5.22 -14.71
N VAL D 320 -15.11 -6.34 -14.84
CA VAL D 320 -14.61 -7.72 -14.75
C VAL D 320 -13.43 -8.01 -15.71
N PHE D 321 -13.51 -7.53 -16.97
CA PHE D 321 -12.47 -7.77 -17.98
C PHE D 321 -11.25 -6.91 -17.71
N VAL D 322 -11.47 -5.63 -17.34
CA VAL D 322 -10.40 -4.67 -17.04
C VAL D 322 -9.61 -5.16 -15.83
N ARG D 323 -10.31 -5.58 -14.74
CA ARG D 323 -9.65 -6.12 -13.55
C ARG D 323 -8.75 -7.32 -13.89
N LYS D 324 -9.24 -8.26 -14.72
CA LYS D 324 -8.54 -9.49 -15.07
C LYS D 324 -7.42 -9.34 -16.12
N PHE D 325 -7.67 -8.56 -17.20
CA PHE D 325 -6.73 -8.46 -18.33
C PHE D 325 -5.95 -7.16 -18.43
N GLN D 326 -6.40 -6.10 -17.74
CA GLN D 326 -5.71 -4.81 -17.71
C GLN D 326 -5.64 -4.32 -16.25
N PRO D 327 -5.13 -5.13 -15.27
CA PRO D 327 -5.16 -4.68 -13.86
C PRO D 327 -4.45 -3.36 -13.63
N GLU D 328 -3.36 -3.11 -14.38
CA GLU D 328 -2.53 -1.90 -14.31
C GLU D 328 -3.28 -0.63 -14.73
N ARG D 329 -4.29 -0.77 -15.63
CA ARG D 329 -5.07 0.35 -16.15
C ARG D 329 -6.41 0.55 -15.45
N TYR D 330 -6.76 -0.33 -14.49
CA TYR D 330 -8.05 -0.29 -13.78
C TYR D 330 -8.36 1.06 -13.11
N LYS D 331 -7.41 1.60 -12.30
CA LYS D 331 -7.58 2.88 -11.60
C LYS D 331 -7.74 4.04 -12.59
N LEU D 332 -6.87 4.09 -13.61
CA LEU D 332 -6.87 5.09 -14.68
C LEU D 332 -8.20 5.12 -15.44
N TRP D 333 -8.74 3.93 -15.79
CA TRP D 333 -9.98 3.77 -16.54
C TRP D 333 -11.22 4.16 -15.73
N LYS D 334 -11.29 3.75 -14.44
CA LYS D 334 -12.41 4.09 -13.56
C LYS D 334 -12.47 5.60 -13.26
N ALA D 335 -11.28 6.29 -13.31
CA ALA D 335 -11.12 7.73 -13.11
C ALA D 335 -11.43 8.54 -14.40
N GLY D 336 -11.59 7.82 -15.52
CA GLY D 336 -11.88 8.40 -16.82
C GLY D 336 -10.66 8.91 -17.56
N LYS D 337 -9.44 8.54 -17.08
CA LYS D 337 -8.15 8.96 -17.64
C LYS D 337 -7.56 7.98 -18.67
N ASP D 338 -8.27 6.89 -18.99
CA ASP D 338 -7.77 5.94 -20.00
C ASP D 338 -8.09 6.50 -21.38
N ASN D 339 -7.05 6.97 -22.09
CA ASN D 339 -7.15 7.59 -23.42
C ASN D 339 -6.56 6.72 -24.56
N THR D 340 -6.63 5.39 -24.39
CA THR D 340 -6.16 4.41 -25.38
C THR D 340 -6.87 4.63 -26.73
N VAL D 341 -6.10 4.61 -27.81
CA VAL D 341 -6.61 4.75 -29.17
C VAL D 341 -6.53 3.35 -29.81
N ILE D 342 -7.67 2.85 -30.29
CA ILE D 342 -7.72 1.54 -30.92
C ILE D 342 -7.13 1.56 -32.34
N ASP D 343 -6.16 0.66 -32.62
CA ASP D 343 -5.62 0.45 -33.96
C ASP D 343 -6.37 -0.77 -34.50
N HIS D 344 -7.26 -0.56 -35.47
CA HIS D 344 -8.10 -1.63 -36.03
C HIS D 344 -7.33 -2.68 -36.84
N THR D 345 -6.09 -2.38 -37.23
CA THR D 345 -5.31 -3.31 -38.08
C THR D 345 -4.55 -4.37 -37.26
N LEU D 346 -4.34 -4.11 -35.96
CA LEU D 346 -3.60 -5.00 -35.08
C LEU D 346 -4.33 -6.31 -34.76
N PRO D 347 -3.63 -7.47 -34.83
CA PRO D 347 -4.29 -8.73 -34.47
C PRO D 347 -4.39 -8.87 -32.94
N THR D 348 -5.21 -9.82 -32.49
CA THR D 348 -5.41 -10.14 -31.08
C THR D 348 -4.07 -10.68 -30.49
N PRO D 349 -3.72 -10.37 -29.20
CA PRO D 349 -2.45 -10.88 -28.63
C PRO D 349 -2.22 -12.39 -28.73
N GLU D 350 -3.31 -13.19 -28.73
CA GLU D 350 -3.32 -14.66 -28.85
C GLU D 350 -2.73 -15.17 -30.19
N ALA D 351 -2.63 -14.29 -31.19
CA ALA D 351 -2.10 -14.61 -32.52
C ALA D 351 -0.56 -14.69 -32.52
N ALA D 352 0.12 -14.19 -31.46
CA ALA D 352 1.59 -14.16 -31.30
C ALA D 352 2.31 -15.44 -31.76
N GLU D 353 1.73 -16.62 -31.45
CA GLU D 353 2.26 -17.94 -31.83
C GLU D 353 2.33 -18.18 -33.35
N PHE D 354 1.50 -17.46 -34.12
CA PHE D 354 1.43 -17.54 -35.59
C PHE D 354 2.23 -16.41 -36.28
N LEU D 355 2.73 -15.44 -35.48
CA LEU D 355 3.46 -14.27 -35.96
C LEU D 355 4.92 -14.29 -35.54
#